data_9KCJ
#
_entry.id   9KCJ
#
_cell.length_a   1.00
_cell.length_b   1.00
_cell.length_c   1.00
_cell.angle_alpha   90.00
_cell.angle_beta   90.00
_cell.angle_gamma   90.00
#
_symmetry.space_group_name_H-M   'P 1'
#
loop_
_entity.id
_entity.type
_entity.pdbx_description
1 polymer 'Sodium/potassium-transporting ATPase subunit alpha-1'
2 polymer 'Sodium/potassium-transporting ATPase subunit beta-3'
3 polymer 'FXYD domain-containing ion transport regulator 5'
4 non-polymer 'PHOSPHOMETHYLPHOSPHONIC ACID ADENYLATE ESTER'
5 non-polymer 1,2-DIOLEOYL-SN-GLYCERO-3-PHOSPHOCHOLINE
6 non-polymer 'SODIUM ION'
7 non-polymer CHOLESTEROL
8 non-polymer 1,2-DIACYL-SN-GLYCERO-3-PHOSPHOCHOLINE
9 water water
#
loop_
_entity_poly.entity_id
_entity_poly.type
_entity_poly.pdbx_seq_one_letter_code
_entity_poly.pdbx_strand_id
1 'polypeptide(L)'
;VSMDDHKLSLDELHRKYGTDLSRGLTSARAAEILARDGPNALTPPPTTPEWIKFCRQLFGGFSMLLWIGAILCFLAYSIQ
AATEEEPQNDNLYLGVVLSAVVIITGCFSYYQEAKSSKIMESFKNMVPQQALVIRNGEKMSINAEEVVVGDLVEVKGGDR
IPADLRIISANGCKVDNSSLTGESEPQTRSPDFTNENPLETRNIAFFSTNCVEGTARGIVVYTGDRTVMGRIATLASGLE
GGQTPIAAEIEHFIHIITGVAVFLGVSFFILSLILEYTWLEAVIFLIGIIVANVPEGLLATVTVCLTLTAKRMARKNCLV
KNLEAVETLGSTSTICSDKTGTLTQNRMTVAHMWFDNQIHEADTTENQSGVSFDKTSATWLALSRIAGLCNRAVFQANQE
NLPILKRAVAGDASESALLKCIELCCGSVKEMRERYAKIVEIPFNSTNKYQLSIHKNPNTSEPQHLLVMKGAPERILDRC
SSILLHGKEQPLDEELKDAFQNAYLELGGLGERVLGFCHLFLPDEQFPEGFQFDTDDVNFPIDNLCFVGLISMIDPPRAA
VPDAVGKCRSAGIKVIMVTGDHPITAKAIAKGVGIISEGNETVEDIAARLNIPVSQVNPRDAKACVVHGSDLKDMTSEQL
DDILKYHTEIVFARTSPQQKLIIVEGCQRQGAIVAVTGDGVNDSPALKKADIGVAMGIAGSDVSKQAADMILLDDNFASI
VTGVEEGRLIFDNLKKSIAYTLTSNIPEITPFLIFIIANIPLPLGTVTILCIDLGTDMVPAISLAYEQAESDIMKRQPRN
PKTDKLVNERLISMAYGQIGMIQALGGFFTYFVILAENGFLPIHLLGLRVDWDDRWINDVEDSYGQQWTYEQRKIVEFTC
HTAFFVSIVVVQWADLVICKTRRNSVFQQGMKNKILIFGLFEETALAAFLSYCPGMGVALRMYPLKPTWWFCAFPYSLLI
FVYDKVRKLIIRRRPGGWVEKETYY
;
A
2 'polypeptide(L)'
;MTKNEKKSLNQSLAEWKLFIYNPTTGEFLGRTAKSWGLILLFYLVFYGFLAALFSFTMWVMLQTLNDEVPKYRDQIPSPG
LMVFPKPVTALEYTFSRSDPTSYAGYIEDLKKFLKPYTLEEQKNLTVCPDGALFEQKGPVYVACQFPISLLQACSGMNDP
DFGYSQGNPCILVKMNRIIGLKPEGVPRIDCVSKNEDIPNVAVYPHNGMIDLKYFPYYGKKLHVGYLQPLVAVQVSFAPN
NTGKEVTVECKIDGSANLKSQDDRDKFLGRVMFKITARA
;
B
3 'polypeptide(L)'
;MSPSGRLCLLTIVGLILPTRGQTLKDTTSSSSADSTIMDIQVPTRAPDAVYTELQPTSPTPTWPADETPQPQTQTQQLEG
TDGPLVTDPETHKSTKAAHPTDDTTTLSERPSPSTDVQTDPQTLKPSGFHEDDPFFYDEHTLRKRGLLVAAVLFITGIII
LTSGKCRQLSRLCRNRCR
;
C
#
# COMPACT_ATOMS: atom_id res chain seq x y z
N VAL A 1 15.35 32.81 -31.98
CA VAL A 1 14.18 33.57 -32.43
C VAL A 1 13.63 34.40 -31.27
N SER A 2 13.79 35.71 -31.36
CA SER A 2 13.30 36.63 -30.32
C SER A 2 12.77 37.89 -31.02
N MET A 3 11.47 37.90 -31.30
CA MET A 3 10.79 39.06 -31.86
C MET A 3 9.51 39.29 -31.07
N ASP A 4 9.29 40.54 -30.67
CA ASP A 4 8.15 40.89 -29.83
C ASP A 4 7.75 42.33 -30.12
N ASP A 5 6.78 42.83 -29.34
CA ASP A 5 6.32 44.20 -29.42
C ASP A 5 6.62 44.98 -28.15
N HIS A 6 7.62 44.55 -27.38
CA HIS A 6 7.93 45.20 -26.11
C HIS A 6 8.37 46.64 -26.31
N LYS A 7 9.22 46.88 -27.31
CA LYS A 7 9.71 48.22 -27.61
C LYS A 7 8.76 49.02 -28.48
N LEU A 8 7.71 48.40 -29.02
CA LEU A 8 6.79 49.11 -29.89
C LEU A 8 5.89 50.04 -29.08
N SER A 9 5.56 51.18 -29.67
CA SER A 9 4.78 52.20 -28.99
C SER A 9 3.30 51.81 -28.95
N LEU A 10 2.54 52.57 -28.14
CA LEU A 10 1.11 52.29 -27.99
C LEU A 10 0.33 52.76 -29.22
N ASP A 11 0.82 53.76 -29.94
CA ASP A 11 0.10 54.29 -31.08
C ASP A 11 -0.07 53.23 -32.17
N GLU A 12 0.98 52.47 -32.46
CA GLU A 12 0.91 51.46 -33.51
C GLU A 12 0.11 50.23 -33.08
N LEU A 13 -0.08 50.04 -31.77
CA LEU A 13 -0.80 48.86 -31.30
C LEU A 13 -2.24 48.86 -31.82
N HIS A 14 -2.90 50.01 -31.80
CA HIS A 14 -4.23 50.10 -32.39
C HIS A 14 -4.19 49.86 -33.88
N ARG A 15 -3.15 50.35 -34.56
CA ARG A 15 -3.05 50.17 -36.01
C ARG A 15 -2.65 48.74 -36.37
N LYS A 16 -1.73 48.15 -35.59
CA LYS A 16 -1.22 46.82 -35.93
C LYS A 16 -2.28 45.75 -35.75
N TYR A 17 -2.96 45.74 -34.60
CA TYR A 17 -3.94 44.71 -34.31
C TYR A 17 -5.37 45.11 -34.66
N GLY A 18 -5.61 46.37 -35.01
CA GLY A 18 -6.94 46.81 -35.37
C GLY A 18 -7.95 46.69 -34.25
N THR A 19 -7.53 46.90 -33.00
CA THR A 19 -8.41 46.79 -31.85
C THR A 19 -8.27 48.03 -30.97
N ASP A 20 -9.38 48.47 -30.40
CA ASP A 20 -9.35 49.63 -29.51
C ASP A 20 -8.61 49.28 -28.22
N LEU A 21 -7.86 50.25 -27.70
CA LEU A 21 -7.10 50.02 -26.47
C LEU A 21 -8.01 49.87 -25.27
N SER A 22 -9.15 50.58 -25.26
CA SER A 22 -10.08 50.54 -24.13
C SER A 22 -11.24 49.58 -24.38
N ARG A 23 -11.96 49.76 -25.50
CA ARG A 23 -13.11 48.92 -25.77
C ARG A 23 -12.69 47.52 -26.21
N GLY A 24 -11.66 47.42 -27.04
CA GLY A 24 -11.22 46.14 -27.55
C GLY A 24 -12.03 45.68 -28.75
N LEU A 25 -11.66 44.51 -29.25
CA LEU A 25 -12.33 43.93 -30.40
C LEU A 25 -13.74 43.48 -30.04
N THR A 26 -14.60 43.40 -31.04
CA THR A 26 -15.98 42.98 -30.86
C THR A 26 -16.08 41.46 -30.89
N SER A 27 -17.29 40.97 -30.60
CA SER A 27 -17.53 39.53 -30.61
C SER A 27 -17.33 38.93 -31.99
N ALA A 28 -17.76 39.65 -33.04
CA ALA A 28 -17.57 39.14 -34.40
C ALA A 28 -16.09 39.03 -34.73
N ARG A 29 -15.30 40.04 -34.39
CA ARG A 29 -13.86 39.98 -34.65
C ARG A 29 -13.22 38.85 -33.85
N ALA A 30 -13.63 38.69 -32.60
CA ALA A 30 -13.08 37.59 -31.79
C ALA A 30 -13.40 36.24 -32.40
N ALA A 31 -14.63 36.06 -32.88
CA ALA A 31 -15.01 34.80 -33.50
C ALA A 31 -14.22 34.57 -34.79
N GLU A 32 -14.03 35.63 -35.59
CA GLU A 32 -13.25 35.48 -36.82
C GLU A 32 -11.81 35.08 -36.52
N ILE A 33 -11.19 35.72 -35.52
CA ILE A 33 -9.82 35.38 -35.18
C ILE A 33 -9.72 33.96 -34.63
N LEU A 34 -10.70 33.56 -33.80
CA LEU A 34 -10.70 32.22 -33.26
C LEU A 34 -10.83 31.17 -34.36
N ALA A 35 -11.73 31.41 -35.33
CA ALA A 35 -11.86 30.50 -36.46
C ALA A 35 -10.64 30.55 -37.37
N ARG A 36 -9.86 31.63 -37.33
CA ARG A 36 -8.68 31.76 -38.17
C ARG A 36 -7.43 31.28 -37.46
N ASP A 37 -7.12 31.87 -36.29
CA ASP A 37 -5.89 31.55 -35.57
C ASP A 37 -5.99 30.30 -34.72
N GLY A 38 -7.19 29.75 -34.52
CA GLY A 38 -7.36 28.56 -33.74
C GLY A 38 -7.42 28.82 -32.25
N PRO A 39 -7.53 27.76 -31.46
CA PRO A 39 -7.66 27.91 -30.01
C PRO A 39 -6.32 28.18 -29.33
N ASN A 40 -6.40 28.59 -28.07
CA ASN A 40 -5.22 28.87 -27.26
C ASN A 40 -4.89 27.66 -26.39
N ALA A 41 -4.33 26.64 -27.03
CA ALA A 41 -3.94 25.42 -26.36
C ALA A 41 -2.64 24.89 -26.93
N LEU A 42 -1.69 24.58 -26.05
CA LEU A 42 -0.46 23.93 -26.49
C LEU A 42 -0.74 22.51 -26.93
N THR A 43 -0.02 22.05 -27.94
CA THR A 43 -0.21 20.70 -28.46
C THR A 43 0.21 19.68 -27.41
N PRO A 44 -0.66 18.75 -27.03
CA PRO A 44 -0.30 17.76 -26.01
C PRO A 44 0.78 16.81 -26.52
N PRO A 45 1.94 16.79 -25.87
CA PRO A 45 3.03 15.92 -26.33
C PRO A 45 2.81 14.50 -25.87
N PRO A 46 2.88 13.53 -26.79
CA PRO A 46 2.79 12.12 -26.38
C PRO A 46 4.06 11.67 -25.66
N THR A 47 3.98 11.47 -24.34
CA THR A 47 5.17 11.16 -23.56
C THR A 47 5.69 9.77 -23.90
N THR A 48 4.90 8.74 -23.63
CA THR A 48 5.30 7.36 -23.90
C THR A 48 4.12 6.59 -24.47
N PRO A 49 4.36 5.68 -25.41
CA PRO A 49 3.27 4.85 -25.93
C PRO A 49 2.83 3.80 -24.92
N GLU A 50 1.82 2.99 -25.27
CA GLU A 50 1.32 1.99 -24.35
C GLU A 50 2.33 0.87 -24.09
N TRP A 51 3.10 0.49 -25.12
CA TRP A 51 4.05 -0.60 -24.94
C TRP A 51 5.20 -0.24 -24.01
N ILE A 52 5.50 1.06 -23.86
CA ILE A 52 6.55 1.45 -22.93
C ILE A 52 6.13 1.17 -21.49
N LYS A 53 4.90 1.53 -21.14
CA LYS A 53 4.44 1.35 -19.76
C LYS A 53 4.20 -0.12 -19.44
N PHE A 54 3.71 -0.89 -20.42
CA PHE A 54 3.48 -2.31 -20.19
C PHE A 54 4.79 -3.04 -19.91
N CYS A 55 5.85 -2.74 -20.67
CA CYS A 55 7.15 -3.31 -20.37
C CYS A 55 7.68 -2.86 -19.03
N ARG A 56 7.40 -1.61 -18.64
CA ARG A 56 7.82 -1.14 -17.33
C ARG A 56 7.14 -1.93 -16.21
N GLN A 57 5.85 -2.23 -16.38
CA GLN A 57 5.16 -3.08 -15.41
C GLN A 57 5.73 -4.49 -15.40
N LEU A 58 6.04 -5.03 -16.59
CA LEU A 58 6.56 -6.39 -16.67
C LEU A 58 7.92 -6.51 -15.99
N PHE A 59 8.78 -5.52 -16.17
CA PHE A 59 10.15 -5.57 -15.65
C PHE A 59 10.35 -4.65 -14.46
N GLY A 60 9.32 -4.48 -13.64
CA GLY A 60 9.40 -3.62 -12.46
C GLY A 60 9.18 -4.42 -11.19
N GLY A 61 9.88 -4.02 -10.13
CA GLY A 61 9.74 -4.68 -8.85
C GLY A 61 10.43 -6.04 -8.83
N PHE A 62 9.84 -6.97 -8.08
CA PHE A 62 10.37 -8.33 -7.99
C PHE A 62 10.13 -9.13 -9.26
N SER A 63 9.37 -8.59 -10.22
CA SER A 63 9.14 -9.29 -11.48
C SER A 63 10.44 -9.56 -12.22
N MET A 64 11.42 -8.67 -12.11
CA MET A 64 12.73 -8.93 -12.69
C MET A 64 13.40 -10.12 -12.02
N LEU A 65 13.27 -10.22 -10.69
CA LEU A 65 13.82 -11.38 -9.98
C LEU A 65 13.14 -12.66 -10.44
N LEU A 66 11.83 -12.64 -10.65
CA LEU A 66 11.15 -13.82 -11.14
C LEU A 66 11.53 -14.15 -12.58
N TRP A 67 11.78 -13.13 -13.41
CA TRP A 67 12.32 -13.38 -14.74
C TRP A 67 13.68 -14.07 -14.67
N ILE A 68 14.54 -13.61 -13.76
CA ILE A 68 15.85 -14.26 -13.57
C ILE A 68 15.67 -15.70 -13.13
N GLY A 69 14.74 -15.94 -12.20
CA GLY A 69 14.49 -17.30 -11.76
C GLY A 69 14.01 -18.21 -12.87
N ALA A 70 13.09 -17.71 -13.71
CA ALA A 70 12.59 -18.50 -14.82
C ALA A 70 13.70 -18.79 -15.84
N ILE A 71 14.53 -17.79 -16.13
CA ILE A 71 15.63 -17.99 -17.07
C ILE A 71 16.60 -19.03 -16.53
N LEU A 72 16.91 -18.96 -15.23
CA LEU A 72 17.81 -19.95 -14.64
C LEU A 72 17.18 -21.34 -14.61
N CYS A 73 15.86 -21.43 -14.42
CA CYS A 73 15.20 -22.73 -14.49
C CYS A 73 15.29 -23.31 -15.90
N PHE A 74 15.09 -22.48 -16.92
CA PHE A 74 15.23 -22.96 -18.29
C PHE A 74 16.66 -23.39 -18.57
N LEU A 75 17.64 -22.64 -18.09
CA LEU A 75 19.04 -23.01 -18.27
C LEU A 75 19.36 -24.33 -17.56
N ALA A 76 18.83 -24.51 -16.35
CA ALA A 76 19.06 -25.76 -15.63
C ALA A 76 18.44 -26.94 -16.37
N TYR A 77 17.24 -26.76 -16.90
CA TYR A 77 16.62 -27.83 -17.68
C TYR A 77 17.43 -28.14 -18.93
N SER A 78 17.93 -27.11 -19.61
CA SER A 78 18.73 -27.34 -20.81
C SER A 78 20.00 -28.11 -20.48
N ILE A 79 20.69 -27.72 -19.41
CA ILE A 79 21.93 -28.40 -19.03
C ILE A 79 21.63 -29.84 -18.62
N GLN A 80 20.55 -30.06 -17.87
CA GLN A 80 20.20 -31.40 -17.45
C GLN A 80 19.86 -32.29 -18.64
N ALA A 81 19.10 -31.76 -19.61
CA ALA A 81 18.75 -32.53 -20.80
C ALA A 81 19.98 -32.82 -21.65
N ALA A 82 20.90 -31.87 -21.74
CA ALA A 82 22.11 -32.08 -22.52
C ALA A 82 23.04 -33.09 -21.86
N THR A 83 23.06 -33.14 -20.53
CA THR A 83 23.99 -34.02 -19.82
C THR A 83 23.43 -35.43 -19.62
N GLU A 84 22.27 -35.54 -18.96
CA GLU A 84 21.74 -36.83 -18.56
C GLU A 84 20.71 -37.34 -19.56
N GLU A 85 20.31 -38.60 -19.37
CA GLU A 85 19.21 -39.21 -20.08
C GLU A 85 17.99 -39.29 -19.18
N GLU A 86 16.80 -39.19 -19.80
CA GLU A 86 15.54 -39.11 -19.09
C GLU A 86 15.55 -37.95 -18.09
N PRO A 87 15.65 -36.70 -18.56
CA PRO A 87 15.72 -35.57 -17.64
C PRO A 87 14.37 -35.28 -16.99
N GLN A 88 14.43 -34.60 -15.86
CA GLN A 88 13.22 -34.15 -15.17
C GLN A 88 12.70 -32.86 -15.80
N ASN A 89 11.38 -32.75 -15.86
CA ASN A 89 10.71 -31.57 -16.40
C ASN A 89 10.28 -30.60 -15.30
N ASP A 90 10.74 -30.81 -14.06
CA ASP A 90 10.43 -29.88 -12.98
C ASP A 90 10.89 -28.47 -13.34
N ASN A 91 12.11 -28.33 -13.85
CA ASN A 91 12.64 -27.02 -14.17
C ASN A 91 11.85 -26.35 -15.30
N LEU A 92 11.46 -27.12 -16.31
CA LEU A 92 10.68 -26.56 -17.40
C LEU A 92 9.31 -26.08 -16.92
N TYR A 93 8.59 -26.94 -16.20
CA TYR A 93 7.27 -26.56 -15.70
C TYR A 93 7.35 -25.50 -14.61
N LEU A 94 8.52 -25.27 -14.03
CA LEU A 94 8.69 -24.18 -13.07
C LEU A 94 9.00 -22.86 -13.76
N GLY A 95 9.87 -22.89 -14.78
CA GLY A 95 10.13 -21.67 -15.53
C GLY A 95 8.90 -21.17 -16.26
N VAL A 96 8.12 -22.09 -16.85
CA VAL A 96 6.89 -21.68 -17.52
C VAL A 96 5.94 -21.03 -16.53
N VAL A 97 5.80 -21.63 -15.34
CA VAL A 97 4.90 -21.07 -14.32
C VAL A 97 5.37 -19.70 -13.88
N LEU A 98 6.67 -19.53 -13.66
CA LEU A 98 7.18 -18.22 -13.24
C LEU A 98 6.95 -17.16 -14.30
N SER A 99 7.22 -17.48 -15.56
CA SER A 99 7.01 -16.52 -16.63
C SER A 99 5.52 -16.16 -16.76
N ALA A 100 4.64 -17.16 -16.68
CA ALA A 100 3.22 -16.90 -16.77
C ALA A 100 2.73 -16.04 -15.61
N VAL A 101 3.23 -16.30 -14.41
CA VAL A 101 2.86 -15.50 -13.25
C VAL A 101 3.29 -14.05 -13.43
N VAL A 102 4.53 -13.86 -13.91
CA VAL A 102 5.02 -12.50 -14.14
C VAL A 102 4.15 -11.78 -15.17
N ILE A 103 3.82 -12.47 -16.26
CA ILE A 103 3.02 -11.84 -17.31
C ILE A 103 1.63 -11.48 -16.80
N ILE A 104 1.00 -12.39 -16.05
CA ILE A 104 -0.34 -12.12 -15.55
C ILE A 104 -0.33 -10.96 -14.56
N THR A 105 0.64 -10.95 -13.64
CA THR A 105 0.71 -9.86 -12.67
C THR A 105 0.99 -8.53 -13.36
N GLY A 106 1.87 -8.53 -14.36
CA GLY A 106 2.14 -7.31 -15.10
C GLY A 106 0.92 -6.80 -15.84
N CYS A 107 0.16 -7.71 -16.47
CA CYS A 107 -1.05 -7.31 -17.16
C CYS A 107 -2.08 -6.74 -16.19
N PHE A 108 -2.25 -7.38 -15.03
CA PHE A 108 -3.20 -6.87 -14.04
C PHE A 108 -2.79 -5.49 -13.54
N SER A 109 -1.50 -5.31 -13.23
CA SER A 109 -1.03 -4.01 -12.76
C SER A 109 -1.18 -2.95 -13.84
N TYR A 110 -0.90 -3.31 -15.10
CA TYR A 110 -1.08 -2.38 -16.19
C TYR A 110 -2.55 -1.97 -16.34
N TYR A 111 -3.46 -2.93 -16.22
CA TYR A 111 -4.89 -2.61 -16.34
C TYR A 111 -5.32 -1.68 -15.22
N GLN A 112 -4.91 -1.98 -13.98
CA GLN A 112 -5.28 -1.11 -12.86
C GLN A 112 -4.69 0.29 -13.02
N GLU A 113 -3.43 0.38 -13.45
CA GLU A 113 -2.82 1.69 -13.66
C GLU A 113 -3.47 2.45 -14.81
N ALA A 114 -3.89 1.74 -15.85
CA ALA A 114 -4.61 2.40 -16.94
C ALA A 114 -5.93 2.98 -16.45
N LYS A 115 -6.68 2.20 -15.64
CA LYS A 115 -7.91 2.72 -15.06
C LYS A 115 -7.64 3.96 -14.21
N SER A 116 -6.65 3.88 -13.33
CA SER A 116 -6.34 5.00 -12.44
C SER A 116 -5.91 6.24 -13.22
N SER A 117 -5.06 6.06 -14.23
CA SER A 117 -4.59 7.18 -15.02
C SER A 117 -5.72 7.81 -15.82
N LYS A 118 -6.62 6.99 -16.38
CA LYS A 118 -7.76 7.53 -17.10
C LYS A 118 -8.66 8.33 -16.17
N ILE A 119 -8.92 7.81 -14.97
CA ILE A 119 -9.78 8.52 -14.02
C ILE A 119 -9.13 9.84 -13.60
N MET A 120 -7.82 9.83 -13.33
CA MET A 120 -7.14 11.06 -12.96
C MET A 120 -7.14 12.07 -14.09
N GLU A 121 -6.93 11.61 -15.33
CA GLU A 121 -6.93 12.49 -16.48
C GLU A 121 -8.31 13.12 -16.69
N SER A 122 -9.38 12.36 -16.45
CA SER A 122 -10.73 12.87 -16.64
C SER A 122 -11.02 14.11 -15.80
N PHE A 123 -10.15 14.47 -14.86
CA PHE A 123 -10.34 15.66 -14.04
C PHE A 123 -9.52 16.86 -14.48
N LYS A 124 -8.44 16.64 -15.25
CA LYS A 124 -7.62 17.75 -15.70
C LYS A 124 -8.40 18.67 -16.64
N ASN A 125 -9.21 18.10 -17.51
CA ASN A 125 -10.07 18.90 -18.39
C ASN A 125 -11.38 19.30 -17.72
N MET A 126 -11.63 18.84 -16.49
CA MET A 126 -12.88 19.18 -15.82
C MET A 126 -12.90 20.64 -15.40
N VAL A 127 -11.78 21.17 -14.92
CA VAL A 127 -11.68 22.54 -14.44
C VAL A 127 -11.36 23.44 -15.63
N PRO A 128 -12.25 24.35 -16.02
CA PRO A 128 -11.92 25.27 -17.13
C PRO A 128 -11.15 26.47 -16.61
N GLN A 129 -10.04 26.78 -17.28
CA GLN A 129 -9.23 27.94 -16.90
C GLN A 129 -9.94 29.21 -17.36
N GLN A 130 -10.48 29.96 -16.41
CA GLN A 130 -11.26 31.15 -16.71
C GLN A 130 -10.37 32.39 -16.79
N ALA A 131 -10.62 33.21 -17.81
CA ALA A 131 -9.88 34.44 -18.04
C ALA A 131 -10.86 35.59 -18.25
N LEU A 132 -10.52 36.75 -17.72
CA LEU A 132 -11.35 37.95 -17.81
C LEU A 132 -10.86 38.82 -18.95
N VAL A 133 -11.70 39.00 -19.97
CA VAL A 133 -11.34 39.75 -21.17
C VAL A 133 -12.38 40.82 -21.41
N ILE A 134 -11.92 42.03 -21.75
CA ILE A 134 -12.81 43.13 -22.07
C ILE A 134 -13.12 43.08 -23.56
N ARG A 135 -14.35 42.69 -23.90
CA ARG A 135 -14.82 42.67 -25.28
C ARG A 135 -16.00 43.62 -25.41
N ASN A 136 -15.99 44.41 -26.48
CA ASN A 136 -17.04 45.40 -26.75
C ASN A 136 -17.21 46.36 -25.58
N GLY A 137 -16.13 46.63 -24.85
CA GLY A 137 -16.17 47.53 -23.72
C GLY A 137 -16.68 46.92 -22.42
N GLU A 138 -17.02 45.64 -22.41
CA GLU A 138 -17.55 44.98 -21.23
C GLU A 138 -16.68 43.78 -20.88
N LYS A 139 -16.44 43.59 -19.59
CA LYS A 139 -15.59 42.50 -19.13
C LYS A 139 -16.40 41.21 -19.00
N MET A 140 -15.88 40.12 -19.57
CA MET A 140 -16.53 38.83 -19.53
C MET A 140 -15.52 37.76 -19.15
N SER A 141 -16.00 36.72 -18.46
CA SER A 141 -15.17 35.60 -18.04
C SER A 141 -15.39 34.46 -19.03
N ILE A 142 -14.36 34.13 -19.81
CA ILE A 142 -14.45 33.07 -20.81
C ILE A 142 -13.41 32.01 -20.52
N ASN A 143 -13.38 30.96 -21.34
CA ASN A 143 -12.35 29.95 -21.21
C ASN A 143 -11.06 30.43 -21.85
N ALA A 144 -9.94 29.84 -21.40
CA ALA A 144 -8.64 30.23 -21.93
C ALA A 144 -8.47 29.91 -23.41
N GLU A 145 -9.24 28.94 -23.92
CA GLU A 145 -9.15 28.60 -25.34
C GLU A 145 -9.60 29.75 -26.22
N GLU A 146 -10.67 30.44 -25.84
CA GLU A 146 -11.28 31.46 -26.68
C GLU A 146 -10.49 32.77 -26.70
N VAL A 147 -9.49 32.93 -25.85
CA VAL A 147 -8.69 34.14 -25.87
C VAL A 147 -7.89 34.20 -27.17
N VAL A 148 -8.01 35.32 -27.88
CA VAL A 148 -7.40 35.48 -29.19
C VAL A 148 -6.44 36.67 -29.15
N VAL A 149 -5.70 36.83 -30.23
CA VAL A 149 -4.72 37.91 -30.34
C VAL A 149 -5.44 39.21 -30.65
N GLY A 150 -5.18 40.23 -29.82
CA GLY A 150 -5.72 41.55 -30.09
C GLY A 150 -6.54 42.14 -28.95
N ASP A 151 -7.32 41.31 -28.27
CA ASP A 151 -8.19 41.80 -27.21
C ASP A 151 -7.37 42.15 -25.96
N LEU A 152 -7.97 42.96 -25.10
CA LEU A 152 -7.37 43.31 -23.82
C LEU A 152 -8.00 42.46 -22.73
N VAL A 153 -7.17 42.06 -21.76
CA VAL A 153 -7.59 41.20 -20.66
C VAL A 153 -7.15 41.84 -19.35
N GLU A 154 -7.86 41.47 -18.28
CA GLU A 154 -7.55 41.94 -16.93
C GLU A 154 -6.90 40.80 -16.16
N VAL A 155 -5.74 41.06 -15.58
CA VAL A 155 -5.04 40.11 -14.73
C VAL A 155 -4.92 40.71 -13.34
N LYS A 156 -5.32 39.94 -12.33
CA LYS A 156 -5.32 40.38 -10.95
C LYS A 156 -4.61 39.35 -10.08
N GLY A 157 -4.65 39.57 -8.77
CA GLY A 157 -4.03 38.65 -7.83
C GLY A 157 -4.61 37.25 -7.89
N GLY A 158 -3.74 36.25 -8.00
CA GLY A 158 -4.17 34.88 -8.05
C GLY A 158 -4.74 34.42 -9.37
N ASP A 159 -4.64 35.23 -10.42
CA ASP A 159 -5.15 34.89 -11.73
C ASP A 159 -3.98 34.47 -12.63
N ARG A 160 -4.04 33.25 -13.15
CA ARG A 160 -3.02 32.79 -14.08
C ARG A 160 -3.11 33.59 -15.37
N ILE A 161 -1.97 34.05 -15.86
CA ILE A 161 -1.95 34.89 -17.06
C ILE A 161 -2.37 34.04 -18.26
N PRO A 162 -3.39 34.46 -19.02
CA PRO A 162 -3.92 33.58 -20.08
C PRO A 162 -2.95 33.35 -21.21
N ALA A 163 -2.28 34.40 -21.69
CA ALA A 163 -1.38 34.28 -22.83
C ALA A 163 -0.36 35.41 -22.77
N ASP A 164 0.54 35.42 -23.73
CA ASP A 164 1.55 36.48 -23.82
C ASP A 164 0.84 37.80 -24.09
N LEU A 165 0.82 38.70 -23.11
CA LEU A 165 0.10 39.95 -23.20
C LEU A 165 1.05 41.12 -22.93
N ARG A 166 0.78 42.25 -23.57
CA ARG A 166 1.55 43.47 -23.38
C ARG A 166 0.78 44.37 -22.42
N ILE A 167 1.40 44.69 -21.28
CA ILE A 167 0.75 45.51 -20.27
C ILE A 167 0.55 46.92 -20.80
N ILE A 168 -0.67 47.45 -20.67
CA ILE A 168 -0.96 48.80 -21.14
C ILE A 168 -1.34 49.69 -19.97
N SER A 169 -1.88 49.10 -18.88
CA SER A 169 -2.21 49.91 -17.70
C SER A 169 -2.23 48.99 -16.48
N ALA A 170 -1.18 49.09 -15.66
CA ALA A 170 -1.05 48.26 -14.47
C ALA A 170 -0.93 49.14 -13.23
N ASN A 171 -1.67 48.76 -12.19
CA ASN A 171 -1.55 49.40 -10.88
C ASN A 171 -1.33 48.33 -9.82
N GLY A 172 -0.22 48.47 -9.08
CA GLY A 172 0.13 47.53 -8.04
C GLY A 172 0.45 46.15 -8.54
N CYS A 173 0.60 46.00 -9.86
CA CYS A 173 0.73 44.69 -10.47
C CYS A 173 2.15 44.17 -10.30
N LYS A 174 2.28 43.02 -9.64
CA LYS A 174 3.54 42.30 -9.53
C LYS A 174 3.33 40.88 -10.03
N VAL A 175 4.24 40.41 -10.88
CA VAL A 175 4.12 39.09 -11.47
C VAL A 175 5.20 38.20 -10.87
N ASP A 176 4.93 36.90 -10.90
CA ASP A 176 5.87 35.88 -10.44
C ASP A 176 6.39 35.13 -11.66
N ASN A 177 7.69 35.25 -11.92
CA ASN A 177 8.32 34.66 -13.09
C ASN A 177 9.33 33.59 -12.68
N SER A 178 8.96 32.77 -11.69
CA SER A 178 9.83 31.68 -11.27
C SER A 178 10.03 30.65 -12.38
N SER A 179 9.07 30.54 -13.30
CA SER A 179 9.21 29.61 -14.40
C SER A 179 10.35 29.99 -15.34
N LEU A 180 10.55 31.29 -15.56
CA LEU A 180 11.58 31.77 -16.48
C LEU A 180 12.84 32.21 -15.75
N THR A 181 12.72 33.17 -14.82
CA THR A 181 13.88 33.68 -14.11
C THR A 181 14.41 32.67 -13.10
N GLY A 182 13.52 32.04 -12.33
CA GLY A 182 13.88 31.08 -11.32
C GLY A 182 13.69 31.58 -9.90
N GLU A 183 13.70 32.90 -9.71
CA GLU A 183 13.48 33.50 -8.40
C GLU A 183 12.00 33.72 -8.15
N SER A 184 11.60 33.56 -6.89
CA SER A 184 10.21 33.74 -6.49
C SER A 184 9.89 35.17 -6.09
N GLU A 185 10.84 36.08 -6.19
CA GLU A 185 10.60 37.47 -5.84
C GLU A 185 9.73 38.13 -6.90
N PRO A 186 8.59 38.72 -6.52
CA PRO A 186 7.73 39.36 -7.53
C PRO A 186 8.43 40.52 -8.21
N GLN A 187 8.12 40.69 -9.49
CA GLN A 187 8.65 41.78 -10.30
C GLN A 187 7.51 42.71 -10.68
N THR A 188 7.71 44.01 -10.47
CA THR A 188 6.68 44.99 -10.79
C THR A 188 6.54 45.14 -12.30
N ARG A 189 5.33 45.52 -12.72
CA ARG A 189 5.01 45.70 -14.13
C ARG A 189 4.50 47.12 -14.37
N SER A 190 5.04 47.78 -15.40
CA SER A 190 4.64 49.12 -15.77
C SER A 190 4.49 49.20 -17.28
N PRO A 191 3.57 50.02 -17.78
CA PRO A 191 3.42 50.16 -19.23
C PRO A 191 4.67 50.69 -19.94
N ASP A 192 5.46 51.51 -19.26
CA ASP A 192 6.61 52.13 -19.90
C ASP A 192 7.67 51.10 -20.26
N PHE A 193 8.29 51.29 -21.42
CA PHE A 193 9.35 50.42 -21.89
C PHE A 193 10.65 50.75 -21.16
N THR A 194 11.25 49.73 -20.54
CA THR A 194 12.43 49.93 -19.71
C THR A 194 13.67 49.26 -20.27
N ASN A 195 13.63 47.95 -20.53
CA ASN A 195 14.82 47.20 -20.91
C ASN A 195 14.73 46.75 -22.37
N GLU A 196 15.85 46.87 -23.07
CA GLU A 196 15.88 46.53 -24.50
C GLU A 196 15.59 45.05 -24.72
N ASN A 197 16.14 44.18 -23.87
CA ASN A 197 15.99 42.75 -24.05
C ASN A 197 14.51 42.36 -23.93
N PRO A 198 13.99 41.52 -24.83
CA PRO A 198 12.56 41.15 -24.74
C PRO A 198 12.19 40.49 -23.43
N LEU A 199 13.07 39.65 -22.88
CA LEU A 199 12.76 38.96 -21.64
C LEU A 199 12.90 39.86 -20.41
N GLU A 200 13.82 40.81 -20.45
CA GLU A 200 14.15 41.63 -19.29
C GLU A 200 13.31 42.89 -19.16
N THR A 201 12.44 43.18 -20.13
CA THR A 201 11.62 44.38 -20.05
C THR A 201 10.53 44.20 -19.00
N ARG A 202 9.86 45.31 -18.67
CA ARG A 202 8.85 45.33 -17.61
C ARG A 202 7.48 45.73 -18.12
N ASN A 203 7.21 45.55 -19.42
CA ASN A 203 5.94 45.94 -20.00
C ASN A 203 5.26 44.80 -20.76
N ILE A 204 5.60 43.55 -20.44
CA ILE A 204 5.02 42.41 -21.13
C ILE A 204 5.14 41.19 -20.24
N ALA A 205 4.17 40.28 -20.35
CA ALA A 205 4.16 39.02 -19.63
C ALA A 205 4.28 37.87 -20.62
N PHE A 206 5.01 36.83 -20.22
CA PHE A 206 5.43 35.78 -21.14
C PHE A 206 4.67 34.47 -20.92
N PHE A 207 3.41 34.56 -20.48
CA PHE A 207 2.52 33.41 -20.38
C PHE A 207 2.98 32.41 -19.32
N SER A 208 2.06 31.56 -18.86
CA SER A 208 2.32 30.51 -17.88
C SER A 208 2.78 31.05 -16.53
N THR A 209 2.68 32.35 -16.31
CA THR A 209 3.00 32.97 -15.04
C THR A 209 1.72 33.52 -14.41
N ASN A 210 1.86 34.02 -13.18
CA ASN A 210 0.73 34.49 -12.41
C ASN A 210 1.07 35.82 -11.75
N CYS A 211 0.03 36.61 -11.49
CA CYS A 211 0.17 37.90 -10.82
C CYS A 211 -0.14 37.72 -9.34
N VAL A 212 0.83 38.03 -8.48
CA VAL A 212 0.64 37.83 -7.05
C VAL A 212 -0.35 38.85 -6.48
N GLU A 213 -0.25 40.11 -6.91
CA GLU A 213 -1.13 41.14 -6.39
C GLU A 213 -1.18 42.30 -7.38
N GLY A 214 -2.17 43.17 -7.19
CA GLY A 214 -2.40 44.27 -8.09
C GLY A 214 -3.21 43.84 -9.30
N THR A 215 -3.49 44.81 -10.17
CA THR A 215 -4.28 44.55 -11.36
C THR A 215 -3.64 45.19 -12.57
N ALA A 216 -3.97 44.64 -13.75
CA ALA A 216 -3.36 45.12 -14.98
C ALA A 216 -4.27 44.81 -16.17
N ARG A 217 -4.56 45.84 -16.95
CA ARG A 217 -5.14 45.69 -18.28
C ARG A 217 -4.01 45.57 -19.29
N GLY A 218 -4.06 44.51 -20.09
CA GLY A 218 -3.00 44.28 -21.07
C GLY A 218 -3.55 43.66 -22.34
N ILE A 219 -2.95 44.06 -23.46
CA ILE A 219 -3.35 43.56 -24.77
C ILE A 219 -2.60 42.26 -25.06
N VAL A 220 -3.35 41.21 -25.39
CA VAL A 220 -2.73 39.93 -25.73
C VAL A 220 -2.05 40.03 -27.08
N VAL A 221 -0.77 39.66 -27.13
CA VAL A 221 0.01 39.78 -28.35
C VAL A 221 0.29 38.42 -29.00
N TYR A 222 0.35 37.34 -28.23
CA TYR A 222 0.63 36.02 -28.77
C TYR A 222 -0.32 35.00 -28.15
N THR A 223 -0.54 33.91 -28.86
CA THR A 223 -1.52 32.90 -28.46
C THR A 223 -1.04 31.52 -28.92
N GLY A 224 -1.12 30.55 -28.02
CA GLY A 224 -0.74 29.18 -28.36
C GLY A 224 0.73 28.90 -28.21
N ASP A 225 1.28 28.09 -29.11
CA ASP A 225 2.70 27.77 -29.09
C ASP A 225 3.57 28.93 -29.52
N ARG A 226 2.98 30.01 -30.06
CA ARG A 226 3.74 31.17 -30.49
C ARG A 226 4.34 31.94 -29.31
N THR A 227 3.93 31.66 -28.09
CA THR A 227 4.47 32.35 -26.92
C THR A 227 5.90 31.86 -26.65
N VAL A 228 6.50 32.44 -25.60
CA VAL A 228 7.87 32.07 -25.24
C VAL A 228 7.92 30.62 -24.78
N MET A 229 6.92 30.19 -24.00
CA MET A 229 6.91 28.82 -23.50
C MET A 229 6.78 27.81 -24.64
N GLY A 230 5.98 28.13 -25.64
CA GLY A 230 5.82 27.24 -26.78
C GLY A 230 7.05 27.12 -27.65
N ARG A 231 7.92 28.15 -27.65
CA ARG A 231 9.14 28.07 -28.44
C ARG A 231 10.12 27.06 -27.87
N ILE A 232 10.30 27.06 -26.55
CA ILE A 232 11.23 26.15 -25.91
C ILE A 232 10.58 24.77 -25.77
N ALA A 233 11.41 23.73 -25.81
CA ALA A 233 10.94 22.36 -25.73
C ALA A 233 10.89 21.83 -24.29
N THR A 234 11.22 22.66 -23.31
CA THR A 234 11.18 22.23 -21.92
C THR A 234 9.74 21.94 -21.49
N LEU A 235 9.57 20.92 -20.66
CA LEU A 235 8.25 20.54 -20.18
C LEU A 235 7.75 21.55 -19.16
N ALA A 236 6.61 22.19 -19.46
CA ALA A 236 6.05 23.17 -18.53
C ALA A 236 5.61 22.51 -17.23
N SER A 237 4.99 21.34 -17.32
CA SER A 237 4.53 20.62 -16.13
C SER A 237 5.63 19.65 -15.67
N GLY A 238 6.72 20.24 -15.17
CA GLY A 238 7.84 19.46 -14.70
C GLY A 238 7.62 18.91 -13.30
N LEU A 239 7.39 17.60 -13.21
CA LEU A 239 7.18 16.97 -11.91
C LEU A 239 8.46 16.97 -11.10
N GLU A 240 8.33 17.30 -9.82
CA GLU A 240 9.46 17.33 -8.91
C GLU A 240 9.65 15.97 -8.23
N GLY A 241 10.86 15.74 -7.74
CA GLY A 241 11.18 14.49 -7.08
C GLY A 241 10.65 14.41 -5.66
N GLY A 242 9.34 14.58 -5.48
CA GLY A 242 8.73 14.51 -4.18
C GLY A 242 8.29 13.11 -3.83
N GLN A 243 8.84 12.57 -2.74
CA GLN A 243 8.54 11.21 -2.30
C GLN A 243 7.60 11.27 -1.11
N THR A 244 6.43 10.64 -1.24
CA THR A 244 5.47 10.60 -0.16
C THR A 244 5.98 9.70 0.96
N PRO A 245 5.59 9.97 2.21
CA PRO A 245 6.07 9.13 3.32
C PRO A 245 5.69 7.67 3.19
N ILE A 246 4.51 7.38 2.65
CA ILE A 246 4.10 5.99 2.48
C ILE A 246 4.99 5.30 1.44
N ALA A 247 5.34 6.01 0.38
CA ALA A 247 6.25 5.44 -0.62
C ALA A 247 7.63 5.18 -0.02
N ALA A 248 8.10 6.09 0.83
CA ALA A 248 9.39 5.89 1.49
C ALA A 248 9.34 4.67 2.41
N GLU A 249 8.25 4.51 3.16
CA GLU A 249 8.13 3.34 4.03
C GLU A 249 8.09 2.05 3.22
N ILE A 250 7.34 2.05 2.11
CA ILE A 250 7.27 0.86 1.27
C ILE A 250 8.63 0.53 0.68
N GLU A 251 9.36 1.54 0.22
CA GLU A 251 10.68 1.29 -0.34
C GLU A 251 11.64 0.74 0.71
N HIS A 252 11.59 1.30 1.92
CA HIS A 252 12.46 0.81 2.99
C HIS A 252 12.13 -0.64 3.34
N PHE A 253 10.84 -0.96 3.44
CA PHE A 253 10.45 -2.35 3.72
C PHE A 253 10.90 -3.28 2.61
N ILE A 254 10.77 -2.85 1.35
CA ILE A 254 11.20 -3.68 0.24
C ILE A 254 12.70 -3.95 0.33
N HIS A 255 13.49 -2.91 0.60
CA HIS A 255 14.93 -3.08 0.71
C HIS A 255 15.29 -4.06 1.82
N ILE A 256 14.69 -3.89 3.00
CA ILE A 256 15.02 -4.75 4.13
C ILE A 256 14.62 -6.20 3.85
N ILE A 257 13.41 -6.41 3.32
CA ILE A 257 12.95 -7.77 3.09
C ILE A 257 13.76 -8.43 1.99
N THR A 258 14.16 -7.68 0.96
CA THR A 258 15.01 -8.23 -0.09
C THR A 258 16.36 -8.64 0.47
N GLY A 259 16.96 -7.81 1.32
CA GLY A 259 18.22 -8.18 1.93
C GLY A 259 18.11 -9.43 2.78
N VAL A 260 17.05 -9.52 3.59
CA VAL A 260 16.86 -10.69 4.44
C VAL A 260 16.66 -11.95 3.59
N ALA A 261 15.84 -11.85 2.55
CA ALA A 261 15.57 -13.00 1.70
C ALA A 261 16.82 -13.45 0.96
N VAL A 262 17.63 -12.50 0.46
CA VAL A 262 18.86 -12.87 -0.22
C VAL A 262 19.83 -13.54 0.74
N PHE A 263 19.94 -13.03 1.96
CA PHE A 263 20.79 -13.67 2.95
C PHE A 263 20.35 -15.10 3.23
N LEU A 264 19.04 -15.30 3.43
CA LEU A 264 18.54 -16.64 3.69
C LEU A 264 18.77 -17.56 2.51
N GLY A 265 18.55 -17.06 1.29
CA GLY A 265 18.76 -17.88 0.11
C GLY A 265 20.20 -18.30 -0.07
N VAL A 266 21.14 -17.38 0.13
CA VAL A 266 22.55 -17.73 0.02
C VAL A 266 22.95 -18.72 1.10
N SER A 267 22.48 -18.51 2.33
CA SER A 267 22.81 -19.42 3.40
C SER A 267 22.29 -20.83 3.12
N PHE A 268 21.04 -20.92 2.63
CA PHE A 268 20.47 -22.23 2.33
C PHE A 268 21.15 -22.88 1.13
N PHE A 269 21.56 -22.09 0.15
CA PHE A 269 22.33 -22.64 -0.98
C PHE A 269 23.63 -23.26 -0.50
N ILE A 270 24.36 -22.54 0.35
CA ILE A 270 25.62 -23.07 0.88
C ILE A 270 25.36 -24.32 1.71
N LEU A 271 24.33 -24.30 2.56
CA LEU A 271 24.04 -25.45 3.40
C LEU A 271 23.66 -26.67 2.58
N SER A 272 22.87 -26.47 1.52
CA SER A 272 22.50 -27.58 0.65
C SER A 272 23.72 -28.14 -0.07
N LEU A 273 24.62 -27.26 -0.52
CA LEU A 273 25.86 -27.76 -1.11
C LEU A 273 26.70 -28.54 -0.12
N ILE A 274 26.62 -28.17 1.17
CA ILE A 274 27.32 -28.96 2.19
C ILE A 274 26.66 -30.33 2.37
N LEU A 275 25.34 -30.40 2.21
CA LEU A 275 24.59 -31.65 2.39
C LEU A 275 24.60 -32.53 1.15
N GLU A 276 25.58 -32.37 0.27
CA GLU A 276 25.77 -33.23 -0.90
C GLU A 276 24.61 -33.10 -1.87
N TYR A 277 24.17 -31.87 -2.13
CA TYR A 277 23.23 -31.58 -3.20
C TYR A 277 23.99 -31.54 -4.53
N THR A 278 23.27 -31.23 -5.60
CA THR A 278 23.84 -30.98 -6.90
C THR A 278 23.64 -29.52 -7.27
N TRP A 279 24.53 -29.00 -8.12
CA TRP A 279 24.48 -27.59 -8.46
C TRP A 279 23.16 -27.21 -9.12
N LEU A 280 22.70 -28.03 -10.08
CA LEU A 280 21.43 -27.78 -10.74
C LEU A 280 20.24 -27.93 -9.81
N GLU A 281 20.43 -28.51 -8.63
CA GLU A 281 19.39 -28.57 -7.61
C GLU A 281 19.57 -27.50 -6.54
N ALA A 282 20.83 -27.20 -6.18
CA ALA A 282 21.08 -26.16 -5.19
C ALA A 282 20.68 -24.79 -5.70
N VAL A 283 20.94 -24.49 -6.98
CA VAL A 283 20.57 -23.19 -7.51
C VAL A 283 19.05 -23.04 -7.56
N ILE A 284 18.34 -24.12 -7.89
CA ILE A 284 16.88 -24.06 -7.91
C ILE A 284 16.34 -23.89 -6.50
N PHE A 285 16.97 -24.55 -5.52
CA PHE A 285 16.56 -24.37 -4.13
C PHE A 285 16.77 -22.94 -3.67
N LEU A 286 17.91 -22.34 -4.03
CA LEU A 286 18.17 -20.95 -3.68
C LEU A 286 17.16 -20.02 -4.33
N ILE A 287 16.83 -20.27 -5.60
CA ILE A 287 15.82 -19.45 -6.29
C ILE A 287 14.48 -19.57 -5.60
N GLY A 288 14.09 -20.79 -5.24
CA GLY A 288 12.83 -20.99 -4.55
C GLY A 288 12.77 -20.26 -3.22
N ILE A 289 13.85 -20.33 -2.43
CA ILE A 289 13.88 -19.65 -1.15
C ILE A 289 13.79 -18.13 -1.35
N ILE A 290 14.56 -17.59 -2.29
CA ILE A 290 14.58 -16.15 -2.49
C ILE A 290 13.22 -15.66 -2.99
N VAL A 291 12.60 -16.38 -3.92
CA VAL A 291 11.31 -15.95 -4.45
C VAL A 291 10.22 -16.08 -3.40
N ALA A 292 10.26 -17.15 -2.60
CA ALA A 292 9.23 -17.35 -1.59
C ALA A 292 9.39 -16.44 -0.38
N ASN A 293 10.57 -15.86 -0.18
CA ASN A 293 10.80 -14.99 0.97
C ASN A 293 10.74 -13.51 0.63
N VAL A 294 10.33 -13.16 -0.59
CA VAL A 294 10.09 -11.76 -0.94
C VAL A 294 8.61 -11.56 -1.21
N PRO A 295 8.03 -10.41 -0.88
CA PRO A 295 6.59 -10.19 -1.08
C PRO A 295 6.26 -9.68 -2.48
N GLU A 296 6.37 -10.55 -3.48
CA GLU A 296 5.92 -10.21 -4.81
C GLU A 296 4.41 -10.01 -4.80
N GLY A 297 3.95 -9.09 -5.65
CA GLY A 297 2.56 -8.68 -5.60
C GLY A 297 2.25 -7.62 -4.56
N LEU A 298 3.25 -7.15 -3.82
CA LEU A 298 3.04 -6.02 -2.92
C LEU A 298 2.72 -4.76 -3.71
N LEU A 299 3.41 -4.54 -4.83
CA LEU A 299 3.14 -3.38 -5.67
C LEU A 299 1.78 -3.46 -6.35
N ALA A 300 1.29 -4.67 -6.65
CA ALA A 300 -0.05 -4.81 -7.18
C ALA A 300 -1.10 -4.42 -6.14
N THR A 301 -0.88 -4.74 -4.87
CA THR A 301 -1.78 -4.29 -3.81
C THR A 301 -1.81 -2.76 -3.73
N VAL A 302 -0.64 -2.13 -3.82
CA VAL A 302 -0.56 -0.67 -3.79
C VAL A 302 -1.29 -0.07 -4.99
N THR A 303 -1.12 -0.67 -6.17
CA THR A 303 -1.82 -0.18 -7.36
C THR A 303 -3.32 -0.33 -7.23
N VAL A 304 -3.80 -1.45 -6.69
CA VAL A 304 -5.23 -1.63 -6.49
C VAL A 304 -5.76 -0.62 -5.49
N CYS A 305 -5.02 -0.37 -4.40
CA CYS A 305 -5.44 0.62 -3.43
C CYS A 305 -5.54 2.00 -4.06
N LEU A 306 -4.55 2.38 -4.87
CA LEU A 306 -4.56 3.69 -5.52
C LEU A 306 -5.73 3.80 -6.49
N THR A 307 -6.00 2.75 -7.26
CA THR A 307 -7.10 2.78 -8.20
C THR A 307 -8.45 2.89 -7.48
N LEU A 308 -8.61 2.14 -6.39
CA LEU A 308 -9.84 2.23 -5.61
C LEU A 308 -10.03 3.62 -5.02
N THR A 309 -8.95 4.22 -4.52
CA THR A 309 -9.04 5.58 -3.99
C THR A 309 -9.39 6.58 -5.09
N ALA A 310 -8.80 6.42 -6.27
CA ALA A 310 -9.12 7.30 -7.39
C ALA A 310 -10.59 7.16 -7.78
N LYS A 311 -11.12 5.93 -7.75
CA LYS A 311 -12.54 5.73 -8.04
C LYS A 311 -13.41 6.41 -6.98
N ARG A 312 -13.01 6.31 -5.71
CA ARG A 312 -13.83 6.87 -4.64
C ARG A 312 -13.79 8.39 -4.64
N MET A 313 -12.61 8.97 -4.88
CA MET A 313 -12.50 10.43 -4.93
C MET A 313 -13.25 11.03 -6.10
N ALA A 314 -13.45 10.28 -7.18
CA ALA A 314 -14.18 10.80 -8.33
C ALA A 314 -15.67 10.95 -8.04
N ARG A 315 -16.23 10.13 -7.15
CA ARG A 315 -17.64 10.24 -6.81
C ARG A 315 -17.91 11.32 -5.79
N LYS A 316 -16.88 11.80 -5.08
CA LYS A 316 -17.03 12.87 -4.12
C LYS A 316 -16.58 14.22 -4.68
N ASN A 317 -16.19 14.27 -5.95
CA ASN A 317 -15.71 15.50 -6.60
C ASN A 317 -14.53 16.10 -5.83
N CYS A 318 -13.44 15.33 -5.78
CA CYS A 318 -12.22 15.71 -5.08
C CYS A 318 -11.03 15.44 -5.99
N LEU A 319 -10.56 16.48 -6.68
CA LEU A 319 -9.41 16.31 -7.56
C LEU A 319 -8.16 16.13 -6.72
N VAL A 320 -7.41 15.06 -7.00
CA VAL A 320 -6.17 14.75 -6.30
C VAL A 320 -5.04 14.72 -7.33
N LYS A 321 -4.01 15.53 -7.10
CA LYS A 321 -2.91 15.61 -8.05
C LYS A 321 -2.01 14.38 -7.95
N ASN A 322 -1.80 13.87 -6.74
CA ASN A 322 -0.99 12.69 -6.51
C ASN A 322 -1.76 11.73 -5.62
N LEU A 323 -2.06 10.54 -6.14
CA LEU A 323 -2.86 9.58 -5.37
C LEU A 323 -2.14 9.05 -4.15
N GLU A 324 -0.80 9.10 -4.14
CA GLU A 324 -0.05 8.68 -2.97
C GLU A 324 -0.02 9.73 -1.88
N ALA A 325 -0.55 10.92 -2.14
CA ALA A 325 -0.65 11.98 -1.15
C ALA A 325 -1.89 11.88 -0.27
N VAL A 326 -2.73 10.87 -0.51
CA VAL A 326 -3.91 10.68 0.33
C VAL A 326 -3.55 10.02 1.65
N GLU A 327 -2.45 9.27 1.71
CA GLU A 327 -2.01 8.71 2.98
C GLU A 327 -1.65 9.80 3.98
N THR A 328 -0.98 10.85 3.51
CA THR A 328 -0.71 11.99 4.38
C THR A 328 -2.01 12.66 4.81
N LEU A 329 -2.99 12.72 3.92
CA LEU A 329 -4.28 13.29 4.26
C LEU A 329 -4.97 12.49 5.36
N GLY A 330 -4.85 11.16 5.30
CA GLY A 330 -5.38 10.33 6.37
C GLY A 330 -4.58 10.44 7.66
N SER A 331 -3.30 10.73 7.55
CA SER A 331 -2.43 10.93 8.71
C SER A 331 -2.49 12.35 9.25
N THR A 332 -3.29 13.22 8.63
CA THR A 332 -3.43 14.60 9.09
C THR A 332 -3.89 14.65 10.54
N SER A 333 -3.26 15.52 11.33
CA SER A 333 -3.59 15.71 12.72
C SER A 333 -4.06 17.12 13.06
N THR A 334 -3.97 18.06 12.13
CA THR A 334 -4.43 19.43 12.37
C THR A 334 -5.00 19.96 11.06
N ILE A 335 -6.09 20.73 11.16
CA ILE A 335 -6.73 21.33 9.99
C ILE A 335 -6.89 22.82 10.23
N CYS A 336 -6.22 23.63 9.42
CA CYS A 336 -6.29 25.09 9.51
C CYS A 336 -7.19 25.59 8.38
N SER A 337 -8.37 26.10 8.74
CA SER A 337 -9.41 26.43 7.79
C SER A 337 -9.74 27.92 7.84
N ASP A 338 -10.07 28.47 6.67
CA ASP A 338 -10.49 29.85 6.56
C ASP A 338 -12.00 29.96 6.78
N LYS A 339 -12.41 31.09 7.38
CA LYS A 339 -13.83 31.28 7.66
C LYS A 339 -14.63 31.51 6.37
N THR A 340 -14.17 32.41 5.52
CA THR A 340 -14.95 32.87 4.38
C THR A 340 -14.61 32.04 3.15
N GLY A 341 -15.62 31.40 2.57
CA GLY A 341 -15.45 30.57 1.40
C GLY A 341 -15.27 29.10 1.69
N THR A 342 -14.89 28.75 2.92
CA THR A 342 -14.71 27.36 3.33
C THR A 342 -15.73 26.94 4.37
N LEU A 343 -15.80 27.64 5.49
CA LEU A 343 -16.80 27.38 6.52
C LEU A 343 -18.06 28.19 6.35
N THR A 344 -18.13 29.04 5.32
CA THR A 344 -19.30 29.86 5.03
C THR A 344 -19.63 29.76 3.56
N GLN A 345 -20.91 29.94 3.23
CA GLN A 345 -21.38 29.80 1.85
C GLN A 345 -20.90 30.91 0.93
N ASN A 346 -20.30 31.97 1.48
CA ASN A 346 -19.78 33.10 0.71
C ASN A 346 -20.87 33.85 -0.04
N ARG A 347 -22.12 33.72 0.40
CA ARG A 347 -23.24 34.50 -0.13
C ARG A 347 -23.62 35.53 0.93
N MET A 348 -23.32 36.79 0.66
CA MET A 348 -23.48 37.86 1.64
C MET A 348 -24.68 38.72 1.30
N THR A 349 -25.55 38.93 2.28
CA THR A 349 -26.72 39.79 2.16
C THR A 349 -26.65 40.84 3.26
N VAL A 350 -26.76 42.12 2.85
CA VAL A 350 -26.69 43.20 3.82
C VAL A 350 -27.87 43.10 4.78
N ALA A 351 -27.58 43.10 6.07
CA ALA A 351 -28.58 42.88 7.11
C ALA A 351 -28.83 44.09 7.98
N HIS A 352 -27.78 44.76 8.46
CA HIS A 352 -27.95 45.86 9.40
C HIS A 352 -27.08 47.04 8.98
N MET A 353 -27.50 48.23 9.41
CA MET A 353 -26.72 49.44 9.18
C MET A 353 -26.69 50.26 10.46
N TRP A 354 -25.50 50.55 10.96
CA TRP A 354 -25.34 51.39 12.14
C TRP A 354 -24.90 52.77 11.69
N PHE A 355 -25.72 53.77 11.98
CA PHE A 355 -25.40 55.17 11.69
C PHE A 355 -26.40 56.03 12.44
N ASP A 356 -26.05 57.32 12.58
CA ASP A 356 -26.81 58.25 13.42
C ASP A 356 -26.93 57.73 14.86
N ASN A 357 -25.92 56.98 15.31
CA ASN A 357 -25.93 56.33 16.62
C ASN A 357 -27.19 55.47 16.78
N GLN A 358 -27.54 54.75 15.71
CA GLN A 358 -28.73 53.92 15.71
C GLN A 358 -28.52 52.74 14.77
N ILE A 359 -29.06 51.59 15.15
CA ILE A 359 -29.02 50.38 14.35
C ILE A 359 -30.33 50.26 13.58
N HIS A 360 -30.23 50.04 12.27
CA HIS A 360 -31.38 49.95 11.39
C HIS A 360 -31.37 48.58 10.72
N GLU A 361 -32.50 47.88 10.79
CA GLU A 361 -32.63 46.57 10.18
C GLU A 361 -32.94 46.72 8.70
N ALA A 362 -32.01 46.27 7.85
CA ALA A 362 -32.15 46.38 6.41
C ALA A 362 -32.50 45.02 5.82
N ASP A 363 -33.59 44.97 5.06
CA ASP A 363 -34.01 43.77 4.35
C ASP A 363 -34.13 44.12 2.87
N THR A 364 -33.67 43.21 2.02
CA THR A 364 -33.62 43.47 0.57
C THR A 364 -35.01 43.74 0.03
N THR A 365 -35.87 42.73 0.03
CA THR A 365 -37.28 42.85 -0.31
C THR A 365 -37.49 43.68 -1.60
N GLU A 366 -37.04 43.08 -2.70
CA GLU A 366 -37.21 43.68 -4.04
C GLU A 366 -38.62 44.21 -4.23
N ASN A 367 -39.61 43.48 -3.73
CA ASN A 367 -40.99 43.94 -3.66
C ASN A 367 -41.34 44.32 -2.22
N GLN A 368 -42.42 45.10 -2.09
CA GLN A 368 -42.99 45.55 -0.82
C GLN A 368 -42.03 46.47 -0.05
N SER A 369 -40.87 46.76 -0.62
CA SER A 369 -39.90 47.70 -0.06
C SER A 369 -39.42 47.27 1.32
N GLY A 370 -38.79 48.19 2.06
CA GLY A 370 -38.23 47.86 3.34
C GLY A 370 -39.29 47.53 4.38
N VAL A 371 -38.83 46.94 5.48
CA VAL A 371 -39.74 46.48 6.52
C VAL A 371 -40.31 47.66 7.30
N SER A 372 -39.45 48.38 8.02
CA SER A 372 -39.91 49.49 8.84
C SER A 372 -39.06 50.75 8.61
N PHE A 373 -37.79 50.56 8.28
CA PHE A 373 -36.88 51.69 8.17
C PHE A 373 -36.94 52.31 6.77
N ASP A 374 -36.68 53.61 6.72
CA ASP A 374 -36.88 54.39 5.50
C ASP A 374 -35.64 55.18 5.10
N LYS A 375 -35.81 56.12 4.17
CA LYS A 375 -34.70 56.90 3.63
C LYS A 375 -33.88 57.56 4.73
N THR A 376 -34.55 58.01 5.79
CA THR A 376 -33.91 58.65 6.95
C THR A 376 -33.23 59.95 6.48
N SER A 377 -32.18 60.37 7.17
CA SER A 377 -31.56 61.67 6.92
C SER A 377 -30.44 61.52 5.89
N ALA A 378 -29.65 62.59 5.71
CA ALA A 378 -28.61 62.63 4.69
C ALA A 378 -27.42 61.74 5.01
N THR A 379 -27.34 61.19 6.23
CA THR A 379 -26.27 60.26 6.53
C THR A 379 -26.37 59.00 5.67
N TRP A 380 -27.59 58.53 5.42
CA TRP A 380 -27.77 57.38 4.55
C TRP A 380 -27.35 57.70 3.12
N LEU A 381 -27.66 58.90 2.63
CA LEU A 381 -27.20 59.30 1.30
C LEU A 381 -25.69 59.33 1.23
N ALA A 382 -25.04 59.87 2.26
CA ALA A 382 -23.58 59.91 2.28
C ALA A 382 -22.99 58.50 2.30
N LEU A 383 -23.59 57.61 3.09
CA LEU A 383 -23.12 56.23 3.15
C LEU A 383 -23.28 55.52 1.80
N SER A 384 -24.42 55.75 1.14
CA SER A 384 -24.63 55.17 -0.18
C SER A 384 -23.62 55.70 -1.19
N ARG A 385 -23.33 57.00 -1.12
CA ARG A 385 -22.30 57.58 -1.99
C ARG A 385 -20.94 56.95 -1.73
N ILE A 386 -20.59 56.75 -0.46
CA ILE A 386 -19.32 56.10 -0.13
C ILE A 386 -19.27 54.70 -0.72
N ALA A 387 -20.34 53.92 -0.51
CA ALA A 387 -20.36 52.55 -0.99
C ALA A 387 -20.28 52.49 -2.51
N GLY A 388 -20.98 53.40 -3.20
CA GLY A 388 -20.94 53.40 -4.65
C GLY A 388 -19.58 53.77 -5.20
N LEU A 389 -18.94 54.80 -4.62
CA LEU A 389 -17.66 55.25 -5.14
C LEU A 389 -16.54 54.27 -4.82
N CYS A 390 -16.58 53.68 -3.63
CA CYS A 390 -15.48 52.80 -3.22
C CYS A 390 -15.48 51.48 -3.97
N ASN A 391 -16.67 50.95 -4.29
CA ASN A 391 -16.77 49.64 -4.92
C ASN A 391 -16.15 49.64 -6.30
N ARG A 392 -15.43 48.55 -6.61
CA ARG A 392 -14.93 48.30 -7.95
C ARG A 392 -15.61 47.08 -8.59
N ALA A 393 -16.76 46.67 -8.05
CA ALA A 393 -17.50 45.53 -8.56
C ALA A 393 -18.64 46.02 -9.45
N VAL A 394 -18.77 45.40 -10.63
CA VAL A 394 -19.83 45.74 -11.58
C VAL A 394 -20.51 44.45 -12.03
N PHE A 395 -21.73 44.62 -12.54
CA PHE A 395 -22.47 43.49 -13.06
C PHE A 395 -21.84 42.97 -14.35
N GLN A 396 -22.08 41.69 -14.63
CA GLN A 396 -21.58 41.10 -15.85
C GLN A 396 -22.34 41.64 -17.06
N ALA A 397 -21.75 41.47 -18.24
CA ALA A 397 -22.35 42.00 -19.45
C ALA A 397 -23.69 41.35 -19.74
N ASN A 398 -24.65 42.15 -20.22
CA ASN A 398 -25.99 41.70 -20.57
C ASN A 398 -26.69 41.04 -19.38
N GLN A 399 -26.72 41.76 -18.25
CA GLN A 399 -27.35 41.26 -17.04
C GLN A 399 -28.28 42.26 -16.38
N GLU A 400 -28.52 43.42 -16.99
CA GLU A 400 -29.42 44.43 -16.41
C GLU A 400 -30.86 44.22 -16.86
N ASN A 401 -31.35 42.99 -16.70
CA ASN A 401 -32.73 42.65 -17.03
C ASN A 401 -33.45 41.94 -15.90
N LEU A 402 -32.76 41.06 -15.18
CA LEU A 402 -33.31 40.29 -14.07
C LEU A 402 -33.18 41.07 -12.77
N PRO A 403 -33.90 40.67 -11.72
CA PRO A 403 -33.81 41.40 -10.45
C PRO A 403 -32.39 41.42 -9.91
N ILE A 404 -32.07 42.50 -9.19
CA ILE A 404 -30.68 42.77 -8.80
C ILE A 404 -30.13 41.64 -7.95
N LEU A 405 -30.95 41.10 -7.05
CA LEU A 405 -30.49 40.02 -6.18
C LEU A 405 -30.07 38.80 -7.00
N LYS A 406 -30.81 38.49 -8.06
CA LYS A 406 -30.47 37.35 -8.91
C LYS A 406 -29.36 37.68 -9.91
N ARG A 407 -29.05 38.96 -10.10
CA ARG A 407 -28.01 39.33 -11.05
C ARG A 407 -26.64 38.87 -10.57
N ALA A 408 -25.73 38.71 -11.52
CA ALA A 408 -24.36 38.29 -11.23
C ALA A 408 -23.43 39.51 -11.26
N VAL A 409 -22.51 39.54 -10.30
CA VAL A 409 -21.54 40.63 -10.17
C VAL A 409 -20.14 40.04 -10.24
N ALA A 410 -19.24 40.71 -10.97
CA ALA A 410 -17.88 40.23 -11.19
C ALA A 410 -16.90 40.71 -10.13
N GLY A 411 -17.38 40.98 -8.92
CA GLY A 411 -16.50 41.44 -7.86
C GLY A 411 -16.52 40.56 -6.63
N ASP A 412 -15.90 41.03 -5.55
CA ASP A 412 -15.83 40.26 -4.32
C ASP A 412 -17.22 40.13 -3.68
N ALA A 413 -17.32 39.22 -2.70
CA ALA A 413 -18.61 38.96 -2.07
C ALA A 413 -19.13 40.19 -1.33
N SER A 414 -18.27 40.83 -0.54
CA SER A 414 -18.69 42.04 0.17
C SER A 414 -19.03 43.16 -0.80
N GLU A 415 -18.20 43.35 -1.83
CA GLU A 415 -18.47 44.37 -2.83
C GLU A 415 -19.76 44.08 -3.59
N SER A 416 -19.99 42.82 -3.93
CA SER A 416 -21.21 42.45 -4.63
C SER A 416 -22.44 42.71 -3.76
N ALA A 417 -22.37 42.35 -2.48
CA ALA A 417 -23.51 42.58 -1.58
C ALA A 417 -23.78 44.06 -1.43
N LEU A 418 -22.73 44.87 -1.27
CA LEU A 418 -22.92 46.32 -1.16
C LEU A 418 -23.50 46.89 -2.44
N LEU A 419 -23.03 46.42 -3.60
CA LEU A 419 -23.54 46.90 -4.87
C LEU A 419 -25.02 46.58 -5.03
N LYS A 420 -25.41 45.35 -4.69
CA LYS A 420 -26.82 44.98 -4.78
C LYS A 420 -27.67 45.81 -3.82
N CYS A 421 -27.18 46.04 -2.60
CA CYS A 421 -27.96 46.81 -1.64
C CYS A 421 -28.10 48.27 -2.08
N ILE A 422 -27.03 48.87 -2.59
CA ILE A 422 -27.12 50.26 -3.01
C ILE A 422 -27.89 50.42 -4.31
N GLU A 423 -27.95 49.38 -5.15
CA GLU A 423 -28.86 49.44 -6.29
C GLU A 423 -30.30 49.14 -5.90
N LEU A 424 -30.51 48.48 -4.77
CA LEU A 424 -31.87 48.30 -4.28
C LEU A 424 -32.40 49.61 -3.67
N CYS A 425 -31.57 50.32 -2.91
CA CYS A 425 -32.02 51.56 -2.28
C CYS A 425 -31.84 52.77 -3.21
N CYS A 426 -30.60 53.05 -3.59
CA CYS A 426 -30.29 54.02 -4.62
C CYS A 426 -30.34 53.31 -5.98
N GLY A 427 -29.80 53.95 -7.03
CA GLY A 427 -29.80 53.30 -8.32
C GLY A 427 -28.75 53.88 -9.25
N SER A 428 -28.50 53.14 -10.32
CA SER A 428 -27.63 53.56 -11.42
C SER A 428 -26.21 53.86 -10.92
N VAL A 429 -25.55 52.81 -10.43
CA VAL A 429 -24.16 52.94 -10.00
C VAL A 429 -23.26 53.31 -11.17
N LYS A 430 -23.60 52.89 -12.39
CA LYS A 430 -22.84 53.29 -13.57
C LYS A 430 -22.87 54.81 -13.74
N GLU A 431 -24.07 55.40 -13.64
CA GLU A 431 -24.18 56.85 -13.72
C GLU A 431 -23.51 57.53 -12.54
N MET A 432 -23.56 56.90 -11.36
CA MET A 432 -22.88 57.46 -10.20
C MET A 432 -21.38 57.55 -10.42
N ARG A 433 -20.78 56.48 -10.97
CA ARG A 433 -19.35 56.50 -11.26
C ARG A 433 -19.03 57.41 -12.43
N GLU A 434 -19.97 57.60 -13.35
CA GLU A 434 -19.79 58.61 -14.39
C GLU A 434 -19.77 60.01 -13.79
N ARG A 435 -20.59 60.25 -12.76
CA ARG A 435 -20.68 61.57 -12.14
C ARG A 435 -19.38 61.96 -11.45
N TYR A 436 -18.75 61.02 -10.76
CA TYR A 436 -17.53 61.27 -9.99
C TYR A 436 -16.34 60.67 -10.73
N ALA A 437 -15.35 61.50 -11.03
CA ALA A 437 -14.18 61.06 -11.78
C ALA A 437 -13.22 60.33 -10.83
N LYS A 438 -13.09 59.02 -11.01
CA LYS A 438 -12.20 58.20 -10.18
C LYS A 438 -10.78 58.35 -10.73
N ILE A 439 -10.14 59.45 -10.35
CA ILE A 439 -8.78 59.71 -10.82
C ILE A 439 -7.79 58.76 -10.14
N VAL A 440 -7.93 58.53 -8.84
CA VAL A 440 -7.00 57.74 -8.07
C VAL A 440 -7.76 56.64 -7.33
N GLU A 441 -7.25 55.41 -7.40
CA GLU A 441 -7.83 54.29 -6.68
C GLU A 441 -6.71 53.44 -6.09
N ILE A 442 -6.81 53.12 -4.82
CA ILE A 442 -5.85 52.27 -4.13
C ILE A 442 -6.44 50.86 -4.03
N PRO A 443 -5.87 49.86 -4.68
CA PRO A 443 -6.46 48.51 -4.65
C PRO A 443 -6.52 47.95 -3.24
N PHE A 444 -7.57 47.19 -2.97
CA PHE A 444 -7.71 46.54 -1.68
C PHE A 444 -6.69 45.40 -1.54
N ASN A 445 -6.17 45.25 -0.33
CA ASN A 445 -5.27 44.15 -0.02
C ASN A 445 -5.41 43.78 1.45
N SER A 446 -5.07 42.53 1.77
CA SER A 446 -5.16 42.07 3.14
C SER A 446 -4.13 42.71 4.05
N THR A 447 -3.05 43.25 3.49
CA THR A 447 -2.03 43.91 4.31
C THR A 447 -2.55 45.19 4.93
N ASN A 448 -3.31 45.98 4.16
CA ASN A 448 -3.86 47.24 4.64
C ASN A 448 -5.29 47.12 5.14
N LYS A 449 -6.08 46.20 4.58
CA LYS A 449 -7.45 45.93 4.99
C LYS A 449 -8.39 47.11 4.77
N TYR A 450 -8.04 48.04 3.88
CA TYR A 450 -8.94 49.13 3.54
C TYR A 450 -8.83 49.46 2.06
N GLN A 451 -9.92 49.96 1.51
CA GLN A 451 -10.01 50.35 0.11
C GLN A 451 -10.29 51.85 0.04
N LEU A 452 -9.52 52.55 -0.80
CA LEU A 452 -9.54 54.00 -0.86
C LEU A 452 -9.68 54.49 -2.30
N SER A 453 -10.40 55.59 -2.46
CA SER A 453 -10.61 56.19 -3.78
C SER A 453 -10.66 57.70 -3.64
N ILE A 454 -10.29 58.38 -4.73
CA ILE A 454 -10.33 59.84 -4.82
C ILE A 454 -11.21 60.21 -5.99
N HIS A 455 -12.18 61.10 -5.75
CA HIS A 455 -13.14 61.48 -6.76
C HIS A 455 -13.25 62.99 -6.84
N LYS A 456 -13.72 63.47 -7.99
CA LYS A 456 -13.97 64.90 -8.18
C LYS A 456 -15.42 65.23 -7.84
N ASN A 457 -15.60 66.21 -6.97
CA ASN A 457 -16.94 66.57 -6.51
C ASN A 457 -17.66 67.38 -7.58
N PRO A 458 -18.84 66.95 -8.03
CA PRO A 458 -19.62 67.75 -8.98
C PRO A 458 -20.68 68.65 -8.35
N ASN A 459 -20.75 68.74 -7.03
CA ASN A 459 -21.77 69.51 -6.36
C ASN A 459 -21.53 71.01 -6.57
N THR A 460 -22.51 71.82 -6.16
CA THR A 460 -22.35 73.27 -6.24
C THR A 460 -21.19 73.75 -5.38
N SER A 461 -21.09 73.24 -4.15
CA SER A 461 -19.95 73.52 -3.29
C SER A 461 -18.96 72.37 -3.43
N GLU A 462 -18.16 72.44 -4.49
CA GLU A 462 -17.29 71.33 -4.87
C GLU A 462 -15.84 71.60 -4.50
N PRO A 463 -15.28 70.88 -3.52
CA PRO A 463 -13.82 70.95 -3.32
C PRO A 463 -13.02 70.20 -4.37
N GLN A 464 -13.70 69.47 -5.27
CA GLN A 464 -13.09 68.70 -6.35
C GLN A 464 -12.20 67.57 -5.85
N HIS A 465 -12.23 67.27 -4.55
CA HIS A 465 -11.38 66.23 -3.98
C HIS A 465 -12.15 65.58 -2.83
N LEU A 466 -12.77 64.44 -3.12
CA LEU A 466 -13.49 63.65 -2.11
C LEU A 466 -12.75 62.33 -1.93
N LEU A 467 -12.34 62.04 -0.70
CA LEU A 467 -11.62 60.81 -0.37
C LEU A 467 -12.60 59.85 0.29
N VAL A 468 -12.84 58.72 -0.35
CA VAL A 468 -13.77 57.70 0.13
C VAL A 468 -12.96 56.49 0.57
N MET A 469 -13.30 55.93 1.73
CA MET A 469 -12.58 54.79 2.26
C MET A 469 -13.53 53.83 2.94
N LYS A 470 -13.28 52.54 2.76
CA LYS A 470 -14.03 51.48 3.41
C LYS A 470 -13.05 50.47 4.00
N GLY A 471 -13.48 49.74 5.00
CA GLY A 471 -12.63 48.67 5.49
C GLY A 471 -13.05 48.16 6.86
N ALA A 472 -12.06 47.64 7.58
CA ALA A 472 -12.31 47.06 8.89
C ALA A 472 -12.66 48.15 9.89
N PRO A 473 -13.77 48.02 10.62
CA PRO A 473 -14.22 49.13 11.47
C PRO A 473 -13.21 49.57 12.52
N GLU A 474 -12.45 48.65 13.11
CA GLU A 474 -11.49 49.07 14.13
C GLU A 474 -10.26 49.72 13.50
N ARG A 475 -9.87 49.26 12.31
CA ARG A 475 -8.78 49.94 11.60
C ARG A 475 -9.27 51.24 10.97
N ILE A 476 -10.52 51.26 10.49
CA ILE A 476 -11.07 52.46 9.86
C ILE A 476 -11.24 53.56 10.90
N LEU A 477 -11.84 53.23 12.05
CA LEU A 477 -12.06 54.22 13.09
C LEU A 477 -10.76 54.74 13.68
N ASP A 478 -9.65 54.00 13.51
CA ASP A 478 -8.38 54.44 14.04
C ASP A 478 -7.86 55.70 13.37
N ARG A 479 -8.37 56.05 12.19
CA ARG A 479 -7.92 57.22 11.47
C ARG A 479 -9.01 58.23 11.17
N CYS A 480 -10.29 57.83 11.15
CA CYS A 480 -11.38 58.78 10.94
C CYS A 480 -11.60 59.53 12.25
N SER A 481 -11.12 60.77 12.29
CA SER A 481 -11.09 61.54 13.53
C SER A 481 -12.46 62.10 13.91
N SER A 482 -13.28 62.43 12.93
CA SER A 482 -14.60 62.99 13.18
C SER A 482 -15.68 61.96 12.85
N ILE A 483 -16.92 62.32 13.14
CA ILE A 483 -18.08 61.45 12.91
C ILE A 483 -19.21 62.30 12.36
N LEU A 484 -19.99 61.72 11.45
CA LEU A 484 -21.10 62.41 10.81
C LEU A 484 -22.41 61.90 11.42
N LEU A 485 -23.08 62.77 12.18
CA LEU A 485 -24.35 62.44 12.79
C LEU A 485 -25.39 63.48 12.38
N HIS A 486 -26.55 63.01 11.94
CA HIS A 486 -27.66 63.86 11.50
C HIS A 486 -27.27 64.80 10.36
N GLY A 487 -26.24 64.44 9.60
CA GLY A 487 -25.77 65.26 8.50
C GLY A 487 -24.80 66.35 8.88
N LYS A 488 -24.46 66.50 10.15
CA LYS A 488 -23.56 67.54 10.63
C LYS A 488 -22.28 66.90 11.15
N GLU A 489 -21.14 67.42 10.71
CA GLU A 489 -19.85 66.92 11.17
C GLU A 489 -19.64 67.24 12.65
N GLN A 490 -19.31 66.23 13.43
CA GLN A 490 -19.16 66.37 14.87
C GLN A 490 -17.87 65.72 15.33
N PRO A 491 -17.27 66.21 16.42
CA PRO A 491 -16.09 65.55 16.98
C PRO A 491 -16.43 64.18 17.53
N LEU A 492 -15.44 63.29 17.49
CA LEU A 492 -15.59 61.92 17.96
C LEU A 492 -15.02 61.83 19.37
N ASP A 493 -15.89 61.72 20.37
CA ASP A 493 -15.50 61.64 21.77
C ASP A 493 -15.50 60.18 22.23
N GLU A 494 -15.27 59.97 23.53
CA GLU A 494 -15.20 58.62 24.07
C GLU A 494 -16.56 57.94 24.04
N GLU A 495 -17.63 58.70 24.27
CA GLU A 495 -18.97 58.11 24.29
C GLU A 495 -19.35 57.54 22.94
N LEU A 496 -19.04 58.26 21.86
CA LEU A 496 -19.38 57.76 20.52
C LEU A 496 -18.55 56.53 20.17
N LYS A 497 -17.28 56.50 20.58
CA LYS A 497 -16.47 55.31 20.35
C LYS A 497 -17.01 54.11 21.12
N ASP A 498 -17.44 54.33 22.37
CA ASP A 498 -18.03 53.24 23.13
C ASP A 498 -19.33 52.76 22.49
N ALA A 499 -20.15 53.68 22.00
CA ALA A 499 -21.37 53.29 21.29
C ALA A 499 -21.05 52.50 20.04
N PHE A 500 -20.00 52.90 19.31
CA PHE A 500 -19.58 52.15 18.14
C PHE A 500 -19.12 50.75 18.51
N GLN A 501 -18.39 50.61 19.62
CA GLN A 501 -17.94 49.29 20.05
C GLN A 501 -19.14 48.42 20.45
N ASN A 502 -20.12 49.00 21.12
CA ASN A 502 -21.33 48.25 21.46
C ASN A 502 -22.08 47.82 20.21
N ALA A 503 -22.16 48.70 19.22
CA ALA A 503 -22.80 48.34 17.95
C ALA A 503 -22.05 47.22 17.26
N TYR A 504 -20.72 47.27 17.27
CA TYR A 504 -19.93 46.20 16.67
C TYR A 504 -20.16 44.88 17.39
N LEU A 505 -20.23 44.91 18.73
CA LEU A 505 -20.53 43.71 19.49
C LEU A 505 -21.90 43.15 19.15
N GLU A 506 -22.90 44.02 19.02
CA GLU A 506 -24.26 43.56 18.76
C GLU A 506 -24.38 42.98 17.35
N LEU A 507 -23.86 43.70 16.35
CA LEU A 507 -23.93 43.22 14.98
C LEU A 507 -23.01 42.03 14.75
N GLY A 508 -21.74 42.15 15.20
CA GLY A 508 -20.78 41.09 14.98
C GLY A 508 -21.10 39.82 15.75
N GLY A 509 -21.68 39.95 16.94
CA GLY A 509 -21.97 38.80 17.77
C GLY A 509 -22.91 37.80 17.13
N LEU A 510 -23.73 38.24 16.17
CA LEU A 510 -24.63 37.34 15.48
C LEU A 510 -23.94 36.56 14.36
N GLY A 511 -22.68 36.87 14.05
CA GLY A 511 -21.96 36.19 13.00
C GLY A 511 -22.11 36.85 11.66
N GLU A 512 -21.82 38.15 11.59
CA GLU A 512 -21.98 38.92 10.37
C GLU A 512 -20.72 39.74 10.12
N ARG A 513 -20.33 39.86 8.85
CA ARG A 513 -19.18 40.66 8.49
C ARG A 513 -19.58 42.13 8.45
N VAL A 514 -18.77 42.98 9.08
CA VAL A 514 -19.09 44.40 9.24
C VAL A 514 -18.00 45.22 8.54
N LEU A 515 -18.44 46.19 7.73
CA LEU A 515 -17.54 47.10 7.03
C LEU A 515 -17.85 48.53 7.45
N GLY A 516 -16.82 49.28 7.86
CA GLY A 516 -16.97 50.67 8.23
C GLY A 516 -16.57 51.58 7.08
N PHE A 517 -17.22 52.75 7.03
CA PHE A 517 -17.04 53.67 5.90
C PHE A 517 -16.73 55.07 6.38
N CYS A 518 -15.91 55.79 5.61
CA CYS A 518 -15.57 57.19 5.88
C CYS A 518 -15.45 57.96 4.58
N HIS A 519 -15.87 59.22 4.59
CA HIS A 519 -15.62 60.14 3.50
C HIS A 519 -15.06 61.45 4.05
N LEU A 520 -14.11 62.03 3.32
CA LEU A 520 -13.47 63.27 3.71
C LEU A 520 -13.45 64.24 2.54
N PHE A 521 -13.77 65.51 2.81
CA PHE A 521 -13.67 66.57 1.82
C PHE A 521 -12.31 67.24 1.96
N LEU A 522 -11.43 67.00 1.01
CA LEU A 522 -10.08 67.51 1.10
C LEU A 522 -10.07 69.03 0.93
N PRO A 523 -9.28 69.75 1.73
CA PRO A 523 -9.23 71.21 1.59
C PRO A 523 -8.60 71.62 0.27
N ASP A 524 -9.06 72.76 -0.24
CA ASP A 524 -8.54 73.27 -1.51
C ASP A 524 -7.26 74.08 -1.31
N GLU A 525 -7.06 74.65 -0.12
CA GLU A 525 -5.84 75.41 0.13
C GLU A 525 -4.61 74.51 0.05
N GLN A 526 -4.68 73.33 0.65
CA GLN A 526 -3.54 72.41 0.62
C GLN A 526 -3.39 71.77 -0.75
N PHE A 527 -4.50 71.45 -1.40
CA PHE A 527 -4.48 70.78 -2.70
C PHE A 527 -5.25 71.58 -3.74
N PRO A 528 -4.57 72.17 -4.73
CA PRO A 528 -5.30 72.86 -5.82
C PRO A 528 -6.05 71.88 -6.71
N GLU A 529 -6.71 72.40 -7.74
CA GLU A 529 -7.43 71.53 -8.66
C GLU A 529 -6.47 70.60 -9.41
N GLY A 530 -5.33 71.13 -9.84
CA GLY A 530 -4.33 70.31 -10.50
C GLY A 530 -3.27 69.80 -9.55
N PHE A 531 -3.39 68.54 -9.15
CA PHE A 531 -2.46 67.92 -8.21
C PHE A 531 -1.99 66.58 -8.75
N GLN A 532 -0.72 66.28 -8.55
CA GLN A 532 -0.11 65.04 -9.05
C GLN A 532 -0.06 64.04 -7.90
N PHE A 533 -1.11 63.24 -7.78
CA PHE A 533 -1.16 62.20 -6.76
C PHE A 533 -0.21 61.06 -7.10
N ASP A 534 0.51 60.57 -6.09
CA ASP A 534 1.43 59.46 -6.25
C ASP A 534 1.31 58.53 -5.06
N THR A 535 1.40 57.23 -5.33
CA THR A 535 1.34 56.25 -4.25
C THR A 535 2.54 56.38 -3.31
N ASP A 536 3.73 56.61 -3.87
CA ASP A 536 4.93 56.73 -3.04
C ASP A 536 4.85 57.96 -2.14
N ASP A 537 4.41 59.08 -2.68
CA ASP A 537 4.28 60.31 -1.91
C ASP A 537 3.04 60.24 -1.01
N VAL A 538 3.08 61.01 0.08
CA VAL A 538 1.94 61.05 0.99
C VAL A 538 0.73 61.68 0.30
N ASN A 539 0.93 62.85 -0.32
CA ASN A 539 -0.11 63.53 -1.08
C ASN A 539 -1.41 63.69 -0.30
N PHE A 540 -2.38 62.83 -0.58
CA PHE A 540 -3.71 62.97 -0.02
C PHE A 540 -3.68 62.77 1.50
N PRO A 541 -4.63 63.38 2.22
CA PRO A 541 -4.68 63.21 3.68
C PRO A 541 -5.19 61.84 4.08
N ILE A 542 -4.29 60.86 4.15
CA ILE A 542 -4.65 59.49 4.50
C ILE A 542 -5.32 59.41 5.87
N ASP A 543 -5.02 60.36 6.76
CA ASP A 543 -5.57 60.38 8.11
C ASP A 543 -6.56 61.53 8.27
N ASN A 544 -7.21 61.55 9.43
CA ASN A 544 -8.15 62.61 9.81
C ASN A 544 -9.33 62.71 8.84
N LEU A 545 -10.08 61.61 8.74
CA LEU A 545 -11.28 61.56 7.93
C LEU A 545 -12.51 61.74 8.81
N CYS A 546 -13.69 61.62 8.20
CA CYS A 546 -14.96 61.71 8.89
C CYS A 546 -15.69 60.39 8.78
N PHE A 547 -16.04 59.80 9.93
CA PHE A 547 -16.74 58.53 9.95
C PHE A 547 -18.21 58.72 9.60
N VAL A 548 -18.81 57.69 9.01
CA VAL A 548 -20.22 57.73 8.65
C VAL A 548 -20.97 56.61 9.34
N GLY A 549 -20.58 55.36 9.09
CA GLY A 549 -21.30 54.26 9.69
C GLY A 549 -20.72 52.91 9.33
N LEU A 550 -21.48 51.89 9.70
CA LEU A 550 -21.13 50.48 9.53
C LEU A 550 -22.24 49.78 8.78
N ILE A 551 -21.87 48.89 7.86
CA ILE A 551 -22.80 48.03 7.15
C ILE A 551 -22.43 46.59 7.48
N SER A 552 -23.38 45.84 8.03
CA SER A 552 -23.16 44.48 8.48
C SER A 552 -23.99 43.54 7.63
N MET A 553 -23.32 42.58 6.98
CA MET A 553 -23.95 41.63 6.08
C MET A 553 -23.77 40.22 6.64
N ILE A 554 -24.82 39.40 6.49
CA ILE A 554 -24.77 38.05 7.00
C ILE A 554 -24.03 37.14 6.02
N ASP A 555 -23.61 35.98 6.52
CA ASP A 555 -22.96 34.96 5.72
C ASP A 555 -23.12 33.62 6.43
N PRO A 556 -24.22 32.90 6.18
CA PRO A 556 -24.50 31.68 6.95
C PRO A 556 -23.42 30.63 6.73
N PRO A 557 -23.07 29.88 7.78
CA PRO A 557 -22.13 28.78 7.61
C PRO A 557 -22.70 27.72 6.68
N ARG A 558 -21.79 27.07 5.94
CA ARG A 558 -22.20 26.04 4.99
C ARG A 558 -22.89 24.90 5.72
N ALA A 559 -23.86 24.28 5.04
CA ALA A 559 -24.73 23.31 5.69
C ALA A 559 -23.96 22.07 6.15
N ALA A 560 -23.02 21.60 5.34
CA ALA A 560 -22.28 20.39 5.67
C ALA A 560 -21.10 20.64 6.59
N VAL A 561 -20.77 21.91 6.86
CA VAL A 561 -19.60 22.21 7.70
C VAL A 561 -19.75 21.69 9.12
N PRO A 562 -20.85 21.91 9.84
CA PRO A 562 -20.91 21.47 11.24
C PRO A 562 -20.68 19.98 11.43
N ASP A 563 -21.24 19.13 10.56
CA ASP A 563 -21.05 17.70 10.70
C ASP A 563 -19.61 17.30 10.40
N ALA A 564 -19.00 17.90 9.40
CA ALA A 564 -17.61 17.61 9.08
C ALA A 564 -16.69 18.04 10.23
N VAL A 565 -16.96 19.19 10.83
CA VAL A 565 -16.17 19.64 11.97
C VAL A 565 -16.33 18.70 13.15
N GLY A 566 -17.57 18.26 13.40
CA GLY A 566 -17.78 17.29 14.47
C GLY A 566 -17.05 15.99 14.24
N LYS A 567 -17.07 15.48 13.00
CA LYS A 567 -16.34 14.25 12.68
C LYS A 567 -14.84 14.44 12.84
N CYS A 568 -14.31 15.58 12.38
CA CYS A 568 -12.88 15.84 12.54
C CYS A 568 -12.49 15.89 14.01
N ARG A 569 -13.28 16.56 14.84
CA ARG A 569 -12.94 16.68 16.25
C ARG A 569 -13.22 15.41 17.03
N SER A 570 -14.04 14.50 16.51
CA SER A 570 -14.21 13.19 17.12
C SER A 570 -13.16 12.20 16.67
N ALA A 571 -12.53 12.43 15.51
CA ALA A 571 -11.47 11.57 15.02
C ALA A 571 -10.10 11.96 15.53
N GLY A 572 -10.01 12.97 16.38
CA GLY A 572 -8.74 13.38 16.96
C GLY A 572 -8.00 14.48 16.22
N ILE A 573 -8.67 15.15 15.28
CA ILE A 573 -8.04 16.20 14.49
C ILE A 573 -8.40 17.56 15.08
N LYS A 574 -7.38 18.37 15.36
CA LYS A 574 -7.61 19.69 15.92
C LYS A 574 -7.92 20.67 14.79
N VAL A 575 -9.10 21.29 14.85
CA VAL A 575 -9.54 22.24 13.84
C VAL A 575 -9.27 23.65 14.35
N ILE A 576 -8.43 24.39 13.63
CA ILE A 576 -8.11 25.77 13.92
C ILE A 576 -8.69 26.64 12.82
N MET A 577 -9.29 27.76 13.21
CA MET A 577 -9.83 28.72 12.25
C MET A 577 -8.86 29.89 12.14
N VAL A 578 -8.33 30.10 10.94
CA VAL A 578 -7.45 31.22 10.65
C VAL A 578 -8.21 32.14 9.69
N THR A 579 -8.56 33.33 10.17
CA THR A 579 -9.33 34.27 9.38
C THR A 579 -8.81 35.68 9.60
N GLY A 580 -9.08 36.55 8.63
CA GLY A 580 -8.74 37.95 8.72
C GLY A 580 -9.85 38.83 9.25
N ASP A 581 -10.94 38.24 9.73
CA ASP A 581 -12.09 38.99 10.23
C ASP A 581 -11.92 39.30 11.71
N HIS A 582 -12.84 40.11 12.24
CA HIS A 582 -12.76 40.54 13.62
C HIS A 582 -12.95 39.35 14.57
N PRO A 583 -12.35 39.40 15.76
CA PRO A 583 -12.52 38.28 16.70
C PRO A 583 -13.96 38.01 17.08
N ILE A 584 -14.81 39.03 17.13
CA ILE A 584 -16.22 38.80 17.49
C ILE A 584 -16.90 37.95 16.42
N THR A 585 -16.75 38.35 15.15
CA THR A 585 -17.38 37.61 14.06
C THR A 585 -16.80 36.21 13.93
N ALA A 586 -15.47 36.09 14.04
CA ALA A 586 -14.83 34.79 13.93
C ALA A 586 -15.28 33.86 15.05
N LYS A 587 -15.36 34.38 16.28
CA LYS A 587 -15.77 33.56 17.41
C LYS A 587 -17.23 33.14 17.29
N ALA A 588 -18.10 34.06 16.84
CA ALA A 588 -19.50 33.69 16.64
C ALA A 588 -19.64 32.61 15.59
N ILE A 589 -18.91 32.73 14.48
CA ILE A 589 -18.98 31.72 13.43
C ILE A 589 -18.42 30.39 13.93
N ALA A 590 -17.33 30.43 14.69
CA ALA A 590 -16.74 29.20 15.22
C ALA A 590 -17.72 28.49 16.16
N LYS A 591 -18.41 29.25 17.01
CA LYS A 591 -19.43 28.65 17.86
C LYS A 591 -20.59 28.11 17.03
N GLY A 592 -20.92 28.77 15.92
CA GLY A 592 -21.99 28.29 15.07
C GLY A 592 -21.67 26.97 14.39
N VAL A 593 -20.44 26.83 13.88
CA VAL A 593 -20.08 25.61 13.16
C VAL A 593 -19.63 24.50 14.09
N GLY A 594 -19.33 24.80 15.35
CA GLY A 594 -18.92 23.79 16.30
C GLY A 594 -17.44 23.71 16.57
N ILE A 595 -16.64 24.62 16.01
CA ILE A 595 -15.21 24.62 16.31
C ILE A 595 -14.98 24.96 17.78
N ILE A 596 -15.69 25.96 18.29
CA ILE A 596 -15.70 26.28 19.71
C ILE A 596 -17.01 25.73 20.27
N SER A 597 -16.91 24.69 21.09
CA SER A 597 -18.09 23.98 21.56
C SER A 597 -18.82 24.81 22.62
N GLU A 598 -19.84 24.19 23.21
CA GLU A 598 -20.61 24.80 24.29
C GLU A 598 -20.11 24.23 25.61
N GLY A 599 -19.69 25.10 26.51
CA GLY A 599 -19.04 24.72 27.75
C GLY A 599 -17.57 25.07 27.83
N ASN A 600 -16.95 25.44 26.71
CA ASN A 600 -15.58 25.93 26.70
C ASN A 600 -15.60 27.46 26.60
N GLU A 601 -14.91 28.12 27.51
CA GLU A 601 -14.94 29.57 27.61
C GLU A 601 -13.55 30.14 27.36
N THR A 602 -13.52 31.34 26.80
CA THR A 602 -12.27 32.06 26.60
C THR A 602 -11.86 32.74 27.89
N VAL A 603 -10.64 33.29 27.92
CA VAL A 603 -10.19 34.05 29.07
C VAL A 603 -11.06 35.27 29.27
N GLU A 604 -11.33 36.01 28.19
CA GLU A 604 -12.20 37.17 28.27
C GLU A 604 -13.62 36.76 28.65
N ASP A 605 -14.09 35.61 28.15
CA ASP A 605 -15.41 35.13 28.52
C ASP A 605 -15.50 34.82 30.01
N ILE A 606 -14.46 34.18 30.56
CA ILE A 606 -14.44 33.89 31.99
C ILE A 606 -14.43 35.20 32.79
N ALA A 607 -13.60 36.16 32.36
CA ALA A 607 -13.52 37.44 33.07
C ALA A 607 -14.87 38.15 33.07
N ALA A 608 -15.56 38.15 31.93
CA ALA A 608 -16.86 38.80 31.86
C ALA A 608 -17.90 38.05 32.68
N ARG A 609 -17.83 36.71 32.69
CA ARG A 609 -18.77 35.91 33.47
C ARG A 609 -18.61 36.18 34.97
N LEU A 610 -17.36 36.29 35.44
CA LEU A 610 -17.09 36.53 36.84
C LEU A 610 -17.10 38.01 37.20
N ASN A 611 -17.36 38.90 36.25
CA ASN A 611 -17.36 40.34 36.47
C ASN A 611 -16.02 40.83 37.02
N ILE A 612 -14.94 40.21 36.56
CA ILE A 612 -13.59 40.57 36.98
C ILE A 612 -12.82 41.01 35.75
N PRO A 613 -11.73 41.78 35.90
CA PRO A 613 -10.98 42.23 34.71
C PRO A 613 -10.39 41.07 33.94
N VAL A 614 -9.92 41.37 32.73
CA VAL A 614 -9.30 40.36 31.88
C VAL A 614 -8.04 39.81 32.55
N SER A 615 -7.28 40.68 33.20
CA SER A 615 -6.14 40.24 33.97
C SER A 615 -6.61 39.52 35.24
N GLN A 616 -5.65 38.92 35.96
CA GLN A 616 -5.84 38.17 37.19
C GLN A 616 -6.56 36.84 36.94
N VAL A 617 -6.99 36.57 35.71
CA VAL A 617 -7.61 35.29 35.37
C VAL A 617 -6.52 34.36 34.85
N ASN A 618 -6.43 33.18 35.43
CA ASN A 618 -5.40 32.24 35.03
C ASN A 618 -5.68 31.75 33.61
N PRO A 619 -4.74 31.92 32.68
CA PRO A 619 -5.01 31.52 31.28
C PRO A 619 -5.31 30.04 31.12
N ARG A 620 -4.82 29.19 32.01
CA ARG A 620 -5.08 27.76 31.89
C ARG A 620 -6.51 27.38 32.25
N ASP A 621 -7.28 28.31 32.82
CA ASP A 621 -8.69 28.04 33.09
C ASP A 621 -9.52 27.98 31.81
N ALA A 622 -8.97 28.47 30.69
CA ALA A 622 -9.68 28.52 29.43
C ALA A 622 -9.01 27.58 28.43
N LYS A 623 -9.79 26.66 27.88
CA LYS A 623 -9.30 25.76 26.85
C LYS A 623 -9.54 26.27 25.43
N ALA A 624 -10.29 27.36 25.28
CA ALA A 624 -10.56 27.96 23.99
C ALA A 624 -10.03 29.38 23.98
N CYS A 625 -9.33 29.75 22.91
CA CYS A 625 -8.73 31.07 22.80
C CYS A 625 -8.99 31.66 21.42
N VAL A 626 -9.15 32.98 21.38
CA VAL A 626 -9.33 33.73 20.13
C VAL A 626 -8.20 34.75 20.08
N VAL A 627 -7.12 34.40 19.41
CA VAL A 627 -5.93 35.24 19.35
C VAL A 627 -6.10 36.25 18.23
N HIS A 628 -5.94 37.53 18.57
CA HIS A 628 -5.98 38.59 17.57
C HIS A 628 -4.70 38.56 16.73
N GLY A 629 -4.82 39.01 15.48
CA GLY A 629 -3.68 38.96 14.58
C GLY A 629 -2.57 39.90 14.98
N SER A 630 -2.91 41.10 15.45
CA SER A 630 -1.89 42.06 15.84
C SER A 630 -1.11 41.60 17.06
N ASP A 631 -1.74 40.84 17.95
CA ASP A 631 -1.02 40.29 19.09
C ASP A 631 -0.02 39.22 18.67
N LEU A 632 -0.31 38.51 17.58
CA LEU A 632 0.59 37.46 17.12
C LEU A 632 1.91 38.02 16.61
N LYS A 633 1.95 39.29 16.20
CA LYS A 633 3.19 39.88 15.70
C LYS A 633 4.25 39.91 16.80
N ASP A 634 3.86 40.21 18.03
CA ASP A 634 4.79 40.34 19.14
C ASP A 634 5.01 39.03 19.88
N MET A 635 4.39 37.93 19.45
CA MET A 635 4.55 36.66 20.13
C MET A 635 5.87 36.00 19.77
N THR A 636 6.37 35.19 20.68
CA THR A 636 7.62 34.47 20.51
C THR A 636 7.34 33.05 20.03
N SER A 637 8.40 32.39 19.53
CA SER A 637 8.26 31.01 19.06
C SER A 637 7.84 30.09 20.20
N GLU A 638 8.45 30.25 21.38
CA GLU A 638 8.03 29.48 22.54
C GLU A 638 6.63 29.88 22.99
N GLN A 639 6.32 31.18 22.95
CA GLN A 639 5.01 31.64 23.38
C GLN A 639 3.90 31.11 22.48
N LEU A 640 4.15 31.05 21.16
CA LEU A 640 3.15 30.50 20.25
C LEU A 640 2.91 29.03 20.52
N ASP A 641 3.96 28.27 20.81
CA ASP A 641 3.81 26.85 21.09
C ASP A 641 2.93 26.60 22.32
N ASP A 642 2.99 27.50 23.31
CA ASP A 642 2.08 27.39 24.45
C ASP A 642 0.64 27.57 24.01
N ILE A 643 0.39 28.51 23.10
CA ILE A 643 -0.96 28.73 22.58
C ILE A 643 -1.45 27.50 21.83
N LEU A 644 -0.60 26.95 20.96
CA LEU A 644 -1.03 25.87 20.07
C LEU A 644 -1.12 24.52 20.74
N LYS A 645 -0.62 24.37 21.96
CA LYS A 645 -0.65 23.07 22.64
C LYS A 645 -1.47 23.05 23.92
N TYR A 646 -1.83 24.20 24.48
CA TYR A 646 -2.64 24.25 25.68
C TYR A 646 -4.12 24.46 25.40
N HIS A 647 -4.48 24.96 24.23
CA HIS A 647 -5.86 25.29 23.89
C HIS A 647 -6.40 24.29 22.88
N THR A 648 -7.54 23.68 23.19
CA THR A 648 -8.17 22.74 22.27
C THR A 648 -8.86 23.44 21.12
N GLU A 649 -9.48 24.60 21.39
CA GLU A 649 -10.27 25.33 20.41
C GLU A 649 -9.63 26.69 20.19
N ILE A 650 -8.89 26.83 19.09
CA ILE A 650 -8.10 28.01 18.81
C ILE A 650 -8.66 28.70 17.57
N VAL A 651 -8.88 30.01 17.67
CA VAL A 651 -9.28 30.84 16.56
C VAL A 651 -8.22 31.93 16.39
N PHE A 652 -7.86 32.25 15.16
CA PHE A 652 -6.94 33.33 14.86
C PHE A 652 -7.69 34.37 14.04
N ALA A 653 -7.86 35.56 14.59
CA ALA A 653 -8.63 36.62 13.95
C ALA A 653 -7.74 37.80 13.61
N ARG A 654 -8.14 38.54 12.57
CA ARG A 654 -7.40 39.70 12.08
C ARG A 654 -5.96 39.32 11.71
N THR A 655 -5.78 38.13 11.14
CA THR A 655 -4.48 37.68 10.72
C THR A 655 -4.11 38.27 9.36
N SER A 656 -2.92 37.94 8.89
CA SER A 656 -2.40 38.39 7.62
C SER A 656 -1.82 37.20 6.87
N PRO A 657 -1.62 37.33 5.55
CA PRO A 657 -1.06 36.20 4.79
C PRO A 657 0.23 35.63 5.36
N GLN A 658 1.11 36.49 5.90
CA GLN A 658 2.35 35.97 6.49
C GLN A 658 2.08 35.26 7.80
N GLN A 659 1.16 35.79 8.61
CA GLN A 659 0.84 35.16 9.89
C GLN A 659 0.23 33.79 9.73
N LYS A 660 -0.48 33.53 8.62
CA LYS A 660 -0.94 32.18 8.35
C LYS A 660 0.22 31.23 8.15
N LEU A 661 1.26 31.68 7.44
CA LEU A 661 2.48 30.88 7.31
C LEU A 661 3.14 30.65 8.66
N ILE A 662 3.15 31.67 9.52
CA ILE A 662 3.72 31.53 10.86
C ILE A 662 2.95 30.48 11.65
N ILE A 663 1.62 30.52 11.59
CA ILE A 663 0.81 29.54 12.31
C ILE A 663 1.06 28.15 11.78
N VAL A 664 1.14 28.00 10.45
CA VAL A 664 1.38 26.69 9.86
C VAL A 664 2.73 26.13 10.29
N GLU A 665 3.77 26.96 10.27
CA GLU A 665 5.09 26.47 10.65
C GLU A 665 5.15 26.15 12.14
N GLY A 666 4.45 26.91 12.98
CA GLY A 666 4.40 26.55 14.39
C GLY A 666 3.69 25.23 14.63
N CYS A 667 2.56 25.02 13.95
CA CYS A 667 1.83 23.76 14.09
C CYS A 667 2.68 22.59 13.59
N GLN A 668 3.43 22.78 12.51
CA GLN A 668 4.31 21.72 12.03
C GLN A 668 5.49 21.49 12.97
N ARG A 669 5.97 22.54 13.64
CA ARG A 669 6.99 22.35 14.66
C ARG A 669 6.46 21.52 15.82
N GLN A 670 5.20 21.72 16.19
CA GLN A 670 4.64 20.94 17.29
C GLN A 670 4.19 19.56 16.83
N GLY A 671 5.05 18.85 16.13
CA GLY A 671 4.83 17.47 15.72
C GLY A 671 3.44 17.14 15.19
N ALA A 672 2.93 17.96 14.27
CA ALA A 672 1.59 17.76 13.72
C ALA A 672 1.63 17.86 12.20
N ILE A 673 0.78 17.06 11.57
CA ILE A 673 0.60 17.11 10.12
C ILE A 673 -0.57 18.04 9.82
N VAL A 674 -0.31 19.11 9.09
CA VAL A 674 -1.24 20.22 8.94
C VAL A 674 -1.86 20.19 7.56
N ALA A 675 -3.18 20.28 7.50
CA ALA A 675 -3.93 20.43 6.25
C ALA A 675 -4.51 21.84 6.25
N VAL A 676 -4.06 22.68 5.32
CA VAL A 676 -4.48 24.06 5.24
C VAL A 676 -5.47 24.21 4.09
N THR A 677 -6.62 24.81 4.39
CA THR A 677 -7.67 25.03 3.39
C THR A 677 -7.64 26.51 3.01
N GLY A 678 -7.05 26.81 1.86
CA GLY A 678 -6.97 28.18 1.39
C GLY A 678 -7.42 28.28 -0.05
N ASP A 679 -8.06 29.41 -0.35
CA ASP A 679 -8.62 29.64 -1.68
C ASP A 679 -8.03 30.85 -2.38
N GLY A 680 -7.78 31.95 -1.66
CA GLY A 680 -7.28 33.16 -2.27
C GLY A 680 -5.78 33.15 -2.49
N VAL A 681 -5.29 34.25 -3.05
CA VAL A 681 -3.86 34.41 -3.26
C VAL A 681 -3.12 34.61 -1.95
N ASN A 682 -3.83 34.99 -0.88
CA ASN A 682 -3.21 35.15 0.43
C ASN A 682 -3.00 33.83 1.15
N ASP A 683 -3.24 32.70 0.49
CA ASP A 683 -2.96 31.37 1.03
C ASP A 683 -1.95 30.60 0.19
N SER A 684 -1.36 31.24 -0.82
CA SER A 684 -0.44 30.52 -1.70
C SER A 684 0.78 29.94 -0.99
N PRO A 685 1.49 30.68 -0.13
CA PRO A 685 2.65 30.07 0.55
C PRO A 685 2.25 29.10 1.65
N ALA A 686 1.12 29.33 2.33
CA ALA A 686 0.69 28.41 3.37
C ALA A 686 0.34 27.05 2.79
N LEU A 687 -0.31 27.02 1.62
CA LEU A 687 -0.63 25.75 0.98
C LEU A 687 0.63 24.98 0.61
N LYS A 688 1.65 25.68 0.11
CA LYS A 688 2.91 25.02 -0.23
C LYS A 688 3.63 24.52 1.01
N LYS A 689 3.56 25.28 2.11
CA LYS A 689 4.25 24.88 3.33
C LYS A 689 3.55 23.72 4.03
N ALA A 690 2.22 23.66 3.96
CA ALA A 690 1.49 22.62 4.68
C ALA A 690 1.81 21.24 4.12
N ASP A 691 1.68 20.24 4.98
CA ASP A 691 1.93 18.86 4.55
C ASP A 691 0.97 18.45 3.45
N ILE A 692 -0.31 18.78 3.60
CA ILE A 692 -1.32 18.56 2.57
C ILE A 692 -2.12 19.84 2.40
N GLY A 693 -2.07 20.41 1.20
CA GLY A 693 -2.75 21.67 0.93
C GLY A 693 -4.02 21.43 0.15
N VAL A 694 -5.11 22.07 0.60
CA VAL A 694 -6.42 21.92 0.00
C VAL A 694 -6.87 23.28 -0.52
N ALA A 695 -7.21 23.34 -1.80
CA ALA A 695 -7.75 24.55 -2.42
C ALA A 695 -9.25 24.41 -2.61
N MET A 696 -9.85 25.40 -3.27
CA MET A 696 -11.27 25.38 -3.58
C MET A 696 -11.46 25.41 -5.09
N GLY A 697 -12.34 24.53 -5.58
CA GLY A 697 -12.51 24.40 -7.02
C GLY A 697 -13.29 25.52 -7.67
N ILE A 698 -14.02 26.32 -6.88
CA ILE A 698 -14.82 27.40 -7.43
C ILE A 698 -14.30 28.73 -6.90
N ALA A 699 -14.35 28.91 -5.58
CA ALA A 699 -13.92 30.17 -4.98
C ALA A 699 -12.40 30.34 -5.02
N GLY A 700 -11.65 29.25 -5.15
CA GLY A 700 -10.21 29.36 -5.13
C GLY A 700 -9.66 30.07 -6.37
N SER A 701 -8.55 30.76 -6.17
CA SER A 701 -7.88 31.44 -7.27
C SER A 701 -7.14 30.43 -8.13
N ASP A 702 -6.42 30.92 -9.14
CA ASP A 702 -5.66 30.05 -10.02
C ASP A 702 -4.25 29.77 -9.53
N VAL A 703 -3.86 30.35 -8.41
CA VAL A 703 -2.57 30.04 -7.78
C VAL A 703 -2.74 29.10 -6.59
N SER A 704 -3.83 29.27 -5.83
CA SER A 704 -4.12 28.33 -4.75
C SER A 704 -4.35 26.93 -5.29
N LYS A 705 -5.05 26.82 -6.43
CA LYS A 705 -5.27 25.51 -7.03
C LYS A 705 -3.98 24.91 -7.57
N GLN A 706 -3.07 25.74 -8.08
CA GLN A 706 -1.78 25.24 -8.55
C GLN A 706 -0.84 24.87 -7.42
N ALA A 707 -1.02 25.45 -6.23
CA ALA A 707 -0.14 25.17 -5.11
C ALA A 707 -0.65 24.06 -4.19
N ALA A 708 -1.94 23.74 -4.25
CA ALA A 708 -2.52 22.77 -3.35
C ALA A 708 -2.35 21.34 -3.87
N ASP A 709 -2.31 20.40 -2.94
CA ASP A 709 -2.25 18.98 -3.26
C ASP A 709 -3.61 18.35 -3.45
N MET A 710 -4.69 19.08 -3.18
CA MET A 710 -6.04 18.57 -3.31
C MET A 710 -6.95 19.75 -3.66
N ILE A 711 -7.97 19.48 -4.48
CA ILE A 711 -8.91 20.51 -4.92
C ILE A 711 -10.31 20.01 -4.67
N LEU A 712 -11.11 20.78 -3.93
CA LEU A 712 -12.50 20.46 -3.67
C LEU A 712 -13.33 21.09 -4.77
N LEU A 713 -13.74 20.27 -5.75
CA LEU A 713 -14.39 20.78 -6.95
C LEU A 713 -15.77 21.35 -6.69
N ASP A 714 -16.35 21.12 -5.51
CA ASP A 714 -17.63 21.70 -5.14
C ASP A 714 -17.51 22.54 -3.87
N ASP A 715 -16.30 22.86 -3.45
CA ASP A 715 -16.00 23.66 -2.26
C ASP A 715 -16.53 23.04 -0.98
N ASN A 716 -16.97 21.78 -1.02
CA ASN A 716 -17.62 21.15 0.11
C ASN A 716 -16.57 20.80 1.17
N PHE A 717 -16.75 21.33 2.38
CA PHE A 717 -15.86 20.98 3.49
C PHE A 717 -16.10 19.55 3.97
N ALA A 718 -17.23 18.95 3.61
CA ALA A 718 -17.51 17.57 3.96
C ALA A 718 -16.78 16.57 3.09
N SER A 719 -15.82 17.03 2.28
CA SER A 719 -14.97 16.14 1.50
C SER A 719 -13.61 15.91 2.15
N ILE A 720 -13.17 16.81 3.04
CA ILE A 720 -11.93 16.59 3.77
C ILE A 720 -12.06 15.37 4.66
N VAL A 721 -13.23 15.17 5.28
CA VAL A 721 -13.45 14.00 6.12
C VAL A 721 -13.39 12.72 5.29
N THR A 722 -13.99 12.75 4.09
CA THR A 722 -13.91 11.60 3.20
C THR A 722 -12.47 11.31 2.81
N GLY A 723 -11.70 12.35 2.51
CA GLY A 723 -10.30 12.15 2.18
C GLY A 723 -9.50 11.56 3.32
N VAL A 724 -9.76 12.03 4.54
CA VAL A 724 -9.07 11.50 5.72
C VAL A 724 -9.44 10.03 5.92
N GLU A 725 -10.73 9.70 5.78
CA GLU A 725 -11.16 8.33 5.97
C GLU A 725 -10.52 7.40 4.93
N GLU A 726 -10.46 7.84 3.67
CA GLU A 726 -9.83 7.03 2.64
C GLU A 726 -8.32 6.91 2.84
N GLY A 727 -7.67 7.95 3.34
CA GLY A 727 -6.27 7.88 3.66
C GLY A 727 -5.98 6.89 4.77
N ARG A 728 -6.84 6.85 5.78
CA ARG A 728 -6.71 5.85 6.83
C ARG A 728 -6.95 4.45 6.29
N LEU A 729 -7.94 4.30 5.40
CA LEU A 729 -8.27 3.00 4.84
C LEU A 729 -7.12 2.44 4.01
N ILE A 730 -6.45 3.31 3.24
CA ILE A 730 -5.31 2.86 2.44
C ILE A 730 -4.25 2.23 3.33
N PHE A 731 -3.87 2.94 4.40
CA PHE A 731 -2.84 2.43 5.30
C PHE A 731 -3.28 1.14 5.98
N ASP A 732 -4.53 1.09 6.43
CA ASP A 732 -5.03 -0.13 7.07
C ASP A 732 -4.95 -1.32 6.13
N ASN A 733 -5.41 -1.15 4.89
CA ASN A 733 -5.40 -2.25 3.94
C ASN A 733 -3.98 -2.67 3.59
N LEU A 734 -3.08 -1.70 3.41
CA LEU A 734 -1.69 -2.04 3.10
C LEU A 734 -1.05 -2.83 4.22
N LYS A 735 -1.26 -2.42 5.47
CA LYS A 735 -0.62 -3.14 6.57
C LYS A 735 -1.27 -4.49 6.80
N LYS A 736 -2.58 -4.62 6.54
CA LYS A 736 -3.20 -5.94 6.59
C LYS A 736 -2.61 -6.88 5.55
N SER A 737 -2.42 -6.37 4.32
CA SER A 737 -1.83 -7.19 3.27
C SER A 737 -0.41 -7.60 3.62
N ILE A 738 0.38 -6.68 4.17
CA ILE A 738 1.75 -7.01 4.57
C ILE A 738 1.76 -8.07 5.66
N ALA A 739 0.87 -7.92 6.65
CA ALA A 739 0.80 -8.90 7.74
C ALA A 739 0.43 -10.28 7.22
N TYR A 740 -0.55 -10.34 6.30
CA TYR A 740 -0.91 -11.63 5.73
C TYR A 740 0.23 -12.23 4.93
N THR A 741 0.93 -11.40 4.15
CA THR A 741 2.02 -11.91 3.32
C THR A 741 3.15 -12.48 4.16
N LEU A 742 3.49 -11.81 5.25
CA LEU A 742 4.67 -12.21 6.02
C LEU A 742 4.49 -13.49 6.81
N THR A 743 3.27 -14.04 6.91
CA THR A 743 3.05 -15.19 7.77
C THR A 743 3.64 -16.47 7.19
N SER A 744 3.73 -16.57 5.87
CA SER A 744 4.08 -17.82 5.21
C SER A 744 5.58 -18.05 5.06
N ASN A 745 6.42 -17.13 5.58
CA ASN A 745 7.86 -17.30 5.43
C ASN A 745 8.40 -18.39 6.34
N ILE A 746 7.93 -18.43 7.59
CA ILE A 746 8.39 -19.46 8.53
C ILE A 746 8.03 -20.88 8.06
N PRO A 747 6.81 -21.16 7.61
CA PRO A 747 6.51 -22.52 7.12
C PRO A 747 7.34 -22.93 5.92
N GLU A 748 7.91 -21.98 5.18
CA GLU A 748 8.70 -22.29 4.00
C GLU A 748 10.19 -22.41 4.26
N ILE A 749 10.65 -22.05 5.45
CA ILE A 749 12.06 -22.16 5.78
C ILE A 749 12.32 -23.09 6.96
N THR A 750 11.33 -23.35 7.82
CA THR A 750 11.51 -24.26 8.94
C THR A 750 11.71 -25.72 8.53
N PRO A 751 11.03 -26.22 7.48
CA PRO A 751 11.29 -27.62 7.09
C PRO A 751 12.75 -27.91 6.77
N PHE A 752 13.46 -27.00 6.10
CA PHE A 752 14.86 -27.26 5.77
C PHE A 752 15.74 -27.21 7.02
N LEU A 753 15.46 -26.28 7.93
CA LEU A 753 16.23 -26.21 9.17
C LEU A 753 16.02 -27.47 10.01
N ILE A 754 14.79 -27.94 10.12
CA ILE A 754 14.52 -29.17 10.86
C ILE A 754 15.14 -30.37 10.16
N PHE A 755 15.10 -30.37 8.82
CA PHE A 755 15.77 -31.39 8.04
C PHE A 755 17.24 -31.49 8.41
N ILE A 756 17.94 -30.37 8.39
CA ILE A 756 19.37 -30.35 8.72
C ILE A 756 19.59 -30.78 10.16
N ILE A 757 18.79 -30.25 11.09
CA ILE A 757 19.08 -30.42 12.50
C ILE A 757 18.76 -31.84 12.97
N ALA A 758 17.56 -32.33 12.67
CA ALA A 758 17.10 -33.62 13.16
C ALA A 758 17.38 -34.76 12.21
N ASN A 759 17.92 -34.50 11.02
CA ASN A 759 18.26 -35.55 10.05
C ASN A 759 17.04 -36.41 9.71
N ILE A 760 15.87 -35.77 9.66
CA ILE A 760 14.65 -36.42 9.20
C ILE A 760 14.57 -36.23 7.69
N PRO A 761 13.74 -37.00 6.97
CA PRO A 761 13.51 -36.71 5.55
C PRO A 761 12.99 -35.29 5.35
N LEU A 762 13.11 -34.81 4.12
CA LEU A 762 12.76 -33.43 3.82
C LEU A 762 11.25 -33.24 3.86
N PRO A 763 10.73 -32.33 4.68
CA PRO A 763 9.27 -32.13 4.74
C PRO A 763 8.70 -31.34 3.58
N LEU A 764 9.47 -30.41 3.01
CA LEU A 764 8.97 -29.54 1.96
C LEU A 764 10.05 -29.35 0.89
N GLY A 765 9.62 -29.36 -0.38
CA GLY A 765 10.52 -29.26 -1.50
C GLY A 765 10.35 -27.95 -2.25
N THR A 766 11.25 -27.73 -3.22
CA THR A 766 11.29 -26.46 -3.93
C THR A 766 10.02 -26.22 -4.74
N VAL A 767 9.54 -27.25 -5.44
CA VAL A 767 8.32 -27.11 -6.22
C VAL A 767 7.15 -26.74 -5.33
N THR A 768 7.02 -27.43 -4.20
CA THR A 768 5.97 -27.11 -3.24
C THR A 768 6.22 -25.78 -2.53
N ILE A 769 7.48 -25.39 -2.35
CA ILE A 769 7.76 -24.07 -1.78
C ILE A 769 7.25 -22.98 -2.69
N LEU A 770 7.47 -23.11 -4.00
CA LEU A 770 6.97 -22.13 -4.96
C LEU A 770 5.48 -22.26 -5.21
N CYS A 771 4.88 -23.42 -4.95
CA CYS A 771 3.43 -23.55 -5.02
C CYS A 771 2.73 -22.92 -3.83
N ILE A 772 3.35 -22.98 -2.65
CA ILE A 772 2.78 -22.30 -1.48
C ILE A 772 2.77 -20.79 -1.68
N ASP A 773 3.82 -20.26 -2.28
CA ASP A 773 3.99 -18.81 -2.41
C ASP A 773 3.21 -18.23 -3.58
N LEU A 774 3.22 -18.88 -4.75
CA LEU A 774 2.52 -18.35 -5.91
C LEU A 774 1.03 -18.63 -5.89
N GLY A 775 0.55 -19.50 -5.01
CA GLY A 775 -0.85 -19.84 -4.98
C GLY A 775 -1.62 -19.18 -3.85
N THR A 776 -0.98 -19.05 -2.69
CA THR A 776 -1.66 -18.58 -1.50
C THR A 776 -1.28 -17.16 -1.09
N ASP A 777 -0.21 -16.59 -1.64
CA ASP A 777 0.29 -15.31 -1.17
C ASP A 777 0.09 -14.16 -2.16
N MET A 778 -0.32 -14.43 -3.39
CA MET A 778 -0.52 -13.36 -4.37
C MET A 778 -1.97 -12.92 -4.48
N VAL A 779 -2.87 -13.83 -4.90
CA VAL A 779 -4.28 -13.46 -5.03
C VAL A 779 -4.92 -13.11 -3.70
N PRO A 780 -4.77 -13.92 -2.62
CA PRO A 780 -5.35 -13.51 -1.34
C PRO A 780 -4.77 -12.23 -0.77
N ALA A 781 -3.53 -11.88 -1.10
CA ALA A 781 -2.96 -10.62 -0.62
C ALA A 781 -3.42 -9.43 -1.44
N ILE A 782 -3.62 -9.60 -2.75
CA ILE A 782 -4.24 -8.55 -3.55
C ILE A 782 -5.70 -8.37 -3.19
N SER A 783 -6.38 -9.41 -2.74
CA SER A 783 -7.78 -9.32 -2.34
C SER A 783 -7.99 -8.53 -1.06
N LEU A 784 -6.94 -8.29 -0.28
CA LEU A 784 -7.05 -7.49 0.93
C LEU A 784 -7.04 -6.00 0.66
N ALA A 785 -6.70 -5.58 -0.56
CA ALA A 785 -6.79 -4.18 -0.95
C ALA A 785 -8.22 -3.73 -1.23
N TYR A 786 -9.14 -4.67 -1.40
CA TYR A 786 -10.55 -4.36 -1.59
C TYR A 786 -11.34 -4.32 -0.29
N GLU A 787 -10.67 -4.51 0.85
CA GLU A 787 -11.38 -4.61 2.12
C GLU A 787 -12.00 -3.27 2.50
N GLN A 788 -13.22 -3.33 3.03
CA GLN A 788 -13.93 -2.13 3.42
C GLN A 788 -13.34 -1.54 4.70
N ALA A 789 -13.76 -0.32 5.01
CA ALA A 789 -13.29 0.36 6.20
C ALA A 789 -13.90 -0.26 7.46
N GLU A 790 -13.20 -0.09 8.57
CA GLU A 790 -13.65 -0.61 9.85
C GLU A 790 -14.92 0.12 10.30
N SER A 791 -15.56 -0.44 11.33
CA SER A 791 -16.71 0.22 11.92
C SER A 791 -16.32 1.54 12.57
N ASP A 792 -15.15 1.58 13.21
CA ASP A 792 -14.65 2.76 13.90
C ASP A 792 -13.41 3.32 13.22
N ILE A 793 -13.41 3.37 11.89
CA ILE A 793 -12.25 3.86 11.16
C ILE A 793 -11.99 5.33 11.48
N MET A 794 -13.06 6.13 11.60
CA MET A 794 -12.96 7.55 11.88
C MET A 794 -13.17 7.89 13.34
N LYS A 795 -13.01 6.91 14.23
CA LYS A 795 -13.10 7.15 15.67
C LYS A 795 -11.78 6.88 16.38
N ARG A 796 -10.72 6.60 15.62
CA ARG A 796 -9.39 6.38 16.16
C ARG A 796 -8.57 7.65 16.02
N GLN A 797 -7.66 7.86 16.97
CA GLN A 797 -6.78 9.02 16.91
C GLN A 797 -5.85 8.92 15.69
N PRO A 798 -5.44 10.06 15.14
CA PRO A 798 -4.51 10.02 14.00
C PRO A 798 -3.21 9.31 14.37
N ARG A 799 -2.70 8.53 13.42
CA ARG A 799 -1.51 7.73 13.69
C ARG A 799 -0.29 8.63 13.83
N ASN A 800 0.51 8.36 14.85
CA ASN A 800 1.78 9.06 15.01
C ASN A 800 2.79 8.47 14.03
N PRO A 801 3.37 9.26 13.14
CA PRO A 801 4.30 8.69 12.14
C PRO A 801 5.48 7.97 12.76
N LYS A 802 5.96 8.43 13.92
CA LYS A 802 7.11 7.78 14.55
C LYS A 802 6.70 6.56 15.36
N THR A 803 5.65 6.70 16.18
CA THR A 803 5.22 5.59 17.03
C THR A 803 4.66 4.44 16.21
N ASP A 804 3.79 4.75 15.25
CA ASP A 804 3.14 3.73 14.43
C ASP A 804 3.71 3.81 13.01
N LYS A 805 4.26 2.71 12.53
CA LYS A 805 4.84 2.62 11.20
C LYS A 805 4.10 1.56 10.40
N LEU A 806 4.39 1.51 9.09
CA LEU A 806 3.78 0.52 8.24
C LEU A 806 4.20 -0.89 8.64
N VAL A 807 5.49 -1.08 8.93
CA VAL A 807 6.02 -2.35 9.42
C VAL A 807 6.77 -2.04 10.71
N ASN A 808 6.27 -2.55 11.83
CA ASN A 808 6.83 -2.28 13.14
C ASN A 808 7.36 -3.57 13.77
N GLU A 809 7.84 -3.44 15.01
CA GLU A 809 8.34 -4.57 15.77
C GLU A 809 7.24 -5.51 16.23
N ARG A 810 5.98 -5.10 16.16
CA ARG A 810 4.86 -5.92 16.57
C ARG A 810 4.21 -6.66 15.41
N LEU A 811 4.34 -6.14 14.18
CA LEU A 811 3.89 -6.90 13.01
C LEU A 811 4.85 -8.04 12.72
N ILE A 812 6.15 -7.76 12.77
CA ILE A 812 7.16 -8.80 12.53
C ILE A 812 7.06 -9.87 13.61
N SER A 813 6.95 -9.46 14.88
CA SER A 813 6.83 -10.42 15.97
C SER A 813 5.64 -11.33 15.77
N MET A 814 4.47 -10.75 15.53
CA MET A 814 3.27 -11.55 15.28
C MET A 814 3.49 -12.52 14.12
N ALA A 815 3.79 -11.98 12.94
CA ALA A 815 3.82 -12.80 11.72
C ALA A 815 4.86 -13.90 11.82
N TYR A 816 6.04 -13.61 12.34
CA TYR A 816 7.14 -14.58 12.37
C TYR A 816 7.18 -15.42 13.63
N GLY A 817 6.35 -15.14 14.63
CA GLY A 817 6.48 -15.89 15.86
C GLY A 817 5.21 -16.57 16.34
N GLN A 818 4.04 -16.17 15.85
CA GLN A 818 2.81 -16.82 16.28
C GLN A 818 2.09 -17.49 15.12
N ILE A 819 1.68 -16.75 14.10
CA ILE A 819 0.91 -17.34 13.02
C ILE A 819 1.79 -18.25 12.17
N GLY A 820 3.01 -17.79 11.85
CA GLY A 820 3.92 -18.63 11.08
C GLY A 820 4.27 -19.91 11.82
N MET A 821 4.47 -19.83 13.13
CA MET A 821 4.79 -21.02 13.91
C MET A 821 3.62 -22.00 13.94
N ILE A 822 2.39 -21.49 14.09
CA ILE A 822 1.24 -22.38 14.07
C ILE A 822 1.10 -23.06 12.70
N GLN A 823 1.31 -22.30 11.62
CA GLN A 823 1.22 -22.88 10.29
C GLN A 823 2.29 -23.96 10.07
N ALA A 824 3.52 -23.69 10.52
CA ALA A 824 4.58 -24.68 10.39
C ALA A 824 4.26 -25.93 11.21
N LEU A 825 3.69 -25.76 12.41
CA LEU A 825 3.30 -26.92 13.20
C LEU A 825 2.23 -27.74 12.49
N GLY A 826 1.26 -27.07 11.87
CA GLY A 826 0.24 -27.81 11.13
C GLY A 826 0.82 -28.60 9.97
N GLY A 827 1.72 -27.98 9.20
CA GLY A 827 2.35 -28.69 8.11
C GLY A 827 3.18 -29.87 8.58
N PHE A 828 3.94 -29.68 9.66
CA PHE A 828 4.75 -30.78 10.19
C PHE A 828 3.88 -31.91 10.73
N PHE A 829 2.75 -31.58 11.35
CA PHE A 829 1.84 -32.61 11.82
C PHE A 829 1.30 -33.43 10.66
N THR A 830 0.90 -32.77 9.57
CA THR A 830 0.42 -33.51 8.42
C THR A 830 1.50 -34.40 7.82
N TYR A 831 2.74 -33.88 7.75
CA TYR A 831 3.86 -34.69 7.25
C TYR A 831 4.08 -35.93 8.12
N PHE A 832 4.05 -35.75 9.44
CA PHE A 832 4.24 -36.88 10.34
C PHE A 832 3.11 -37.90 10.20
N VAL A 833 1.88 -37.42 10.04
CA VAL A 833 0.74 -38.33 9.87
C VAL A 833 0.93 -39.18 8.61
N ILE A 834 1.29 -38.53 7.51
CA ILE A 834 1.45 -39.26 6.26
C ILE A 834 2.55 -40.29 6.37
N LEU A 835 3.70 -39.91 6.95
CA LEU A 835 4.80 -40.86 7.05
C LEU A 835 4.50 -41.99 8.03
N ALA A 836 3.74 -41.72 9.10
CA ALA A 836 3.46 -42.74 10.09
C ALA A 836 2.41 -43.73 9.61
N GLU A 837 1.44 -43.28 8.80
CA GLU A 837 0.41 -44.19 8.31
C GLU A 837 0.93 -45.15 7.25
N ASN A 838 2.15 -44.95 6.74
CA ASN A 838 2.75 -45.84 5.76
C ASN A 838 3.74 -46.81 6.37
N GLY A 839 4.23 -46.56 7.58
CA GLY A 839 5.14 -47.48 8.23
C GLY A 839 6.25 -46.82 9.02
N PHE A 840 6.63 -45.60 8.65
CA PHE A 840 7.75 -44.90 9.27
C PHE A 840 7.23 -44.08 10.44
N LEU A 841 7.28 -44.64 11.64
CA LEU A 841 6.81 -43.96 12.82
C LEU A 841 7.71 -42.76 13.13
N PRO A 842 7.18 -41.76 13.86
CA PRO A 842 7.95 -40.51 14.05
C PRO A 842 9.32 -40.71 14.68
N ILE A 843 9.47 -41.65 15.61
CA ILE A 843 10.76 -41.83 16.25
C ILE A 843 11.75 -42.59 15.37
N HIS A 844 11.25 -43.29 14.34
CA HIS A 844 12.13 -43.95 13.39
C HIS A 844 12.75 -42.98 12.40
N LEU A 845 12.18 -41.79 12.24
CA LEU A 845 12.64 -40.82 11.27
C LEU A 845 13.84 -40.02 11.73
N LEU A 846 14.21 -40.10 13.01
CA LEU A 846 15.33 -39.32 13.54
C LEU A 846 16.63 -39.98 13.10
N GLY A 847 17.34 -39.35 12.17
CA GLY A 847 18.56 -39.88 11.64
C GLY A 847 18.43 -40.63 10.34
N LEU A 848 17.26 -40.60 9.70
CA LEU A 848 17.04 -41.32 8.46
C LEU A 848 17.47 -40.54 7.23
N ARG A 849 17.93 -39.30 7.38
CA ARG A 849 18.20 -38.45 6.22
C ARG A 849 19.27 -39.05 5.32
N VAL A 850 20.34 -39.59 5.90
CA VAL A 850 21.46 -40.07 5.09
C VAL A 850 21.04 -41.30 4.28
N ASP A 851 20.34 -42.24 4.91
CA ASP A 851 19.90 -43.44 4.20
C ASP A 851 18.70 -43.18 3.30
N TRP A 852 17.80 -42.28 3.71
CA TRP A 852 16.63 -42.00 2.90
C TRP A 852 17.00 -41.40 1.56
N ASP A 853 18.01 -40.53 1.54
CA ASP A 853 18.38 -39.81 0.33
C ASP A 853 19.43 -40.53 -0.50
N ASP A 854 19.84 -41.74 -0.11
CA ASP A 854 20.85 -42.48 -0.85
C ASP A 854 20.19 -43.27 -1.97
N ARG A 855 20.68 -43.07 -3.19
CA ARG A 855 20.07 -43.67 -4.37
C ARG A 855 20.36 -45.16 -4.49
N TRP A 856 21.31 -45.69 -3.74
CA TRP A 856 21.73 -47.07 -3.88
C TRP A 856 21.38 -47.96 -2.70
N ILE A 857 20.94 -47.38 -1.58
CA ILE A 857 20.47 -48.19 -0.43
C ILE A 857 18.98 -48.39 -0.66
N ASN A 858 18.66 -49.40 -1.45
CA ASN A 858 17.26 -49.73 -1.73
C ASN A 858 16.74 -50.81 -0.79
N ASP A 859 16.95 -50.64 0.51
CA ASP A 859 16.41 -51.58 1.49
C ASP A 859 16.06 -50.89 2.80
N VAL A 860 15.64 -49.61 2.76
CA VAL A 860 15.46 -48.86 3.99
C VAL A 860 14.31 -49.45 4.79
N GLU A 861 14.55 -49.77 6.06
CA GLU A 861 13.64 -50.58 6.84
C GLU A 861 12.58 -49.73 7.53
N ASP A 862 11.36 -50.26 7.60
CA ASP A 862 10.24 -49.61 8.27
C ASP A 862 10.41 -49.68 9.78
N SER A 863 9.38 -49.19 10.48
CA SER A 863 9.18 -49.53 11.88
C SER A 863 8.47 -50.86 12.05
N TYR A 864 7.96 -51.43 10.97
CA TYR A 864 7.26 -52.70 10.99
C TYR A 864 8.07 -53.84 10.38
N GLY A 865 9.28 -53.57 9.90
CA GLY A 865 10.15 -54.58 9.36
C GLY A 865 10.27 -54.61 7.85
N GLN A 866 9.38 -53.93 7.14
CA GLN A 866 9.42 -53.92 5.68
C GLN A 866 10.65 -53.13 5.20
N GLN A 867 11.02 -53.37 3.95
CA GLN A 867 12.17 -52.74 3.33
C GLN A 867 11.76 -52.05 2.04
N TRP A 868 12.18 -50.80 1.90
CA TRP A 868 11.74 -49.92 0.82
C TRP A 868 12.88 -49.63 -0.14
N THR A 869 12.55 -49.65 -1.43
CA THR A 869 13.41 -49.20 -2.51
C THR A 869 13.46 -47.67 -2.51
N TYR A 870 14.55 -47.12 -3.05
CA TYR A 870 14.70 -45.67 -3.10
C TYR A 870 13.53 -45.02 -3.83
N GLU A 871 13.19 -45.54 -5.01
CA GLU A 871 12.12 -44.94 -5.79
C GLU A 871 10.74 -45.20 -5.19
N GLN A 872 10.63 -46.06 -4.17
CA GLN A 872 9.37 -46.30 -3.50
C GLN A 872 9.12 -45.33 -2.35
N ARG A 873 10.15 -45.03 -1.56
CA ARG A 873 10.00 -44.11 -0.44
C ARG A 873 9.98 -42.65 -0.87
N LYS A 874 10.55 -42.33 -2.03
CA LYS A 874 10.46 -40.96 -2.52
C LYS A 874 9.04 -40.60 -2.92
N ILE A 875 8.25 -41.59 -3.34
CA ILE A 875 6.83 -41.34 -3.60
C ILE A 875 6.14 -40.87 -2.34
N VAL A 876 6.43 -41.53 -1.21
CA VAL A 876 5.84 -41.14 0.07
C VAL A 876 6.35 -39.77 0.49
N GLU A 877 7.63 -39.50 0.25
CA GLU A 877 8.18 -38.19 0.58
C GLU A 877 7.48 -37.08 -0.22
N PHE A 878 7.23 -37.31 -1.50
CA PHE A 878 6.59 -36.29 -2.32
C PHE A 878 5.11 -36.16 -1.98
N THR A 879 4.47 -37.25 -1.55
CA THR A 879 3.12 -37.13 -1.00
C THR A 879 3.13 -36.28 0.27
N CYS A 880 4.17 -36.42 1.09
CA CYS A 880 4.31 -35.56 2.27
C CYS A 880 4.49 -34.10 1.86
N HIS A 881 5.25 -33.85 0.80
CA HIS A 881 5.41 -32.48 0.31
C HIS A 881 4.07 -31.91 -0.14
N THR A 882 3.30 -32.70 -0.89
CA THR A 882 1.99 -32.25 -1.34
C THR A 882 1.06 -31.97 -0.15
N ALA A 883 1.09 -32.83 0.86
CA ALA A 883 0.27 -32.60 2.04
C ALA A 883 0.72 -31.38 2.84
N PHE A 884 2.02 -31.12 2.87
CA PHE A 884 2.51 -29.90 3.50
C PHE A 884 1.95 -28.67 2.81
N PHE A 885 1.98 -28.65 1.48
CA PHE A 885 1.41 -27.54 0.73
C PHE A 885 -0.09 -27.41 0.98
N VAL A 886 -0.83 -28.53 0.96
CA VAL A 886 -2.26 -28.51 1.17
C VAL A 886 -2.64 -28.07 2.58
N SER A 887 -1.84 -28.42 3.58
CA SER A 887 -2.09 -27.98 4.94
C SER A 887 -1.71 -26.52 5.17
N ILE A 888 -0.70 -26.02 4.46
CA ILE A 888 -0.45 -24.59 4.48
C ILE A 888 -1.63 -23.82 3.88
N VAL A 889 -2.26 -24.35 2.83
CA VAL A 889 -3.47 -23.73 2.29
C VAL A 889 -4.56 -23.66 3.36
N VAL A 890 -4.78 -24.77 4.07
CA VAL A 890 -5.83 -24.84 5.07
C VAL A 890 -5.56 -23.88 6.23
N VAL A 891 -4.31 -23.79 6.70
CA VAL A 891 -3.99 -22.90 7.80
C VAL A 891 -3.86 -21.45 7.37
N GLN A 892 -3.76 -21.19 6.06
CA GLN A 892 -3.79 -19.82 5.55
C GLN A 892 -5.19 -19.37 5.18
N TRP A 893 -6.17 -20.26 5.17
CA TRP A 893 -7.56 -19.80 5.16
C TRP A 893 -7.89 -18.94 6.38
N ALA A 894 -7.65 -19.45 7.57
CA ALA A 894 -7.95 -18.75 8.82
C ALA A 894 -6.84 -17.80 9.22
N ASP A 895 -5.93 -17.49 8.31
CA ASP A 895 -5.02 -16.37 8.45
C ASP A 895 -5.42 -15.19 7.60
N LEU A 896 -5.90 -15.42 6.38
CA LEU A 896 -6.58 -14.39 5.61
C LEU A 896 -7.86 -13.93 6.29
N VAL A 897 -8.65 -14.87 6.83
CA VAL A 897 -9.88 -14.49 7.50
C VAL A 897 -9.63 -13.62 8.72
N ILE A 898 -8.50 -13.81 9.42
CA ILE A 898 -8.22 -13.00 10.59
C ILE A 898 -7.43 -11.73 10.26
N CYS A 899 -6.70 -11.70 9.15
CA CYS A 899 -6.12 -10.46 8.66
C CYS A 899 -7.15 -9.59 7.95
N LYS A 900 -8.35 -10.12 7.71
CA LYS A 900 -9.43 -9.32 7.14
C LYS A 900 -9.76 -8.09 7.98
N THR A 901 -9.51 -8.15 9.30
CA THR A 901 -9.78 -7.04 10.19
C THR A 901 -8.67 -6.92 11.22
N ARG A 902 -8.54 -5.73 11.80
CA ARG A 902 -7.44 -5.40 12.69
C ARG A 902 -7.86 -5.26 14.16
N ARG A 903 -9.04 -4.72 14.43
CA ARG A 903 -9.50 -4.60 15.80
C ARG A 903 -10.96 -4.98 16.02
N ASN A 904 -11.75 -5.17 14.96
CA ASN A 904 -13.16 -5.53 15.08
C ASN A 904 -13.36 -7.01 14.79
N SER A 905 -14.55 -7.49 15.14
CA SER A 905 -14.91 -8.87 14.86
C SER A 905 -15.13 -9.08 13.37
N VAL A 906 -14.83 -10.30 12.91
CA VAL A 906 -15.06 -10.63 11.51
C VAL A 906 -16.56 -10.66 11.20
N PHE A 907 -17.39 -11.06 12.17
CA PHE A 907 -18.83 -11.03 11.97
C PHE A 907 -19.33 -9.61 11.81
N GLN A 908 -18.80 -8.68 12.60
CA GLN A 908 -19.13 -7.27 12.43
C GLN A 908 -18.65 -6.74 11.09
N GLN A 909 -17.45 -7.16 10.67
CA GLN A 909 -16.92 -6.71 9.38
C GLN A 909 -17.80 -7.19 8.23
N GLY A 910 -18.25 -8.44 8.28
CA GLY A 910 -19.12 -8.97 7.26
C GLY A 910 -18.36 -9.73 6.18
N MET A 911 -19.07 -9.98 5.08
CA MET A 911 -18.53 -10.70 3.94
C MET A 911 -18.78 -9.94 2.65
N LYS A 912 -18.58 -8.62 2.68
CA LYS A 912 -18.78 -7.82 1.48
C LYS A 912 -17.65 -8.02 0.47
N ASN A 913 -16.45 -8.35 0.94
CA ASN A 913 -15.30 -8.52 0.06
C ASN A 913 -15.47 -9.82 -0.73
N LYS A 914 -15.92 -9.69 -1.97
CA LYS A 914 -16.06 -10.86 -2.84
C LYS A 914 -14.71 -11.37 -3.34
N ILE A 915 -13.70 -10.49 -3.39
CA ILE A 915 -12.39 -10.90 -3.89
C ILE A 915 -11.72 -11.87 -2.93
N LEU A 916 -11.93 -11.67 -1.62
CA LEU A 916 -11.31 -12.53 -0.62
C LEU A 916 -11.88 -13.95 -0.69
N ILE A 917 -13.20 -14.06 -0.79
CA ILE A 917 -13.84 -15.37 -0.92
C ILE A 917 -13.42 -16.04 -2.22
N PHE A 918 -13.36 -15.26 -3.30
CA PHE A 918 -12.86 -15.78 -4.57
C PHE A 918 -11.44 -16.32 -4.41
N GLY A 919 -10.58 -15.59 -3.70
CA GLY A 919 -9.22 -16.04 -3.51
C GLY A 919 -9.14 -17.32 -2.72
N LEU A 920 -9.93 -17.44 -1.65
CA LEU A 920 -9.97 -18.67 -0.87
C LEU A 920 -10.40 -19.85 -1.74
N PHE A 921 -11.51 -19.69 -2.46
CA PHE A 921 -12.02 -20.78 -3.29
C PHE A 921 -11.03 -21.15 -4.38
N GLU A 922 -10.38 -20.17 -5.00
CA GLU A 922 -9.45 -20.47 -6.08
C GLU A 922 -8.17 -21.11 -5.57
N GLU A 923 -7.67 -20.70 -4.39
CA GLU A 923 -6.47 -21.34 -3.89
C GLU A 923 -6.75 -22.78 -3.47
N THR A 924 -7.91 -23.06 -2.86
CA THR A 924 -8.20 -24.45 -2.53
C THR A 924 -8.49 -25.27 -3.78
N ALA A 925 -9.11 -24.68 -4.80
CA ALA A 925 -9.32 -25.39 -6.06
C ALA A 925 -8.00 -25.70 -6.73
N LEU A 926 -7.05 -24.77 -6.69
CA LEU A 926 -5.73 -25.00 -7.26
C LEU A 926 -5.00 -26.11 -6.51
N ALA A 927 -5.11 -26.11 -5.18
CA ALA A 927 -4.48 -27.17 -4.40
C ALA A 927 -5.05 -28.54 -4.77
N ALA A 928 -6.38 -28.63 -4.85
CA ALA A 928 -7.01 -29.90 -5.22
C ALA A 928 -6.62 -30.33 -6.63
N PHE A 929 -6.57 -29.39 -7.57
CA PHE A 929 -6.19 -29.71 -8.94
C PHE A 929 -4.74 -30.18 -9.02
N LEU A 930 -3.83 -29.49 -8.32
CA LEU A 930 -2.44 -29.91 -8.33
C LEU A 930 -2.28 -31.29 -7.72
N SER A 931 -3.04 -31.60 -6.67
CA SER A 931 -2.92 -32.90 -6.04
C SER A 931 -3.47 -34.02 -6.92
N TYR A 932 -4.67 -33.83 -7.47
CA TYR A 932 -5.41 -34.94 -8.07
C TYR A 932 -5.40 -34.97 -9.59
N CYS A 933 -4.70 -34.05 -10.25
CA CYS A 933 -4.64 -34.09 -11.71
C CYS A 933 -3.74 -35.24 -12.16
N PRO A 934 -4.16 -36.04 -13.13
CA PRO A 934 -3.26 -37.07 -13.67
C PRO A 934 -2.07 -36.42 -14.36
N GLY A 935 -0.91 -37.06 -14.23
CA GLY A 935 0.30 -36.54 -14.81
C GLY A 935 1.05 -35.54 -13.96
N MET A 936 0.52 -35.18 -12.79
CA MET A 936 1.25 -34.30 -11.89
C MET A 936 2.40 -35.03 -11.20
N GLY A 937 2.26 -36.34 -10.98
CA GLY A 937 3.33 -37.09 -10.35
C GLY A 937 4.58 -37.13 -11.21
N VAL A 938 4.42 -37.31 -12.51
CA VAL A 938 5.57 -37.30 -13.41
C VAL A 938 6.13 -35.89 -13.55
N ALA A 939 5.25 -34.90 -13.71
CA ALA A 939 5.71 -33.54 -14.01
C ALA A 939 6.20 -32.83 -12.76
N LEU A 940 5.30 -32.56 -11.81
CA LEU A 940 5.61 -31.75 -10.65
C LEU A 940 5.85 -32.57 -9.39
N ARG A 941 5.85 -33.90 -9.49
CA ARG A 941 5.99 -34.79 -8.34
C ARG A 941 4.90 -34.52 -7.29
N MET A 942 3.68 -34.30 -7.77
CA MET A 942 2.51 -34.12 -6.91
C MET A 942 1.67 -35.39 -6.95
N TYR A 943 1.33 -35.90 -5.78
CA TYR A 943 0.61 -37.16 -5.72
C TYR A 943 -0.70 -36.99 -4.96
N PRO A 944 -1.74 -37.76 -5.31
CA PRO A 944 -3.05 -37.54 -4.70
C PRO A 944 -3.02 -37.76 -3.20
N LEU A 945 -3.77 -36.93 -2.49
CA LEU A 945 -3.96 -37.09 -1.05
C LEU A 945 -5.22 -37.88 -0.78
N LYS A 946 -5.14 -38.79 0.19
CA LYS A 946 -6.33 -39.51 0.60
C LYS A 946 -7.29 -38.56 1.31
N PRO A 947 -8.58 -38.86 1.30
CA PRO A 947 -9.57 -37.89 1.82
C PRO A 947 -9.34 -37.49 3.27
N THR A 948 -8.87 -38.39 4.11
CA THR A 948 -8.67 -38.08 5.51
C THR A 948 -7.40 -37.28 5.78
N TRP A 949 -6.55 -37.10 4.78
CA TRP A 949 -5.30 -36.35 4.93
C TRP A 949 -5.49 -34.85 4.74
N TRP A 950 -6.71 -34.40 4.51
CA TRP A 950 -7.00 -32.97 4.40
C TRP A 950 -7.34 -32.33 5.74
N PHE A 951 -7.83 -33.11 6.70
CA PHE A 951 -8.29 -32.59 7.98
C PHE A 951 -7.19 -32.53 9.03
N CYS A 952 -5.94 -32.84 8.66
CA CYS A 952 -4.86 -32.82 9.63
C CYS A 952 -4.58 -31.41 10.12
N ALA A 953 -4.71 -30.41 9.26
CA ALA A 953 -4.46 -29.02 9.61
C ALA A 953 -5.68 -28.31 10.17
N PHE A 954 -6.82 -28.99 10.28
CA PHE A 954 -8.01 -28.36 10.83
C PHE A 954 -7.85 -27.91 12.28
N PRO A 955 -7.32 -28.72 13.21
CA PRO A 955 -7.14 -28.21 14.57
C PRO A 955 -6.20 -27.02 14.67
N TYR A 956 -5.21 -26.92 13.79
CA TYR A 956 -4.28 -25.80 13.81
C TYR A 956 -4.83 -24.58 13.08
N SER A 957 -5.77 -24.77 12.15
CA SER A 957 -6.41 -23.65 11.49
C SER A 957 -7.42 -22.98 12.41
N LEU A 958 -8.10 -23.77 13.24
CA LEU A 958 -9.03 -23.20 14.21
C LEU A 958 -8.27 -22.50 15.34
N LEU A 959 -7.07 -22.96 15.66
CA LEU A 959 -6.29 -22.33 16.71
C LEU A 959 -5.95 -20.89 16.37
N ILE A 960 -5.58 -20.64 15.11
CA ILE A 960 -5.27 -19.28 14.69
C ILE A 960 -6.48 -18.37 14.87
N PHE A 961 -7.63 -18.83 14.42
CA PHE A 961 -8.85 -18.02 14.52
C PHE A 961 -9.21 -17.75 15.97
N VAL A 962 -9.17 -18.78 16.81
CA VAL A 962 -9.54 -18.61 18.22
C VAL A 962 -8.56 -17.67 18.92
N TYR A 963 -7.26 -17.86 18.67
CA TYR A 963 -6.25 -17.01 19.31
C TYR A 963 -6.43 -15.55 18.90
N ASP A 964 -6.62 -15.29 17.60
CA ASP A 964 -6.80 -13.92 17.16
C ASP A 964 -8.08 -13.32 17.73
N LYS A 965 -9.16 -14.09 17.76
CA LYS A 965 -10.42 -13.58 18.30
C LYS A 965 -10.28 -13.22 19.76
N VAL A 966 -9.64 -14.09 20.55
CA VAL A 966 -9.49 -13.82 21.98
C VAL A 966 -8.58 -12.63 22.21
N ARG A 967 -7.48 -12.52 21.45
CA ARG A 967 -6.56 -11.41 21.68
C ARG A 967 -7.19 -10.08 21.27
N LYS A 968 -8.00 -10.07 20.20
CA LYS A 968 -8.65 -8.83 19.81
C LYS A 968 -9.80 -8.49 20.76
N LEU A 969 -10.43 -9.49 21.36
CA LEU A 969 -11.40 -9.21 22.41
C LEU A 969 -10.72 -8.59 23.63
N ILE A 970 -9.55 -9.10 23.98
CA ILE A 970 -8.79 -8.54 25.10
C ILE A 970 -8.37 -7.11 24.80
N ILE A 971 -7.97 -6.84 23.56
CA ILE A 971 -7.57 -5.49 23.18
C ILE A 971 -8.71 -4.51 23.36
N ARG A 972 -9.92 -4.88 22.93
CA ARG A 972 -11.07 -3.99 23.06
C ARG A 972 -11.48 -3.83 24.52
N ARG A 973 -11.43 -4.92 25.29
CA ARG A 973 -11.84 -4.86 26.69
C ARG A 973 -10.91 -3.96 27.51
N ARG A 974 -9.61 -4.05 27.26
CA ARG A 974 -8.60 -3.32 28.03
C ARG A 974 -7.71 -2.53 27.08
N PRO A 975 -8.17 -1.37 26.62
CA PRO A 975 -7.33 -0.54 25.76
C PRO A 975 -6.15 0.02 26.52
N GLY A 976 -5.01 0.13 25.84
CA GLY A 976 -3.80 0.62 26.46
C GLY A 976 -3.09 -0.36 27.37
N GLY A 977 -3.53 -1.61 27.42
CA GLY A 977 -2.93 -2.61 28.28
C GLY A 977 -1.69 -3.22 27.67
N TRP A 978 -1.23 -4.31 28.30
CA TRP A 978 -0.03 -4.98 27.84
C TRP A 978 -0.23 -5.59 26.45
N VAL A 979 -1.39 -6.19 26.20
CA VAL A 979 -1.63 -6.85 24.93
C VAL A 979 -1.59 -5.85 23.79
N GLU A 980 -2.29 -4.73 23.94
CA GLU A 980 -2.28 -3.71 22.90
C GLU A 980 -0.90 -3.08 22.77
N LYS A 981 -0.12 -3.06 23.85
CA LYS A 981 1.23 -2.51 23.80
C LYS A 981 2.16 -3.39 22.99
N GLU A 982 2.05 -4.71 23.14
CA GLU A 982 2.99 -5.64 22.54
C GLU A 982 2.46 -6.38 21.33
N THR A 983 1.16 -6.72 21.32
CA THR A 983 0.60 -7.57 20.26
C THR A 983 -0.08 -6.77 19.17
N TYR A 984 -0.71 -5.64 19.49
CA TYR A 984 -1.42 -4.85 18.49
C TYR A 984 -0.43 -4.27 17.48
N TYR A 985 -0.44 -4.81 16.27
CA TYR A 985 0.47 -4.34 15.23
C TYR A 985 -0.14 -3.20 14.43
N TRP B 16 24.70 2.60 14.56
CA TRP B 16 23.68 2.66 15.60
C TRP B 16 24.24 3.23 16.90
N LYS B 17 24.20 4.55 17.02
CA LYS B 17 24.65 5.20 18.25
C LYS B 17 23.69 4.89 19.39
N LEU B 18 24.25 4.63 20.57
CA LEU B 18 23.47 4.28 21.76
C LEU B 18 22.56 3.08 21.48
N PHE B 19 23.14 2.04 20.87
CA PHE B 19 22.36 0.87 20.50
C PHE B 19 22.01 0.02 21.72
N ILE B 20 22.96 -0.18 22.63
CA ILE B 20 22.74 -1.03 23.79
C ILE B 20 23.11 -0.31 25.08
N TYR B 21 22.96 1.02 25.08
CA TYR B 21 23.36 1.80 26.25
C TYR B 21 22.46 1.47 27.44
N ASN B 22 23.06 1.26 28.60
CA ASN B 22 22.35 0.91 29.82
C ASN B 22 21.65 2.09 30.51
N PRO B 23 22.23 3.32 30.55
CA PRO B 23 21.58 4.38 31.34
C PRO B 23 20.25 4.83 30.76
N THR B 24 19.60 5.78 31.44
CA THR B 24 18.31 6.33 31.06
C THR B 24 17.21 5.26 31.12
N THR B 25 15.95 5.67 31.00
CA THR B 25 14.85 4.71 31.12
C THR B 25 14.87 3.68 29.99
N GLY B 26 15.43 4.05 28.84
CA GLY B 26 15.52 3.12 27.72
C GLY B 26 16.86 2.42 27.66
N GLU B 27 16.87 1.13 27.98
CA GLU B 27 18.11 0.35 28.02
C GLU B 27 17.93 -0.89 27.15
N PHE B 28 18.82 -1.06 26.16
CA PHE B 28 18.77 -2.19 25.23
C PHE B 28 17.42 -2.24 24.52
N LEU B 29 17.11 -1.15 23.82
CA LEU B 29 15.82 -0.96 23.16
C LEU B 29 14.69 -1.07 24.18
N GLY B 30 13.97 -2.19 24.19
CA GLY B 30 12.97 -2.41 25.21
C GLY B 30 13.61 -2.56 26.59
N ARG B 31 12.87 -2.12 27.61
CA ARG B 31 13.36 -2.16 28.98
C ARG B 31 13.73 -3.58 29.39
N THR B 32 15.02 -3.82 29.63
CA THR B 32 15.48 -5.16 29.96
C THR B 32 14.88 -5.64 31.27
N ALA B 33 14.72 -4.74 32.24
CA ALA B 33 14.21 -5.13 33.55
C ALA B 33 12.79 -5.67 33.46
N LYS B 34 11.93 -5.02 32.67
CA LYS B 34 10.52 -5.38 32.63
C LYS B 34 10.06 -5.84 31.26
N SER B 35 10.32 -5.07 30.20
CA SER B 35 9.77 -5.41 28.90
C SER B 35 10.33 -6.73 28.38
N TRP B 36 11.66 -6.90 28.47
CA TRP B 36 12.26 -8.14 27.97
C TRP B 36 11.80 -9.34 28.77
N GLY B 37 11.74 -9.21 30.10
CA GLY B 37 11.25 -10.32 30.91
C GLY B 37 9.82 -10.69 30.59
N LEU B 38 8.95 -9.69 30.44
CA LEU B 38 7.55 -9.97 30.14
C LEU B 38 7.39 -10.63 28.77
N ILE B 39 8.11 -10.14 27.76
CA ILE B 39 7.97 -10.72 26.43
C ILE B 39 8.56 -12.12 26.39
N LEU B 40 9.67 -12.35 27.10
CA LEU B 40 10.24 -13.69 27.16
C LEU B 40 9.29 -14.66 27.85
N LEU B 41 8.65 -14.22 28.93
CA LEU B 41 7.67 -15.07 29.60
C LEU B 41 6.49 -15.36 28.69
N PHE B 42 6.01 -14.34 27.96
CA PHE B 42 4.90 -14.54 27.03
C PHE B 42 5.24 -15.57 25.97
N TYR B 43 6.42 -15.45 25.37
CA TYR B 43 6.79 -16.39 24.31
C TYR B 43 7.06 -17.78 24.86
N LEU B 44 7.61 -17.88 26.08
CA LEU B 44 7.79 -19.19 26.69
C LEU B 44 6.46 -19.88 26.89
N VAL B 45 5.46 -19.16 27.43
CA VAL B 45 4.15 -19.76 27.64
C VAL B 45 3.50 -20.11 26.31
N PHE B 46 3.61 -19.22 25.32
CA PHE B 46 3.01 -19.45 24.01
C PHE B 46 3.58 -20.71 23.35
N TYR B 47 4.91 -20.83 23.34
CA TYR B 47 5.54 -21.98 22.70
C TYR B 47 5.36 -23.25 23.52
N GLY B 48 5.25 -23.14 24.84
CA GLY B 48 4.92 -24.30 25.65
C GLY B 48 3.53 -24.83 25.34
N PHE B 49 2.56 -23.94 25.20
CA PHE B 49 1.22 -24.36 24.81
C PHE B 49 1.22 -24.97 23.41
N LEU B 50 1.94 -24.36 22.48
CA LEU B 50 2.00 -24.91 21.13
C LEU B 50 2.63 -26.29 21.11
N ALA B 51 3.72 -26.48 21.86
CA ALA B 51 4.36 -27.79 21.93
C ALA B 51 3.44 -28.82 22.58
N ALA B 52 2.71 -28.42 23.63
CA ALA B 52 1.78 -29.34 24.27
C ALA B 52 0.66 -29.75 23.33
N LEU B 53 0.13 -28.79 22.56
CA LEU B 53 -0.92 -29.12 21.60
C LEU B 53 -0.40 -30.04 20.51
N PHE B 54 0.80 -29.77 19.99
CA PHE B 54 1.39 -30.63 18.96
C PHE B 54 1.62 -32.03 19.49
N SER B 55 2.11 -32.14 20.72
CA SER B 55 2.35 -33.46 21.32
C SER B 55 1.05 -34.22 21.52
N PHE B 56 0.00 -33.55 21.99
CA PHE B 56 -1.28 -34.22 22.18
C PHE B 56 -1.86 -34.68 20.85
N THR B 57 -1.76 -33.84 19.82
CA THR B 57 -2.27 -34.21 18.50
C THR B 57 -1.50 -35.41 17.94
N MET B 58 -0.18 -35.42 18.11
CA MET B 58 0.62 -36.56 17.67
C MET B 58 0.26 -37.82 18.45
N TRP B 59 0.01 -37.69 19.75
CA TRP B 59 -0.39 -38.85 20.55
C TRP B 59 -1.72 -39.41 20.07
N VAL B 60 -2.69 -38.53 19.79
CA VAL B 60 -3.99 -39.00 19.30
C VAL B 60 -3.82 -39.68 17.95
N MET B 61 -2.97 -39.13 17.08
CA MET B 61 -2.71 -39.78 15.80
C MET B 61 -2.10 -41.16 15.98
N LEU B 62 -1.12 -41.28 16.89
CA LEU B 62 -0.44 -42.55 17.10
C LEU B 62 -1.33 -43.59 17.78
N GLN B 63 -2.35 -43.15 18.52
CA GLN B 63 -3.27 -44.11 19.12
C GLN B 63 -4.10 -44.85 18.08
N THR B 64 -4.44 -44.18 16.98
CA THR B 64 -5.25 -44.81 15.95
C THR B 64 -4.49 -45.91 15.21
N LEU B 65 -3.17 -45.77 15.07
CA LEU B 65 -2.38 -46.72 14.31
C LEU B 65 -2.27 -48.05 15.06
N ASN B 66 -1.99 -49.10 14.29
CA ASN B 66 -1.76 -50.43 14.84
C ASN B 66 -0.26 -50.67 14.98
N ASP B 67 0.10 -51.47 15.98
CA ASP B 67 1.49 -51.69 16.32
C ASP B 67 2.09 -52.92 15.64
N GLU B 68 1.34 -53.58 14.76
CA GLU B 68 1.81 -54.80 14.11
C GLU B 68 1.81 -54.76 12.60
N VAL B 69 0.90 -54.01 11.97
CA VAL B 69 0.83 -53.94 10.51
C VAL B 69 0.54 -52.50 10.10
N PRO B 70 1.20 -51.99 9.06
CA PRO B 70 0.98 -50.59 8.66
C PRO B 70 -0.41 -50.39 8.10
N LYS B 71 -0.91 -49.15 8.23
CA LYS B 71 -2.25 -48.84 7.77
C LYS B 71 -2.35 -48.97 6.25
N TYR B 72 -1.36 -48.47 5.52
CA TYR B 72 -1.36 -48.52 4.06
C TYR B 72 -0.13 -49.29 3.58
N ARG B 73 -0.35 -50.27 2.71
CA ARG B 73 0.73 -50.99 2.05
C ARG B 73 0.62 -50.91 0.54
N ASP B 74 -0.08 -49.90 0.02
CA ASP B 74 -0.26 -49.73 -1.41
C ASP B 74 0.86 -48.94 -2.08
N GLN B 75 1.75 -48.32 -1.29
CA GLN B 75 2.92 -47.66 -1.85
C GLN B 75 4.13 -48.58 -1.92
N ILE B 76 4.04 -49.79 -1.37
CA ILE B 76 5.10 -50.78 -1.42
C ILE B 76 4.48 -52.08 -1.91
N PRO B 77 4.07 -52.16 -3.18
CA PRO B 77 3.32 -53.32 -3.65
C PRO B 77 4.18 -54.53 -3.97
N SER B 78 5.38 -54.30 -4.50
CA SER B 78 6.24 -55.37 -4.96
C SER B 78 7.64 -55.21 -4.40
N PRO B 79 8.36 -56.31 -4.19
CA PRO B 79 9.71 -56.22 -3.63
C PRO B 79 10.74 -55.82 -4.67
N GLY B 80 11.83 -55.27 -4.18
CA GLY B 80 12.99 -54.99 -5.02
C GLY B 80 14.21 -55.68 -4.46
N LEU B 81 15.04 -56.21 -5.35
CA LEU B 81 16.23 -56.90 -4.92
C LEU B 81 17.27 -55.91 -4.40
N MET B 82 18.16 -56.40 -3.56
CA MET B 82 19.27 -55.61 -3.05
C MET B 82 20.43 -56.53 -2.71
N VAL B 83 21.64 -56.08 -3.01
CA VAL B 83 22.85 -56.89 -2.84
C VAL B 83 23.49 -56.54 -1.51
N PHE B 84 24.22 -57.51 -0.96
CA PHE B 84 24.94 -57.34 0.29
C PHE B 84 26.33 -57.94 0.15
N PRO B 85 27.37 -57.28 0.68
CA PRO B 85 27.39 -56.00 1.40
C PRO B 85 27.25 -54.77 0.50
N LYS B 86 27.05 -53.61 1.11
CA LYS B 86 26.96 -52.37 0.37
C LYS B 86 28.36 -51.81 0.14
N PRO B 87 28.80 -51.66 -1.11
CA PRO B 87 30.15 -51.12 -1.35
C PRO B 87 30.29 -49.66 -0.97
N VAL B 88 31.49 -49.12 -1.09
CA VAL B 88 31.72 -47.72 -0.75
C VAL B 88 31.06 -46.80 -1.76
N THR B 89 31.21 -47.09 -3.06
CA THR B 89 30.74 -46.21 -4.12
C THR B 89 29.81 -46.94 -5.07
N ALA B 90 28.51 -46.94 -4.75
CA ALA B 90 27.43 -47.20 -5.70
C ALA B 90 27.52 -48.59 -6.31
N LEU B 91 27.43 -49.60 -5.43
CA LEU B 91 27.33 -51.00 -5.84
C LEU B 91 28.46 -51.41 -6.78
N GLU B 92 29.67 -50.96 -6.48
CA GLU B 92 30.87 -51.29 -7.25
C GLU B 92 31.87 -51.94 -6.30
N TYR B 93 32.08 -53.24 -6.45
CA TYR B 93 32.97 -54.01 -5.59
C TYR B 93 34.36 -53.98 -6.18
N THR B 94 35.28 -53.30 -5.52
CA THR B 94 36.68 -53.23 -5.92
C THR B 94 37.54 -53.87 -4.85
N PHE B 95 38.33 -54.87 -5.21
CA PHE B 95 39.16 -55.57 -4.25
C PHE B 95 40.41 -56.07 -4.95
N SER B 96 41.42 -56.38 -4.14
CA SER B 96 42.67 -56.95 -4.62
C SER B 96 42.91 -58.28 -3.92
N ARG B 97 43.32 -59.29 -4.69
CA ARG B 97 43.57 -60.61 -4.13
C ARG B 97 44.71 -60.58 -3.12
N SER B 98 45.78 -59.85 -3.42
CA SER B 98 46.97 -59.82 -2.59
C SER B 98 46.92 -58.75 -1.51
N ASP B 99 45.83 -58.00 -1.39
CA ASP B 99 45.69 -56.93 -0.41
C ASP B 99 44.52 -57.27 0.50
N PRO B 100 44.77 -57.93 1.64
CA PRO B 100 43.67 -58.32 2.54
C PRO B 100 42.90 -57.14 3.10
N THR B 101 43.46 -55.94 3.12
CA THR B 101 42.73 -54.79 3.63
C THR B 101 41.72 -54.25 2.63
N SER B 102 41.78 -54.69 1.36
CA SER B 102 40.82 -54.20 0.37
C SER B 102 39.45 -54.82 0.57
N TYR B 103 39.40 -56.13 0.82
CA TYR B 103 38.14 -56.85 0.95
C TYR B 103 37.80 -57.17 2.40
N ALA B 104 38.49 -56.57 3.37
CA ALA B 104 38.20 -56.84 4.77
C ALA B 104 36.80 -56.36 5.14
N GLY B 105 36.39 -55.21 4.61
CA GLY B 105 35.06 -54.70 4.91
C GLY B 105 33.96 -55.63 4.42
N TYR B 106 34.12 -56.15 3.20
CA TYR B 106 33.13 -57.07 2.66
C TYR B 106 33.02 -58.33 3.52
N ILE B 107 34.17 -58.88 3.94
CA ILE B 107 34.17 -60.08 4.77
C ILE B 107 33.51 -59.80 6.11
N GLU B 108 33.84 -58.68 6.74
CA GLU B 108 33.26 -58.36 8.04
C GLU B 108 31.75 -58.16 7.94
N ASP B 109 31.29 -57.45 6.90
CA ASP B 109 29.86 -57.26 6.71
C ASP B 109 29.14 -58.59 6.48
N LEU B 110 29.73 -59.46 5.66
CA LEU B 110 29.11 -60.75 5.40
C LEU B 110 29.06 -61.62 6.66
N LYS B 111 30.13 -61.58 7.46
CA LYS B 111 30.12 -62.33 8.71
C LYS B 111 29.07 -61.81 9.68
N LYS B 112 28.94 -60.48 9.79
CA LYS B 112 27.93 -59.92 10.67
C LYS B 112 26.53 -60.27 10.21
N PHE B 113 26.28 -60.22 8.89
CA PHE B 113 24.94 -60.49 8.38
C PHE B 113 24.58 -61.96 8.52
N LEU B 114 25.53 -62.86 8.31
CA LEU B 114 25.28 -64.29 8.30
C LEU B 114 25.43 -64.92 9.68
N LYS B 115 25.67 -64.13 10.72
CA LYS B 115 25.72 -64.68 12.08
C LYS B 115 24.40 -65.30 12.51
N PRO B 116 23.23 -64.68 12.34
CA PRO B 116 21.98 -65.35 12.72
C PRO B 116 21.64 -66.55 11.86
N TYR B 117 22.24 -66.69 10.68
CA TYR B 117 21.96 -67.82 9.80
C TYR B 117 22.76 -69.06 10.15
N THR B 118 23.70 -68.97 11.08
CA THR B 118 24.51 -70.12 11.46
C THR B 118 23.63 -71.16 12.14
N LEU B 119 24.07 -72.43 12.06
CA LEU B 119 23.24 -73.53 12.53
C LEU B 119 22.95 -73.43 14.03
N GLU B 120 23.92 -72.97 14.82
CA GLU B 120 23.69 -72.86 16.26
C GLU B 120 22.76 -71.71 16.60
N GLU B 121 22.73 -70.65 15.78
CA GLU B 121 21.87 -69.51 16.07
C GLU B 121 20.40 -69.79 15.74
N GLN B 122 20.13 -70.61 14.73
CA GLN B 122 18.77 -70.88 14.30
C GLN B 122 18.31 -72.27 14.71
N LYS B 123 18.76 -72.75 15.87
CA LYS B 123 18.30 -74.05 16.36
C LYS B 123 16.86 -74.01 16.85
N ASN B 124 16.40 -72.84 17.31
CA ASN B 124 15.04 -72.74 17.81
C ASN B 124 14.02 -72.73 16.68
N LEU B 125 14.40 -72.22 15.50
CA LEU B 125 13.45 -72.08 14.41
C LEU B 125 13.00 -73.45 13.91
N THR B 126 11.71 -73.56 13.59
CA THR B 126 11.13 -74.83 13.17
C THR B 126 11.54 -75.16 11.73
N VAL B 127 11.28 -76.40 11.35
CA VAL B 127 11.57 -76.90 10.00
C VAL B 127 10.24 -77.07 9.27
N CYS B 128 10.20 -76.62 8.02
CA CYS B 128 8.96 -76.59 7.26
C CYS B 128 9.14 -77.31 5.94
N PRO B 129 8.08 -77.94 5.43
CA PRO B 129 8.17 -78.58 4.12
C PRO B 129 8.34 -77.56 3.00
N ASP B 130 9.03 -77.97 1.94
CA ASP B 130 9.35 -77.09 0.85
C ASP B 130 8.18 -76.98 -0.13
N GLY B 131 8.17 -75.88 -0.88
CA GLY B 131 7.25 -75.70 -1.98
C GLY B 131 5.85 -75.28 -1.62
N ALA B 132 5.55 -75.08 -0.34
CA ALA B 132 4.21 -74.72 0.11
C ALA B 132 4.26 -73.39 0.84
N LEU B 133 3.34 -72.50 0.51
CA LEU B 133 3.26 -71.21 1.19
C LEU B 133 2.86 -71.42 2.64
N PHE B 134 3.65 -70.88 3.56
CA PHE B 134 3.46 -71.09 4.98
C PHE B 134 2.60 -69.96 5.53
N GLU B 135 1.27 -70.16 5.46
CA GLU B 135 0.33 -69.20 6.02
C GLU B 135 0.03 -69.57 7.47
N GLN B 136 -0.04 -68.56 8.33
CA GLN B 136 -0.24 -68.76 9.75
C GLN B 136 -1.40 -67.90 10.22
N LYS B 137 -2.17 -68.44 11.17
CA LYS B 137 -3.35 -67.76 11.70
C LYS B 137 -3.22 -67.46 13.18
N GLY B 138 -2.76 -68.42 13.98
CA GLY B 138 -2.66 -68.24 15.40
C GLY B 138 -1.57 -67.25 15.78
N PRO B 139 -1.57 -66.81 17.03
CA PRO B 139 -0.60 -65.80 17.47
C PRO B 139 0.81 -66.35 17.70
N VAL B 140 1.04 -67.65 17.50
CA VAL B 140 2.37 -68.21 17.75
C VAL B 140 3.37 -67.65 16.76
N TYR B 141 3.05 -67.71 15.46
CA TYR B 141 3.86 -67.12 14.40
C TYR B 141 5.31 -67.62 14.45
N VAL B 142 5.45 -68.92 14.18
CA VAL B 142 6.77 -69.52 14.08
C VAL B 142 7.46 -69.09 12.78
N ALA B 143 8.76 -69.30 12.73
CA ALA B 143 9.57 -68.96 11.57
C ALA B 143 10.36 -70.18 11.12
N CYS B 144 10.26 -70.51 9.84
CA CYS B 144 11.06 -71.59 9.29
C CYS B 144 12.53 -71.19 9.23
N GLN B 145 13.42 -72.15 9.44
CA GLN B 145 14.84 -71.86 9.45
C GLN B 145 15.41 -71.97 8.05
N PHE B 146 16.33 -71.06 7.73
CA PHE B 146 17.05 -71.08 6.45
C PHE B 146 18.46 -71.59 6.70
N PRO B 147 18.78 -72.82 6.30
CA PRO B 147 20.13 -73.33 6.56
C PRO B 147 21.17 -72.60 5.73
N ILE B 148 22.27 -72.24 6.39
CA ILE B 148 23.37 -71.58 5.69
C ILE B 148 24.08 -72.51 4.72
N SER B 149 23.86 -73.82 4.85
CA SER B 149 24.49 -74.79 3.95
C SER B 149 23.97 -74.66 2.53
N LEU B 150 22.83 -74.01 2.32
CA LEU B 150 22.33 -73.79 0.97
C LEU B 150 23.28 -72.93 0.16
N LEU B 151 23.87 -71.92 0.79
CA LEU B 151 24.82 -71.02 0.14
C LEU B 151 26.21 -71.64 0.13
N GLN B 152 26.31 -72.78 -0.57
CA GLN B 152 27.56 -73.53 -0.58
C GLN B 152 28.68 -72.72 -1.22
N ALA B 153 29.87 -72.80 -0.62
CA ALA B 153 31.06 -72.11 -1.09
C ALA B 153 30.94 -70.60 -0.98
N CYS B 154 29.82 -70.11 -0.46
CA CYS B 154 29.61 -68.68 -0.23
C CYS B 154 29.25 -68.41 1.22
N SER B 155 29.72 -69.25 2.14
CA SER B 155 29.54 -69.06 3.56
C SER B 155 30.90 -69.17 4.25
N GLY B 156 30.98 -68.57 5.44
CA GLY B 156 32.22 -68.53 6.16
C GLY B 156 32.58 -69.77 6.93
N MET B 157 31.73 -70.80 6.87
CA MET B 157 32.03 -72.04 7.60
C MET B 157 33.21 -72.77 6.98
N ASN B 158 33.25 -72.85 5.64
CA ASN B 158 34.36 -73.54 4.99
C ASN B 158 35.62 -72.68 5.01
N ASP B 159 35.56 -71.49 4.41
CA ASP B 159 36.68 -70.56 4.40
C ASP B 159 36.24 -69.24 5.00
N PRO B 160 37.02 -68.65 5.92
CA PRO B 160 36.61 -67.37 6.52
C PRO B 160 36.37 -66.27 5.51
N ASP B 161 37.17 -66.21 4.44
CA ASP B 161 36.91 -65.28 3.35
C ASP B 161 35.87 -65.87 2.41
N PHE B 162 34.84 -65.09 2.09
CA PHE B 162 33.69 -65.59 1.34
C PHE B 162 34.01 -65.63 -0.16
N GLY B 163 35.07 -66.37 -0.49
CA GLY B 163 35.52 -66.48 -1.86
C GLY B 163 36.50 -65.41 -2.29
N TYR B 164 36.61 -64.32 -1.53
CA TYR B 164 37.61 -63.31 -1.82
C TYR B 164 39.01 -63.90 -1.55
N SER B 165 40.03 -63.19 -2.03
CA SER B 165 41.43 -63.60 -1.98
C SER B 165 41.73 -64.76 -2.91
N GLN B 166 40.72 -65.34 -3.55
CA GLN B 166 40.91 -66.34 -4.59
C GLN B 166 40.37 -65.90 -5.94
N GLY B 167 39.78 -64.71 -6.02
CA GLY B 167 39.21 -64.24 -7.25
C GLY B 167 37.79 -64.72 -7.53
N ASN B 168 37.09 -65.23 -6.53
CA ASN B 168 35.72 -65.71 -6.68
C ASN B 168 34.85 -65.11 -5.60
N PRO B 169 34.61 -63.80 -5.64
CA PRO B 169 33.84 -63.15 -4.57
C PRO B 169 32.40 -63.62 -4.52
N CYS B 170 31.86 -63.65 -3.30
CA CYS B 170 30.47 -64.03 -3.05
C CYS B 170 29.67 -62.81 -2.65
N ILE B 171 28.52 -62.63 -3.29
CA ILE B 171 27.61 -61.51 -3.01
C ILE B 171 26.24 -62.09 -2.75
N LEU B 172 25.59 -61.62 -1.68
CA LEU B 172 24.26 -62.09 -1.31
C LEU B 172 23.22 -61.17 -1.93
N VAL B 173 22.30 -61.74 -2.70
CA VAL B 173 21.19 -61.00 -3.30
C VAL B 173 19.92 -61.41 -2.57
N LYS B 174 19.26 -60.45 -1.94
CA LYS B 174 18.10 -60.72 -1.11
C LYS B 174 16.94 -59.84 -1.53
N MET B 175 15.73 -60.39 -1.45
CA MET B 175 14.52 -59.67 -1.80
C MET B 175 14.03 -58.86 -0.61
N ASN B 176 13.56 -57.65 -0.88
CA ASN B 176 13.03 -56.80 0.18
C ASN B 176 11.77 -57.40 0.78
N ARG B 177 11.59 -57.17 2.08
CA ARG B 177 10.49 -57.77 2.83
C ARG B 177 9.26 -56.88 2.78
N ILE B 178 8.10 -57.50 2.52
CA ILE B 178 6.81 -56.82 2.57
C ILE B 178 5.89 -57.66 3.44
N ILE B 179 5.17 -57.01 4.35
CA ILE B 179 4.28 -57.72 5.26
C ILE B 179 3.08 -58.26 4.49
N GLY B 180 2.80 -59.55 4.65
CA GLY B 180 1.63 -60.14 4.04
C GLY B 180 1.71 -60.32 2.54
N LEU B 181 2.90 -60.38 1.97
CA LEU B 181 3.07 -60.60 0.54
C LEU B 181 3.14 -62.08 0.25
N LYS B 182 2.30 -62.55 -0.67
CA LYS B 182 2.27 -63.95 -1.08
C LYS B 182 2.65 -64.06 -2.54
N PRO B 183 3.90 -64.39 -2.85
CA PRO B 183 4.28 -64.55 -4.25
C PRO B 183 3.59 -65.74 -4.90
N GLU B 184 3.30 -65.60 -6.19
CA GLU B 184 2.63 -66.63 -6.96
C GLU B 184 3.65 -67.40 -7.80
N GLY B 185 3.29 -68.62 -8.16
CA GLY B 185 4.21 -69.46 -8.90
C GLY B 185 5.40 -69.85 -8.06
N VAL B 186 6.56 -69.98 -8.72
CA VAL B 186 7.81 -70.29 -8.03
C VAL B 186 8.81 -69.17 -8.29
N PRO B 187 9.06 -68.30 -7.31
CA PRO B 187 10.02 -67.20 -7.52
C PRO B 187 11.41 -67.74 -7.79
N ARG B 188 12.18 -66.97 -8.56
CA ARG B 188 13.52 -67.39 -8.93
C ARG B 188 14.33 -66.16 -9.32
N ILE B 189 15.57 -66.08 -8.84
CA ILE B 189 16.49 -64.99 -9.15
C ILE B 189 17.55 -65.54 -10.09
N ASP B 190 17.61 -65.01 -11.30
CA ASP B 190 18.59 -65.44 -12.29
C ASP B 190 19.54 -64.28 -12.58
N CYS B 191 20.83 -64.52 -12.37
CA CYS B 191 21.87 -63.53 -12.60
C CYS B 191 22.59 -63.86 -13.90
N VAL B 192 22.63 -62.89 -14.81
CA VAL B 192 23.31 -63.05 -16.10
C VAL B 192 24.38 -61.98 -16.20
N SER B 193 25.62 -62.41 -16.47
CA SER B 193 26.73 -61.48 -16.58
C SER B 193 26.62 -60.72 -17.89
N LYS B 194 26.65 -59.39 -17.82
CA LYS B 194 26.59 -58.53 -18.99
C LYS B 194 27.96 -58.27 -19.59
N ASN B 195 28.99 -58.99 -19.13
CA ASN B 195 30.37 -58.81 -19.58
C ASN B 195 30.75 -59.86 -20.62
N GLU B 196 29.82 -60.19 -21.52
CA GLU B 196 29.99 -61.22 -22.55
C GLU B 196 30.15 -62.61 -21.95
N ASP B 197 29.72 -62.79 -20.70
CA ASP B 197 29.74 -64.09 -20.01
C ASP B 197 31.14 -64.68 -19.95
N ILE B 198 32.16 -63.83 -20.02
CA ILE B 198 33.54 -64.31 -19.84
C ILE B 198 33.73 -64.96 -18.48
N PRO B 199 33.27 -64.39 -17.37
CA PRO B 199 33.23 -65.14 -16.11
C PRO B 199 31.96 -65.96 -16.02
N ASN B 200 31.92 -66.84 -15.02
CA ASN B 200 30.77 -67.67 -14.74
C ASN B 200 30.12 -67.20 -13.44
N VAL B 201 28.87 -66.78 -13.53
CA VAL B 201 28.08 -66.38 -12.36
C VAL B 201 27.29 -67.59 -11.90
N ALA B 202 27.53 -68.02 -10.67
CA ALA B 202 26.93 -69.24 -10.12
C ALA B 202 26.01 -68.86 -8.97
N VAL B 203 24.71 -68.78 -9.25
CA VAL B 203 23.73 -68.68 -8.18
C VAL B 203 23.67 -70.03 -7.47
N TYR B 204 24.00 -70.03 -6.18
CA TYR B 204 24.37 -71.28 -5.52
C TYR B 204 23.22 -72.16 -5.06
N PRO B 205 22.12 -71.62 -4.50
CA PRO B 205 21.00 -72.51 -4.14
C PRO B 205 20.32 -73.08 -5.38
N HIS B 206 21.08 -73.87 -6.16
CA HIS B 206 20.66 -74.38 -7.46
C HIS B 206 20.32 -73.23 -8.40
N ASN B 207 19.04 -73.06 -8.70
CA ASN B 207 18.58 -71.86 -9.41
C ASN B 207 18.45 -70.73 -8.40
N GLY B 208 17.73 -69.67 -8.75
CA GLY B 208 17.42 -68.67 -7.75
C GLY B 208 16.71 -69.29 -6.55
N MET B 209 15.71 -70.13 -6.82
CA MET B 209 15.10 -71.02 -5.84
C MET B 209 14.80 -70.32 -4.52
N ILE B 210 13.86 -69.37 -4.59
CA ILE B 210 13.32 -68.73 -3.40
C ILE B 210 12.10 -69.52 -2.96
N ASP B 211 12.25 -70.30 -1.89
CA ASP B 211 11.20 -71.19 -1.45
C ASP B 211 10.01 -70.41 -0.91
N LEU B 212 8.81 -70.96 -1.13
CA LEU B 212 7.59 -70.29 -0.71
C LEU B 212 7.30 -70.45 0.78
N LYS B 213 8.00 -71.34 1.48
CA LYS B 213 7.73 -71.53 2.90
C LYS B 213 8.19 -70.36 3.76
N TYR B 214 8.92 -69.41 3.19
CA TYR B 214 9.35 -68.23 3.90
C TYR B 214 8.40 -67.06 3.72
N PHE B 215 7.27 -67.27 3.06
CA PHE B 215 6.26 -66.26 2.83
C PHE B 215 4.92 -66.75 3.34
N PRO B 216 4.06 -65.85 3.81
CA PRO B 216 4.24 -64.40 3.92
C PRO B 216 5.09 -63.96 5.10
N TYR B 217 5.44 -62.68 5.11
CA TYR B 217 6.06 -62.04 6.26
C TYR B 217 4.97 -61.36 7.08
N TYR B 218 5.01 -61.56 8.39
CA TYR B 218 3.94 -61.10 9.26
C TYR B 218 4.33 -59.92 10.14
N GLY B 219 5.47 -59.30 9.89
CA GLY B 219 5.86 -58.11 10.62
C GLY B 219 7.00 -58.38 11.58
N LYS B 220 7.65 -57.29 11.99
CA LYS B 220 8.79 -57.40 12.90
C LYS B 220 8.36 -57.81 14.30
N LYS B 221 7.15 -57.41 14.70
CA LYS B 221 6.68 -57.72 16.05
C LYS B 221 6.12 -59.13 16.12
N LEU B 222 5.23 -59.49 15.20
CA LEU B 222 4.61 -60.81 15.22
C LEU B 222 5.61 -61.89 14.86
N HIS B 223 6.35 -61.70 13.77
CA HIS B 223 7.26 -62.73 13.25
C HIS B 223 8.62 -62.54 13.90
N VAL B 224 8.81 -63.17 15.05
CA VAL B 224 10.08 -63.10 15.79
C VAL B 224 11.00 -64.19 15.29
N GLY B 225 12.26 -63.83 15.07
CA GLY B 225 13.24 -64.78 14.56
C GLY B 225 13.11 -65.10 13.09
N TYR B 226 12.46 -64.25 12.31
CA TYR B 226 12.29 -64.51 10.89
C TYR B 226 13.61 -64.30 10.16
N LEU B 227 14.00 -65.30 9.36
CA LEU B 227 15.18 -65.22 8.50
C LEU B 227 14.72 -65.36 7.06
N GLN B 228 14.97 -64.33 6.26
CA GLN B 228 14.50 -64.30 4.89
C GLN B 228 15.40 -65.15 3.99
N PRO B 229 14.89 -65.59 2.85
CA PRO B 229 15.72 -66.34 1.91
C PRO B 229 16.85 -65.49 1.36
N LEU B 230 17.96 -66.16 1.06
CA LEU B 230 19.14 -65.51 0.50
C LEU B 230 19.56 -66.20 -0.78
N VAL B 231 20.16 -65.44 -1.68
CA VAL B 231 20.73 -65.96 -2.92
C VAL B 231 22.14 -65.43 -3.02
N ALA B 232 23.11 -66.34 -3.15
CA ALA B 232 24.51 -65.98 -3.20
C ALA B 232 25.06 -66.24 -4.60
N VAL B 233 25.60 -65.19 -5.22
CA VAL B 233 26.22 -65.28 -6.53
C VAL B 233 27.73 -65.24 -6.34
N GLN B 234 28.45 -65.91 -7.23
CA GLN B 234 29.91 -66.02 -7.12
C GLN B 234 30.52 -65.83 -8.51
N VAL B 235 30.91 -64.60 -8.83
CA VAL B 235 31.60 -64.35 -10.09
C VAL B 235 33.00 -64.92 -10.01
N SER B 236 33.34 -65.79 -10.96
CA SER B 236 34.62 -66.49 -10.98
C SER B 236 35.56 -65.77 -11.93
N PHE B 237 36.52 -65.04 -11.39
CA PHE B 237 37.52 -64.35 -12.20
C PHE B 237 38.62 -65.33 -12.57
N ALA B 238 38.70 -65.65 -13.86
CA ALA B 238 39.69 -66.62 -14.32
C ALA B 238 41.11 -66.05 -14.16
N PRO B 239 42.09 -66.89 -13.85
CA PRO B 239 43.46 -66.39 -13.68
C PRO B 239 44.06 -65.81 -14.95
N ASN B 240 43.59 -66.22 -16.14
CA ASN B 240 44.17 -65.71 -17.37
C ASN B 240 43.91 -64.21 -17.53
N ASN B 241 42.71 -63.75 -17.19
CA ASN B 241 42.35 -62.35 -17.27
C ASN B 241 42.30 -61.78 -15.85
N THR B 242 43.40 -61.19 -15.40
CA THR B 242 43.50 -60.59 -14.08
C THR B 242 43.00 -59.16 -14.16
N GLY B 243 42.00 -58.83 -13.34
CA GLY B 243 41.40 -57.51 -13.37
C GLY B 243 40.03 -57.51 -14.00
N LYS B 244 39.83 -56.65 -14.99
CA LYS B 244 38.58 -56.54 -15.74
C LYS B 244 37.42 -56.11 -14.84
N GLU B 245 36.28 -55.80 -15.45
CA GLU B 245 35.09 -55.39 -14.73
C GLU B 245 33.91 -56.22 -15.22
N VAL B 246 33.15 -56.77 -14.29
CA VAL B 246 32.04 -57.67 -14.60
C VAL B 246 30.75 -57.01 -14.14
N THR B 247 29.82 -56.80 -15.06
CA THR B 247 28.51 -56.25 -14.74
C THR B 247 27.51 -57.39 -14.70
N VAL B 248 26.81 -57.53 -13.56
CA VAL B 248 25.86 -58.61 -13.34
C VAL B 248 24.51 -58.00 -13.02
N GLU B 249 23.45 -58.61 -13.55
CA GLU B 249 22.09 -58.20 -13.26
C GLU B 249 21.27 -59.41 -12.82
N CYS B 250 20.67 -59.31 -11.63
CA CYS B 250 19.84 -60.37 -11.07
C CYS B 250 18.41 -59.86 -10.95
N LYS B 251 17.45 -60.63 -11.47
CA LYS B 251 16.06 -60.23 -11.43
C LYS B 251 15.19 -61.41 -11.05
N ILE B 252 13.98 -61.11 -10.57
CA ILE B 252 13.01 -62.15 -10.23
C ILE B 252 12.30 -62.57 -11.51
N ASP B 253 12.37 -63.86 -11.83
CA ASP B 253 11.92 -64.35 -13.12
C ASP B 253 10.76 -65.34 -13.07
N GLY B 254 10.54 -66.01 -11.95
CA GLY B 254 9.55 -67.07 -11.92
C GLY B 254 8.18 -66.73 -11.40
N SER B 255 8.00 -65.55 -10.81
CA SER B 255 6.75 -65.19 -10.15
C SER B 255 6.05 -64.07 -10.92
N ALA B 256 4.76 -64.26 -11.18
CA ALA B 256 3.97 -63.23 -11.83
C ALA B 256 3.59 -62.12 -10.88
N ASN B 257 3.51 -62.41 -9.58
CA ASN B 257 3.17 -61.39 -8.60
C ASN B 257 4.26 -60.33 -8.49
N LEU B 258 5.52 -60.74 -8.57
CA LEU B 258 6.66 -59.86 -8.33
C LEU B 258 7.06 -59.20 -9.63
N LYS B 259 6.63 -57.95 -9.82
CA LYS B 259 6.96 -57.21 -11.02
C LYS B 259 8.45 -56.89 -11.05
N SER B 260 9.05 -57.02 -12.24
CA SER B 260 10.46 -56.71 -12.42
C SER B 260 10.72 -56.01 -13.74
N GLN B 261 9.74 -55.26 -14.25
CA GLN B 261 9.87 -54.61 -15.55
C GLN B 261 9.58 -53.11 -15.49
N ASP B 262 9.47 -52.55 -14.29
CA ASP B 262 9.20 -51.13 -14.14
C ASP B 262 10.44 -50.32 -14.52
N ASP B 263 10.25 -49.30 -15.36
CA ASP B 263 11.37 -48.50 -15.86
C ASP B 263 11.72 -47.33 -14.96
N ARG B 264 10.72 -46.75 -14.28
CA ARG B 264 11.00 -45.66 -13.35
C ARG B 264 11.85 -46.12 -12.18
N ASP B 265 11.55 -47.31 -11.65
CA ASP B 265 12.31 -47.89 -10.54
C ASP B 265 13.24 -48.97 -11.11
N LYS B 266 14.54 -48.71 -11.08
CA LYS B 266 15.53 -49.62 -11.63
C LYS B 266 15.93 -50.71 -10.64
N PHE B 267 15.41 -50.68 -9.41
CA PHE B 267 15.68 -51.70 -8.41
C PHE B 267 14.46 -52.54 -8.07
N LEU B 268 13.30 -52.25 -8.68
CA LEU B 268 12.08 -52.98 -8.38
C LEU B 268 12.11 -54.31 -9.11
N GLY B 269 12.26 -55.40 -8.36
CA GLY B 269 12.30 -56.72 -8.93
C GLY B 269 13.62 -57.08 -9.59
N ARG B 270 14.62 -56.22 -9.53
CA ARG B 270 15.90 -56.48 -10.19
C ARG B 270 16.96 -55.62 -9.52
N VAL B 271 18.22 -55.99 -9.77
CA VAL B 271 19.37 -55.26 -9.24
C VAL B 271 20.54 -55.49 -10.19
N MET B 272 21.39 -54.48 -10.29
CA MET B 272 22.57 -54.54 -11.14
C MET B 272 23.78 -54.07 -10.34
N PHE B 273 24.92 -54.71 -10.55
CA PHE B 273 26.13 -54.37 -9.82
C PHE B 273 27.35 -54.68 -10.67
N LYS B 274 28.50 -54.15 -10.24
CA LYS B 274 29.76 -54.32 -10.93
C LYS B 274 30.81 -54.82 -9.97
N ILE B 275 31.61 -55.79 -10.41
CA ILE B 275 32.73 -56.33 -9.63
C ILE B 275 34.01 -56.06 -10.39
N THR B 276 34.99 -55.46 -9.71
CA THR B 276 36.29 -55.16 -10.30
C THR B 276 37.36 -55.83 -9.46
N ALA B 277 38.15 -56.68 -10.08
CA ALA B 277 39.24 -57.37 -9.40
C ALA B 277 40.58 -56.73 -9.76
N ARG B 278 41.60 -57.09 -8.99
CA ARG B 278 42.94 -56.58 -9.20
C ARG B 278 43.95 -57.66 -8.87
N ALA B 279 45.16 -57.50 -9.41
CA ALA B 279 46.26 -58.44 -9.21
C ALA B 279 45.90 -59.85 -9.65
N GLU C 131 -13.64 -59.78 0.86
CA GLU C 131 -12.24 -59.89 1.30
C GLU C 131 -11.39 -58.80 0.66
N ASP C 132 -10.93 -57.86 1.49
CA ASP C 132 -10.12 -56.76 0.99
C ASP C 132 -8.73 -57.25 0.60
N ASP C 133 -8.10 -56.51 -0.31
CA ASP C 133 -6.74 -56.82 -0.76
C ASP C 133 -5.86 -55.60 -0.53
N PRO C 134 -4.78 -55.71 0.24
CA PRO C 134 -3.83 -54.60 0.35
C PRO C 134 -3.01 -54.45 -0.92
N PHE C 135 -2.00 -53.59 -0.89
CA PHE C 135 -1.15 -53.29 -2.05
C PHE C 135 -1.93 -52.71 -3.21
N PHE C 136 -3.18 -52.30 -2.99
CA PHE C 136 -4.01 -51.76 -4.05
C PHE C 136 -4.94 -50.72 -3.45
N TYR C 137 -5.04 -49.56 -4.11
CA TYR C 137 -5.91 -48.48 -3.69
C TYR C 137 -6.70 -47.98 -4.88
N ASP C 138 -7.98 -47.67 -4.66
CA ASP C 138 -8.81 -47.13 -5.72
C ASP C 138 -8.41 -45.70 -6.03
N GLU C 139 -7.25 -45.53 -6.67
CA GLU C 139 -6.73 -44.20 -6.95
C GLU C 139 -7.44 -43.53 -8.12
N HIS C 140 -8.07 -44.31 -9.00
CA HIS C 140 -8.81 -43.73 -10.11
C HIS C 140 -10.04 -42.98 -9.61
N THR C 141 -10.84 -43.63 -8.77
CA THR C 141 -12.02 -42.97 -8.21
C THR C 141 -11.63 -41.80 -7.32
N LEU C 142 -10.55 -41.95 -6.54
CA LEU C 142 -10.09 -40.88 -5.68
C LEU C 142 -9.76 -39.62 -6.48
N ARG C 143 -8.99 -39.78 -7.55
CA ARG C 143 -8.61 -38.61 -8.34
C ARG C 143 -9.78 -38.08 -9.16
N LYS C 144 -10.69 -38.96 -9.58
CA LYS C 144 -11.89 -38.50 -10.28
C LYS C 144 -12.73 -37.60 -9.38
N ARG C 145 -12.95 -38.02 -8.13
CA ARG C 145 -13.71 -37.20 -7.21
C ARG C 145 -12.94 -35.94 -6.80
N GLY C 146 -11.62 -36.03 -6.69
CA GLY C 146 -10.84 -34.83 -6.41
C GLY C 146 -10.96 -33.80 -7.51
N LEU C 147 -10.92 -34.24 -8.76
CA LEU C 147 -11.11 -33.32 -9.88
C LEU C 147 -12.52 -32.76 -9.90
N LEU C 148 -13.53 -33.58 -9.56
CA LEU C 148 -14.89 -33.07 -9.48
C LEU C 148 -15.00 -31.97 -8.42
N VAL C 149 -14.38 -32.19 -7.26
CA VAL C 149 -14.42 -31.19 -6.19
C VAL C 149 -13.68 -29.93 -6.63
N ALA C 150 -12.56 -30.08 -7.34
CA ALA C 150 -11.83 -28.92 -7.84
C ALA C 150 -12.68 -28.13 -8.83
N ALA C 151 -13.41 -28.83 -9.70
CA ALA C 151 -14.31 -28.14 -10.63
C ALA C 151 -15.41 -27.40 -9.90
N VAL C 152 -15.98 -28.02 -8.86
CA VAL C 152 -17.04 -27.37 -8.10
C VAL C 152 -16.50 -26.12 -7.41
N LEU C 153 -15.31 -26.22 -6.82
CA LEU C 153 -14.72 -25.05 -6.17
C LEU C 153 -14.44 -23.94 -7.17
N PHE C 154 -13.90 -24.30 -8.34
CA PHE C 154 -13.62 -23.29 -9.37
C PHE C 154 -14.90 -22.61 -9.84
N ILE C 155 -15.96 -23.38 -10.08
CA ILE C 155 -17.23 -22.82 -10.51
C ILE C 155 -17.81 -21.90 -9.45
N THR C 156 -17.78 -22.33 -8.18
CA THR C 156 -18.33 -21.51 -7.12
C THR C 156 -17.53 -20.23 -6.94
N GLY C 157 -16.21 -20.30 -7.02
CA GLY C 157 -15.40 -19.10 -6.91
C GLY C 157 -15.65 -18.13 -8.05
N ILE C 158 -15.87 -18.66 -9.26
CA ILE C 158 -16.21 -17.79 -10.38
C ILE C 158 -17.58 -17.14 -10.18
N ILE C 159 -18.56 -17.93 -9.72
CA ILE C 159 -19.91 -17.41 -9.55
C ILE C 159 -19.95 -16.33 -8.48
N ILE C 160 -19.26 -16.55 -7.35
CA ILE C 160 -19.26 -15.56 -6.28
C ILE C 160 -18.63 -14.25 -6.74
N LEU C 161 -17.52 -14.34 -7.47
CA LEU C 161 -16.84 -13.14 -7.95
C LEU C 161 -17.77 -12.31 -8.84
N THR C 162 -18.37 -12.94 -9.84
CA THR C 162 -19.29 -12.25 -10.75
C THR C 162 -20.73 -12.50 -10.30
N SER C 163 -21.06 -11.92 -9.14
CA SER C 163 -22.39 -12.07 -8.56
C SER C 163 -23.27 -10.92 -9.03
N GLY C 164 -24.45 -11.25 -9.54
CA GLY C 164 -25.39 -10.25 -10.02
C GLY C 164 -26.49 -9.94 -9.02
#